data_6BBA
#
_entry.id   6BBA
#
_cell.length_a   172.399
_cell.length_b   172.399
_cell.length_c   135.963
_cell.angle_alpha   90.00
_cell.angle_beta   90.00
_cell.angle_gamma   120.00
#
_symmetry.space_group_name_H-M   'P 32 2 1'
#
loop_
_entity.id
_entity.type
_entity.pdbx_description
1 polymer 'ATP-dependent Clp protease proteolytic subunit, mitochondrial'
2 polymer 'Acyldepsipeptide ADEP-28'
3 water water
#
loop_
_entity_poly.entity_id
_entity_poly.type
_entity_poly.pdbx_seq_one_letter_code
_entity_poly.pdbx_strand_id
1 'polypeptide(L)'
;SLIPIVVEQTGRGERAYDIYSRLLRERIVCVMGPIDDSVASLVIAQLLFLQSESNKKPIHMYINSPGGVVTAGLAIYDTM
QYILNPICTWCVGQAASMGSLLLAAGTPGMRHSLPNSRIMIHQPSGGARGQATDIAIQAEEIMKLKKQLYNIYAKHTKQS
LQVIESAMERDRYMSPMEAQEFGILDKVLVHPPQDGEDEPTLVQKEPVEAAPAAEPVPAST
;
A,B,C,D,E,F,G
2 'polypeptide(L)' (SHV)(WFP)(ALO)P(3A0)AP H,I,J,K,L,M,N
#
loop_
_chem_comp.id
_chem_comp.type
_chem_comp.name
_chem_comp.formula
3A0 non-polymer '(2S,4S)-4-methylpiperidine-2-carboxylic acid' 'C7 H13 N O2'
SHV non-polymer 'HEPTANOIC ACID' 'C7 H14 O2'
#
# COMPACT_ATOMS: atom_id res chain seq x y z
N SER A 1 10.70 -2.71 0.14
CA SER A 1 11.87 -2.94 0.96
C SER A 1 11.56 -2.37 2.30
N LEU A 2 11.52 -3.21 3.32
CA LEU A 2 11.18 -2.72 4.63
C LEU A 2 12.38 -2.14 5.23
N ILE A 3 12.20 -1.06 5.95
CA ILE A 3 13.35 -0.41 6.60
C ILE A 3 13.53 -1.08 7.96
N PRO A 4 14.76 -1.38 8.37
CA PRO A 4 14.98 -2.00 9.68
C PRO A 4 14.65 -1.07 10.82
N ILE A 5 14.27 -1.66 11.96
CA ILE A 5 14.00 -0.92 13.19
C ILE A 5 15.16 -1.14 14.16
N VAL A 6 15.61 -0.06 14.78
CA VAL A 6 16.67 -0.11 15.77
C VAL A 6 16.13 0.50 17.05
N VAL A 7 16.58 -0.04 18.18
CA VAL A 7 16.15 0.40 19.52
C VAL A 7 17.35 0.94 20.28
N GLU A 8 17.14 2.01 21.05
CA GLU A 8 18.22 2.70 21.74
C GLU A 8 17.96 2.75 23.24
N GLN A 9 18.85 2.11 24.01
CA GLN A 9 18.94 2.13 25.47
C GLN A 9 18.94 3.55 26.05
N THR A 10 19.08 4.54 25.18
CA THR A 10 19.10 5.93 25.62
C THR A 10 18.26 6.83 24.72
N GLY A 11 17.19 7.41 25.26
CA GLY A 11 16.78 7.21 26.64
C GLY A 11 17.76 7.79 27.65
N ARG A 12 17.33 7.95 28.90
CA ARG A 12 15.97 7.61 29.35
C ARG A 12 15.64 6.16 29.04
N GLY A 13 14.37 5.79 29.25
CA GLY A 13 13.94 4.43 28.96
C GLY A 13 14.55 3.89 27.68
N GLU A 14 13.72 3.69 26.65
CA GLU A 14 14.23 3.24 25.36
C GLU A 14 13.20 3.52 24.27
N ARG A 15 13.68 3.99 23.12
CA ARG A 15 12.86 4.33 21.95
C ARG A 15 13.33 3.55 20.72
N ALA A 16 12.42 3.32 19.78
CA ALA A 16 12.72 2.60 18.55
C ALA A 16 12.51 3.50 17.34
N TYR A 17 13.45 3.43 16.38
CA TYR A 17 13.42 4.21 15.15
C TYR A 17 13.63 3.31 13.95
N ASP A 18 13.00 3.68 12.83
CA ASP A 18 13.52 3.24 11.55
C ASP A 18 14.91 3.81 11.37
N ILE A 19 15.81 3.04 10.76
CA ILE A 19 17.22 3.37 10.77
C ILE A 19 17.50 4.76 10.20
N TYR A 20 16.61 5.29 9.36
CA TYR A 20 16.87 6.61 8.81
C TYR A 20 16.53 7.71 9.79
N SER A 21 15.39 7.58 10.47
CA SER A 21 15.09 8.48 11.57
C SER A 21 16.20 8.43 12.61
N ARG A 22 16.81 7.26 12.81
CA ARG A 22 17.90 7.13 13.76
C ARG A 22 19.14 7.88 13.27
N LEU A 23 19.40 7.88 11.96
CA LEU A 23 20.52 8.66 11.43
C LEU A 23 20.24 10.14 11.57
N LEU A 24 19.02 10.58 11.22
CA LEU A 24 18.66 11.99 11.31
C LEU A 24 18.78 12.52 12.73
N ARG A 25 18.45 11.67 13.69
CA ARG A 25 18.51 12.03 15.11
C ARG A 25 19.80 12.78 15.39
N GLU A 26 20.83 12.09 14.96
CA GLU A 26 22.22 12.40 14.97
C GLU A 26 22.69 13.39 13.92
N ARG A 27 21.76 14.07 13.26
CA ARG A 27 22.11 15.08 12.31
C ARG A 27 22.68 14.66 10.99
N ILE A 28 22.23 13.56 10.45
CA ILE A 28 22.67 13.11 9.16
C ILE A 28 21.51 13.18 8.21
N VAL A 29 21.70 13.86 7.10
CA VAL A 29 20.69 14.02 6.07
C VAL A 29 21.14 13.22 4.85
N CYS A 30 20.37 12.19 4.50
CA CYS A 30 20.72 11.31 3.41
C CYS A 30 20.13 11.86 2.12
N VAL A 31 20.96 11.98 1.08
CA VAL A 31 20.52 12.44 -0.24
C VAL A 31 20.88 11.35 -1.24
N MET A 32 19.92 10.47 -1.56
CA MET A 32 20.18 9.29 -2.39
C MET A 32 19.34 9.32 -3.68
N GLY A 33 19.98 8.96 -4.78
CA GLY A 33 19.26 8.80 -6.02
C GLY A 33 18.85 10.13 -6.62
N PRO A 34 17.94 10.10 -7.59
CA PRO A 34 17.64 11.33 -8.34
C PRO A 34 16.96 12.38 -7.48
N ILE A 35 17.36 13.63 -7.70
CA ILE A 35 16.84 14.77 -6.96
C ILE A 35 15.66 15.36 -7.73
N ASP A 36 14.47 15.31 -7.13
CA ASP A 36 13.29 15.94 -7.68
C ASP A 36 12.65 16.82 -6.60
N ASP A 37 11.49 17.44 -6.88
CA ASP A 37 10.89 18.35 -5.89
C ASP A 37 10.63 17.65 -4.57
N SER A 38 10.27 16.37 -4.61
CA SER A 38 9.96 15.65 -3.38
C SER A 38 11.19 15.47 -2.53
N VAL A 39 12.30 15.04 -3.13
CA VAL A 39 13.54 14.93 -2.38
C VAL A 39 13.93 16.28 -1.80
N ALA A 40 13.73 17.35 -2.58
CA ALA A 40 14.09 18.68 -2.13
C ALA A 40 13.24 19.12 -0.93
N SER A 41 11.91 18.88 -0.97
CA SER A 41 11.09 19.11 0.22
C SER A 41 11.68 18.38 1.43
N LEU A 42 11.94 17.09 1.29
CA LEU A 42 12.44 16.30 2.41
C LEU A 42 13.77 16.84 2.91
N VAL A 43 14.75 17.03 2.00
CA VAL A 43 16.04 17.50 2.46
C VAL A 43 15.91 18.85 3.13
N ILE A 44 15.13 19.75 2.53
CA ILE A 44 14.98 21.08 3.09
C ILE A 44 14.31 21.00 4.46
N ALA A 45 13.28 20.17 4.61
CA ALA A 45 12.65 19.99 5.92
C ALA A 45 13.66 19.46 6.93
N GLN A 46 14.41 18.43 6.57
CA GLN A 46 15.40 17.91 7.49
C GLN A 46 16.44 18.97 7.83
N LEU A 47 16.83 19.79 6.84
CA LEU A 47 17.83 20.82 7.10
C LEU A 47 17.29 21.86 8.08
N LEU A 48 16.09 22.38 7.81
CA LEU A 48 15.49 23.39 8.66
C LEU A 48 15.22 22.86 10.07
N PHE A 49 14.85 21.59 10.18
CA PHE A 49 14.64 21.01 11.51
C PHE A 49 15.95 20.94 12.29
N LEU A 50 17.01 20.42 11.65
CA LEU A 50 18.29 20.30 12.34
C LEU A 50 18.83 21.65 12.79
N GLN A 51 18.64 22.71 11.99
CA GLN A 51 19.12 24.04 12.36
C GLN A 51 18.36 24.57 13.56
N SER A 52 17.05 24.32 13.61
CA SER A 52 16.22 24.76 14.73
C SER A 52 16.56 24.03 16.03
N GLU A 53 17.12 22.82 15.95
CA GLU A 53 17.60 22.19 17.16
C GLU A 53 18.90 22.83 17.63
N SER A 54 19.75 23.23 16.70
CA SER A 54 20.99 23.93 17.03
C SER A 54 21.58 24.57 15.78
N ASN A 55 21.66 25.90 15.76
CA ASN A 55 22.29 26.62 14.65
C ASN A 55 23.82 26.53 14.69
N LYS A 56 24.40 25.91 15.71
CA LYS A 56 25.86 25.80 15.79
C LYS A 56 26.39 24.40 15.51
N LYS A 57 25.63 23.35 15.86
CA LYS A 57 26.08 21.98 15.65
C LYS A 57 26.16 21.67 14.16
N PRO A 58 27.22 20.99 13.70
CA PRO A 58 27.36 20.69 12.27
C PRO A 58 26.34 19.69 11.75
N ILE A 59 25.97 19.87 10.48
CA ILE A 59 25.03 19.01 9.78
C ILE A 59 25.80 18.22 8.72
N HIS A 60 25.67 16.90 8.74
CA HIS A 60 26.33 16.04 7.76
C HIS A 60 25.35 15.64 6.67
N MET A 61 25.75 15.84 5.42
CA MET A 61 24.91 15.58 4.26
C MET A 61 25.57 14.49 3.42
N TYR A 62 24.96 13.29 3.36
CA TYR A 62 25.55 12.14 2.66
C TYR A 62 24.92 12.01 1.27
N ILE A 63 25.76 12.13 0.24
CA ILE A 63 25.28 12.23 -1.14
C ILE A 63 25.67 10.97 -1.90
N ASN A 64 24.70 10.43 -2.65
CA ASN A 64 24.92 9.38 -3.65
C ASN A 64 23.82 9.56 -4.69
N SER A 65 24.03 10.51 -5.60
CA SER A 65 23.00 10.88 -6.54
C SER A 65 23.54 11.03 -7.96
N PRO A 66 22.76 10.61 -8.96
CA PRO A 66 23.12 10.85 -10.37
C PRO A 66 22.70 12.21 -10.92
N GLY A 67 22.00 13.04 -10.15
CA GLY A 67 21.62 14.35 -10.62
C GLY A 67 20.14 14.56 -10.39
N GLY A 68 19.54 15.46 -11.16
CA GLY A 68 18.11 15.54 -11.03
C GLY A 68 17.60 16.87 -11.52
N VAL A 69 16.44 17.26 -10.99
CA VAL A 69 15.78 18.48 -11.43
C VAL A 69 16.63 19.66 -11.02
N VAL A 70 16.92 20.53 -11.99
CA VAL A 70 17.82 21.65 -11.70
C VAL A 70 17.22 22.57 -10.66
N THR A 71 15.93 22.92 -10.78
CA THR A 71 15.33 23.85 -9.83
C THR A 71 15.25 23.27 -8.43
N ALA A 72 15.06 21.95 -8.30
CA ALA A 72 14.99 21.37 -6.98
C ALA A 72 16.38 21.33 -6.34
N GLY A 73 17.40 21.07 -7.16
CA GLY A 73 18.75 21.05 -6.63
C GLY A 73 19.21 22.43 -6.17
N LEU A 74 18.85 23.47 -6.94
CA LEU A 74 19.14 24.83 -6.49
C LEU A 74 18.43 25.12 -5.18
N ALA A 75 17.17 24.73 -5.07
CA ALA A 75 16.40 24.92 -3.84
C ALA A 75 17.12 24.36 -2.63
N ILE A 76 17.70 23.16 -2.76
CA ILE A 76 18.49 22.60 -1.66
C ILE A 76 19.75 23.43 -1.45
N TYR A 77 20.42 23.79 -2.56
CA TYR A 77 21.66 24.54 -2.46
C TYR A 77 21.44 25.86 -1.73
N ASP A 78 20.36 26.56 -2.07
CA ASP A 78 20.05 27.83 -1.43
C ASP A 78 19.82 27.64 0.07
N THR A 79 19.11 26.58 0.46
CA THR A 79 18.85 26.34 1.87
C THR A 79 20.15 26.07 2.62
N MET A 80 21.07 25.33 2.01
CA MET A 80 22.37 25.11 2.63
C MET A 80 23.08 26.44 2.91
N GLN A 81 22.97 27.39 1.98
CA GLN A 81 23.60 28.68 2.20
C GLN A 81 22.90 29.45 3.31
N TYR A 82 21.56 29.44 3.30
CA TYR A 82 20.78 30.25 4.23
C TYR A 82 20.93 29.79 5.67
N ILE A 83 21.00 28.48 5.90
CA ILE A 83 21.17 28.04 7.26
C ILE A 83 22.57 28.39 7.75
N LEU A 84 22.70 28.51 9.08
CA LEU A 84 23.97 28.95 9.66
C LEU A 84 24.95 27.83 9.91
N ASN A 85 24.52 26.58 9.89
CA ASN A 85 25.35 25.50 10.39
C ASN A 85 26.52 25.21 9.46
N PRO A 86 27.62 24.70 10.01
CA PRO A 86 28.59 23.99 9.18
C PRO A 86 27.91 22.83 8.49
N ILE A 87 28.36 22.51 7.27
CA ILE A 87 27.82 21.41 6.49
C ILE A 87 28.97 20.57 5.99
N CYS A 88 29.16 19.39 6.59
CA CYS A 88 30.00 18.38 5.97
C CYS A 88 29.20 17.68 4.88
N THR A 89 29.77 17.60 3.69
CA THR A 89 29.24 16.78 2.62
C THR A 89 30.16 15.59 2.41
N TRP A 90 29.54 14.46 2.06
CA TRP A 90 30.23 13.17 2.05
C TRP A 90 29.71 12.40 0.85
N CYS A 91 30.53 12.27 -0.17
CA CYS A 91 30.08 11.62 -1.38
C CYS A 91 30.36 10.14 -1.26
N VAL A 92 29.28 9.35 -1.27
CA VAL A 92 29.36 7.90 -1.27
C VAL A 92 28.85 7.41 -2.63
N GLY A 93 29.62 6.54 -3.27
CA GLY A 93 29.22 6.02 -4.57
C GLY A 93 29.41 6.94 -5.77
N GLN A 94 28.63 8.02 -5.85
CA GLN A 94 28.71 8.92 -6.98
C GLN A 94 27.98 10.22 -6.68
N ALA A 95 28.48 11.32 -7.26
CA ALA A 95 27.83 12.62 -7.22
C ALA A 95 27.96 13.23 -8.60
N ALA A 96 26.85 13.27 -9.33
CA ALA A 96 26.83 13.77 -10.70
C ALA A 96 25.78 14.87 -10.82
N SER A 97 26.04 15.83 -11.69
CA SER A 97 25.10 16.90 -12.04
C SER A 97 24.74 17.61 -10.73
N MET A 98 23.46 17.89 -10.43
CA MET A 98 23.11 18.58 -9.20
C MET A 98 23.66 17.87 -7.95
N GLY A 99 23.88 16.56 -8.03
CA GLY A 99 24.45 15.87 -6.89
C GLY A 99 25.85 16.35 -6.55
N SER A 100 26.68 16.60 -7.57
CA SER A 100 28.00 17.12 -7.28
C SER A 100 27.98 18.61 -6.95
N LEU A 101 26.98 19.35 -7.45
CA LEU A 101 26.88 20.75 -7.05
C LEU A 101 26.54 20.87 -5.57
N LEU A 102 25.80 19.90 -5.01
CA LEU A 102 25.52 19.90 -3.58
C LEU A 102 26.76 19.53 -2.78
N LEU A 103 27.53 18.55 -3.27
CA LEU A 103 28.78 18.15 -2.62
C LEU A 103 29.72 19.34 -2.49
N ALA A 104 29.84 20.14 -3.56
CA ALA A 104 30.77 21.26 -3.58
C ALA A 104 30.30 22.41 -2.69
N ALA A 105 29.00 22.49 -2.41
CA ALA A 105 28.43 23.54 -1.58
C ALA A 105 28.57 23.26 -0.09
N GLY A 106 29.28 22.21 0.30
CA GLY A 106 29.59 22.03 1.71
C GLY A 106 30.56 23.09 2.21
N THR A 107 30.52 23.33 3.52
CA THR A 107 31.37 24.36 4.11
C THR A 107 32.83 24.01 3.87
N PRO A 108 33.67 24.96 3.48
CA PRO A 108 35.03 24.63 3.03
C PRO A 108 35.81 23.79 4.05
N GLY A 109 36.62 22.86 3.54
CA GLY A 109 37.36 21.94 4.39
C GLY A 109 36.56 20.79 4.91
N MET A 110 35.22 20.87 4.84
CA MET A 110 34.34 19.81 5.29
C MET A 110 33.63 19.11 4.13
N ARG A 111 34.30 18.96 2.98
CA ARG A 111 33.74 18.28 1.81
C ARG A 111 34.58 17.04 1.51
N HIS A 112 34.00 15.85 1.69
CA HIS A 112 34.77 14.62 1.64
C HIS A 112 34.21 13.66 0.59
N SER A 113 34.96 12.60 0.28
CA SER A 113 34.48 11.53 -0.57
C SER A 113 35.19 10.24 -0.22
N LEU A 114 34.50 9.13 -0.37
CA LEU A 114 35.18 7.86 -0.19
C LEU A 114 36.05 7.58 -1.42
N PRO A 115 36.99 6.63 -1.31
CA PRO A 115 37.96 6.43 -2.42
C PRO A 115 37.38 6.20 -3.81
N ASN A 116 36.48 5.22 -4.00
CA ASN A 116 36.05 4.81 -5.34
C ASN A 116 34.87 5.59 -5.92
N SER A 117 34.43 6.68 -5.28
CA SER A 117 33.35 7.49 -5.82
C SER A 117 33.69 8.05 -7.21
N ARG A 118 32.64 8.47 -7.92
CA ARG A 118 32.72 9.12 -9.22
C ARG A 118 32.05 10.48 -9.12
N ILE A 119 32.72 11.54 -9.55
CA ILE A 119 32.16 12.88 -9.52
C ILE A 119 32.03 13.40 -10.96
N MET A 120 30.83 13.87 -11.32
CA MET A 120 30.58 14.41 -12.66
C MET A 120 29.96 15.78 -12.55
N ILE A 121 30.62 16.79 -13.11
CA ILE A 121 30.06 18.13 -13.13
C ILE A 121 29.40 18.45 -14.47
N HIS A 122 29.70 17.68 -15.51
CA HIS A 122 28.98 17.77 -16.78
C HIS A 122 27.47 17.62 -16.57
N GLN A 123 26.69 18.39 -17.32
CA GLN A 123 25.23 18.27 -17.23
C GLN A 123 24.70 17.26 -18.24
N PRO A 124 23.68 16.48 -17.92
CA PRO A 124 23.14 15.56 -18.92
C PRO A 124 22.28 16.30 -19.91
N SER A 125 22.16 15.73 -21.10
CA SER A 125 21.36 16.35 -22.16
C SER A 125 19.88 15.99 -22.07
N ALA A 132 15.81 16.78 -15.44
CA ALA A 132 15.37 17.77 -16.41
C ALA A 132 14.83 19.02 -15.73
N THR A 133 13.75 19.56 -16.25
CA THR A 133 13.11 20.70 -15.67
C THR A 133 11.78 20.13 -15.33
N ASP A 134 10.94 20.93 -14.73
CA ASP A 134 9.60 20.47 -14.34
C ASP A 134 8.60 20.61 -15.48
N ILE A 135 8.52 21.79 -16.10
CA ILE A 135 7.77 21.99 -17.32
C ILE A 135 8.79 22.20 -18.45
N ALA A 136 8.50 21.65 -19.64
CA ALA A 136 9.34 21.92 -20.81
C ALA A 136 9.47 23.43 -21.02
N ILE A 137 10.61 23.85 -21.57
CA ILE A 137 11.14 25.18 -21.31
C ILE A 137 11.80 25.77 -22.54
N GLN A 138 11.83 27.11 -22.58
CA GLN A 138 12.34 27.85 -23.72
C GLN A 138 13.87 27.88 -23.73
N ALA A 139 14.43 28.13 -24.91
CA ALA A 139 15.88 28.07 -25.09
C ALA A 139 16.61 29.07 -24.21
N GLU A 140 16.07 30.30 -24.11
CA GLU A 140 16.74 31.32 -23.32
C GLU A 140 16.74 30.95 -21.84
N GLU A 141 15.72 30.22 -21.38
CA GLU A 141 15.62 29.88 -19.97
C GLU A 141 16.59 28.77 -19.57
N ILE A 142 16.79 27.76 -20.44
CA ILE A 142 17.82 26.74 -20.18
C ILE A 142 19.18 27.40 -19.97
N MET A 143 19.50 28.40 -20.77
CA MET A 143 20.81 29.03 -20.65
C MET A 143 20.94 29.80 -19.34
N LYS A 144 19.88 30.53 -18.95
CA LYS A 144 19.91 31.20 -17.66
C LYS A 144 20.19 30.19 -16.56
N LEU A 145 19.48 29.06 -16.58
CA LEU A 145 19.68 28.03 -15.57
C LEU A 145 21.10 27.48 -15.62
N LYS A 146 21.64 27.29 -16.83
CA LYS A 146 23.01 26.82 -16.94
C LYS A 146 23.99 27.85 -16.40
N LYS A 147 23.76 29.14 -16.67
CA LYS A 147 24.72 30.15 -16.24
C LYS A 147 24.82 30.21 -14.73
N GLN A 148 23.69 30.08 -13.99
CA GLN A 148 23.78 30.08 -12.54
C GLN A 148 24.41 28.81 -12.02
N LEU A 149 24.32 27.71 -12.77
CA LEU A 149 25.13 26.55 -12.47
C LEU A 149 26.61 26.88 -12.59
N TYR A 150 26.99 27.74 -13.54
CA TYR A 150 28.39 28.13 -13.68
C TYR A 150 28.84 28.99 -12.51
N ASN A 151 28.05 30.01 -12.17
CA ASN A 151 28.37 30.84 -11.01
C ASN A 151 28.58 29.99 -9.77
N ILE A 152 27.53 29.29 -9.32
CA ILE A 152 27.62 28.48 -8.10
C ILE A 152 28.86 27.60 -8.14
N TYR A 153 29.10 26.94 -9.26
CA TYR A 153 30.26 26.06 -9.35
C TYR A 153 31.56 26.85 -9.25
N ALA A 154 31.59 28.07 -9.83
CA ALA A 154 32.81 28.88 -9.79
C ALA A 154 33.07 29.39 -8.39
N LYS A 155 32.00 29.75 -7.66
CA LYS A 155 32.13 30.25 -6.30
C LYS A 155 32.81 29.25 -5.38
N HIS A 156 32.40 27.98 -5.41
CA HIS A 156 32.86 27.05 -4.38
C HIS A 156 34.14 26.32 -4.76
N THR A 157 34.50 26.34 -6.05
CA THR A 157 35.75 25.76 -6.53
C THR A 157 36.89 26.75 -6.55
N LYS A 158 36.60 28.05 -6.53
CA LYS A 158 37.59 29.12 -6.70
C LYS A 158 38.21 29.07 -8.10
N GLN A 159 37.38 28.71 -9.09
CA GLN A 159 37.77 28.63 -10.49
C GLN A 159 37.00 29.67 -11.29
N SER A 160 37.54 29.99 -12.47
CA SER A 160 36.97 31.02 -13.33
C SER A 160 35.83 30.46 -14.16
N LEU A 161 34.86 31.34 -14.49
CA LEU A 161 33.76 30.94 -15.37
C LEU A 161 34.26 30.22 -16.62
N GLN A 162 35.41 30.63 -17.15
CA GLN A 162 35.91 29.97 -18.35
C GLN A 162 36.36 28.54 -18.06
N VAL A 163 36.98 28.30 -16.90
CA VAL A 163 37.45 26.95 -16.57
C VAL A 163 36.28 26.04 -16.22
N ILE A 164 35.22 26.61 -15.63
CA ILE A 164 34.00 25.85 -15.36
C ILE A 164 33.24 25.56 -16.65
N GLU A 165 33.35 26.42 -17.67
CA GLU A 165 32.53 26.27 -18.85
C GLU A 165 33.09 25.21 -19.80
N SER A 166 34.40 25.19 -19.99
CA SER A 166 35.06 23.95 -20.34
C SER A 166 34.93 23.01 -19.14
N ALA A 167 35.48 21.81 -19.25
CA ALA A 167 35.30 20.83 -18.18
C ALA A 167 33.84 20.40 -18.09
N MET A 168 32.92 21.34 -17.88
CA MET A 168 31.49 21.00 -17.94
C MET A 168 31.05 20.61 -19.33
N GLU A 169 31.87 20.86 -20.35
CA GLU A 169 31.58 20.37 -21.69
C GLU A 169 32.07 18.95 -21.89
N ARG A 170 33.04 18.51 -21.11
CA ARG A 170 33.54 17.15 -21.20
C ARG A 170 32.58 16.21 -20.48
N ASP A 171 32.10 15.19 -21.21
CA ASP A 171 31.26 14.10 -20.70
C ASP A 171 32.20 13.05 -20.08
N ARG A 172 32.51 13.21 -18.78
CA ARG A 172 33.72 12.55 -18.30
C ARG A 172 33.63 11.75 -17.00
N TYR A 173 33.27 12.39 -15.87
CA TYR A 173 33.47 11.83 -14.52
C TYR A 173 34.92 11.94 -14.04
N MET A 174 35.13 12.44 -12.82
CA MET A 174 36.45 12.56 -12.24
C MET A 174 36.59 11.61 -11.05
N SER A 175 37.80 11.09 -10.86
CA SER A 175 38.11 10.42 -9.62
C SER A 175 38.00 11.42 -8.48
N PRO A 176 37.91 10.94 -7.22
CA PRO A 176 37.82 11.91 -6.11
C PRO A 176 39.06 12.77 -5.99
N MET A 177 40.24 12.22 -6.26
CA MET A 177 41.46 13.04 -6.27
C MET A 177 41.34 14.22 -7.22
N GLU A 178 40.87 13.98 -8.46
CA GLU A 178 40.75 15.09 -9.41
C GLU A 178 39.73 16.10 -8.95
N ALA A 179 38.61 15.61 -8.42
CA ALA A 179 37.61 16.52 -7.85
C ALA A 179 38.22 17.41 -6.78
N GLN A 180 39.18 16.89 -6.01
CA GLN A 180 39.84 17.72 -5.01
C GLN A 180 40.70 18.79 -5.65
N GLU A 181 41.66 18.38 -6.48
CA GLU A 181 42.50 19.33 -7.20
C GLU A 181 41.66 20.39 -7.89
N PHE A 182 40.53 19.98 -8.47
CA PHE A 182 39.63 20.95 -9.11
C PHE A 182 38.90 21.84 -8.12
N GLY A 183 38.82 21.44 -6.86
CA GLY A 183 38.17 22.26 -5.85
C GLY A 183 36.71 21.95 -5.58
N ILE A 184 36.27 20.73 -5.83
CA ILE A 184 34.90 20.33 -5.52
C ILE A 184 34.80 19.75 -4.11
N LEU A 185 35.79 18.99 -3.71
CA LEU A 185 35.85 18.41 -2.37
C LEU A 185 37.25 18.65 -1.84
N ASP A 186 37.45 18.36 -0.55
CA ASP A 186 38.62 18.81 0.21
C ASP A 186 39.53 17.68 0.66
N LYS A 187 39.01 16.66 1.32
CA LYS A 187 39.82 15.48 1.60
C LYS A 187 39.06 14.26 1.13
N VAL A 188 39.76 13.35 0.46
CA VAL A 188 39.29 12.00 0.23
C VAL A 188 39.89 11.11 1.31
N LEU A 189 39.06 10.30 1.96
CA LEU A 189 39.50 9.50 3.10
C LEU A 189 39.19 8.04 2.83
N VAL A 190 40.21 7.20 2.97
CA VAL A 190 40.00 5.76 2.93
C VAL A 190 39.51 5.24 4.27
N HIS A 191 40.27 5.53 5.33
CA HIS A 191 39.92 5.24 6.72
C HIS A 191 39.96 6.56 7.48
N PRO A 192 39.32 6.64 8.64
CA PRO A 192 39.30 7.90 9.39
C PRO A 192 40.70 8.32 9.79
N PRO A 193 40.98 9.62 9.85
CA PRO A 193 42.33 10.09 10.14
C PRO A 193 42.69 9.89 11.61
N GLN A 194 43.91 10.31 11.97
CA GLN A 194 44.41 10.24 13.35
C GLN A 194 44.61 11.61 14.00
N ASP A 195 44.54 12.70 13.24
CA ASP A 195 44.75 14.03 13.78
C ASP A 195 43.66 15.04 13.43
N SER B 1 9.82 6.71 -0.87
CA SER B 1 10.02 8.04 -0.32
C SER B 1 9.49 8.10 1.09
N LEU B 2 10.16 7.40 1.98
CA LEU B 2 9.76 7.34 3.37
C LEU B 2 10.06 8.65 4.04
N ILE B 3 9.10 9.17 4.76
CA ILE B 3 9.30 10.46 5.41
C ILE B 3 9.68 10.22 6.86
N PRO B 4 10.62 10.99 7.40
CA PRO B 4 11.25 10.63 8.67
C PRO B 4 10.49 11.19 9.88
N ILE B 5 10.87 10.71 11.06
CA ILE B 5 10.18 11.02 12.30
C ILE B 5 11.16 11.70 13.26
N VAL B 6 10.72 12.81 13.87
CA VAL B 6 11.57 13.65 14.72
C VAL B 6 11.01 13.72 16.14
N VAL B 7 11.91 13.94 17.12
CA VAL B 7 11.55 13.96 18.54
C VAL B 7 11.41 15.40 19.05
N GLU B 8 10.35 15.66 19.81
CA GLU B 8 10.09 17.00 20.35
C GLU B 8 9.82 16.91 21.85
N GLN B 9 10.19 17.98 22.57
CA GLN B 9 10.19 17.98 24.03
C GLN B 9 8.91 18.54 24.65
N THR B 10 8.16 19.39 23.91
CA THR B 10 6.87 19.95 24.28
C THR B 10 6.79 20.47 25.73
N GLY B 11 5.57 20.61 26.26
CA GLY B 11 5.38 21.10 27.62
C GLY B 11 5.34 20.00 28.65
N ARG B 12 4.90 18.81 28.26
CA ARG B 12 4.89 17.65 29.14
C ARG B 12 6.00 16.68 28.66
N GLY B 13 5.70 15.41 28.37
CA GLY B 13 6.71 14.44 28.00
C GLY B 13 7.37 14.65 26.64
N GLU B 14 7.31 13.63 25.78
CA GLU B 14 8.08 13.62 24.54
C GLU B 14 7.17 13.17 23.40
N ARG B 15 6.87 14.09 22.49
CA ARG B 15 6.03 13.77 21.34
C ARG B 15 6.91 13.36 20.16
N ALA B 16 6.32 12.59 19.25
CA ALA B 16 6.97 12.24 18.00
C ALA B 16 6.07 12.67 16.84
N TYR B 17 6.69 13.23 15.80
CA TYR B 17 5.98 13.68 14.62
C TYR B 17 6.71 13.20 13.38
N ASP B 18 5.95 12.92 12.33
CA ASP B 18 6.55 12.95 11.01
C ASP B 18 7.02 14.38 10.74
N ILE B 19 8.05 14.51 9.90
CA ILE B 19 8.73 15.80 9.78
C ILE B 19 7.80 16.86 9.23
N TYR B 20 6.76 16.48 8.49
CA TYR B 20 5.89 17.50 7.91
C TYR B 20 4.87 18.00 8.92
N SER B 21 4.35 17.13 9.77
CA SER B 21 3.47 17.57 10.84
C SER B 21 4.21 18.43 11.86
N ARG B 22 5.50 18.15 12.07
CA ARG B 22 6.32 19.00 12.93
C ARG B 22 6.43 20.41 12.35
N LEU B 23 6.57 20.52 11.03
CA LEU B 23 6.70 21.83 10.41
C LEU B 23 5.37 22.58 10.44
N LEU B 24 4.25 21.85 10.42
CA LEU B 24 2.96 22.48 10.60
C LEU B 24 2.81 23.04 12.01
N ARG B 25 3.44 22.39 12.99
CA ARG B 25 3.41 22.90 14.35
C ARG B 25 4.02 24.28 14.46
N GLU B 26 5.04 24.59 13.65
CA GLU B 26 5.59 25.93 13.59
C GLU B 26 4.83 26.82 12.62
N ARG B 27 3.59 26.43 12.29
CA ARG B 27 2.73 27.21 11.41
C ARG B 27 3.29 27.36 10.00
N ILE B 28 3.97 26.32 9.50
CA ILE B 28 4.53 26.27 8.16
C ILE B 28 3.69 25.35 7.29
N VAL B 29 3.33 25.82 6.11
CA VAL B 29 2.50 25.07 5.16
C VAL B 29 3.29 24.90 3.86
N CYS B 30 3.78 23.68 3.61
CA CYS B 30 4.49 23.39 2.37
C CYS B 30 3.51 23.28 1.20
N VAL B 31 3.80 23.98 0.10
CA VAL B 31 3.01 23.91 -1.12
C VAL B 31 3.97 23.49 -2.23
N MET B 32 4.18 22.18 -2.37
CA MET B 32 5.16 21.61 -3.29
C MET B 32 4.46 20.84 -4.41
N GLY B 33 4.98 20.97 -5.62
CA GLY B 33 4.51 20.19 -6.75
C GLY B 33 3.34 20.82 -7.47
N PRO B 34 2.75 20.11 -8.42
CA PRO B 34 1.58 20.64 -9.13
C PRO B 34 0.40 20.86 -8.20
N ILE B 35 -0.31 21.96 -8.42
CA ILE B 35 -1.48 22.30 -7.62
C ILE B 35 -2.73 21.70 -8.27
N ASP B 36 -3.43 20.84 -7.53
CA ASP B 36 -4.70 20.28 -7.96
C ASP B 36 -5.66 20.28 -6.78
N ASP B 37 -6.92 19.92 -7.05
CA ASP B 37 -7.95 20.02 -6.02
C ASP B 37 -7.56 19.26 -4.76
N SER B 38 -6.91 18.11 -4.91
CA SER B 38 -6.48 17.38 -3.73
C SER B 38 -5.47 18.19 -2.91
N VAL B 39 -4.48 18.78 -3.58
CA VAL B 39 -3.52 19.64 -2.90
C VAL B 39 -4.23 20.87 -2.36
N ALA B 40 -5.12 21.46 -3.16
CA ALA B 40 -5.83 22.67 -2.75
C ALA B 40 -6.55 22.45 -1.42
N SER B 41 -7.30 21.36 -1.30
CA SER B 41 -8.06 21.14 -0.08
C SER B 41 -7.16 20.76 1.10
N LEU B 42 -5.95 20.27 0.83
CA LEU B 42 -5.00 20.00 1.91
C LEU B 42 -4.40 21.29 2.46
N VAL B 43 -4.04 22.23 1.58
CA VAL B 43 -3.50 23.51 2.00
C VAL B 43 -4.55 24.31 2.76
N ILE B 44 -5.77 24.34 2.21
CA ILE B 44 -6.85 25.11 2.83
C ILE B 44 -7.18 24.53 4.20
N ALA B 45 -7.19 23.21 4.32
CA ALA B 45 -7.39 22.61 5.62
C ALA B 45 -6.32 23.09 6.60
N GLN B 46 -5.06 23.15 6.17
CA GLN B 46 -4.01 23.62 7.06
C GLN B 46 -4.16 25.11 7.36
N LEU B 47 -4.68 25.89 6.41
CA LEU B 47 -4.83 27.34 6.64
C LEU B 47 -5.90 27.62 7.68
N LEU B 48 -7.12 27.10 7.45
CA LEU B 48 -8.19 27.21 8.43
C LEU B 48 -7.75 26.71 9.81
N PHE B 49 -7.04 25.58 9.87
CA PHE B 49 -6.63 25.05 11.16
C PHE B 49 -5.71 26.02 11.88
N LEU B 50 -4.72 26.56 11.17
CA LEU B 50 -3.75 27.45 11.81
C LEU B 50 -4.40 28.72 12.36
N GLN B 51 -5.28 29.36 11.57
CA GLN B 51 -6.03 30.52 12.04
C GLN B 51 -6.82 30.20 13.31
N SER B 52 -7.47 29.02 13.34
CA SER B 52 -8.23 28.58 14.51
C SER B 52 -7.36 28.49 15.78
N GLU B 53 -6.08 28.18 15.64
CA GLU B 53 -5.19 28.17 16.80
C GLU B 53 -4.64 29.55 17.16
N SER B 54 -4.78 30.53 16.25
CA SER B 54 -4.39 31.91 16.47
C SER B 54 -4.86 32.79 15.32
N ASN B 55 -5.78 33.71 15.62
CA ASN B 55 -6.24 34.69 14.63
C ASN B 55 -5.12 35.56 14.12
N LYS B 56 -4.01 35.61 14.85
CA LYS B 56 -3.06 36.72 14.80
C LYS B 56 -1.64 36.31 14.45
N LYS B 57 -1.20 35.12 14.86
CA LYS B 57 0.17 34.72 14.59
C LYS B 57 0.37 34.50 13.09
N PRO B 58 1.51 34.90 12.55
CA PRO B 58 1.72 34.74 11.11
C PRO B 58 1.78 33.27 10.71
N ILE B 59 1.29 33.02 9.48
CA ILE B 59 1.41 31.74 8.80
C ILE B 59 2.49 31.85 7.74
N HIS B 60 3.35 30.84 7.66
CA HIS B 60 4.41 30.78 6.65
C HIS B 60 4.06 29.72 5.62
N MET B 61 3.94 30.13 4.37
CA MET B 61 3.59 29.27 3.27
C MET B 61 4.79 29.16 2.32
N TYR B 62 5.51 28.01 2.39
CA TYR B 62 6.68 27.73 1.54
C TYR B 62 6.25 27.15 0.21
N ILE B 63 6.76 27.69 -0.89
CA ILE B 63 6.23 27.43 -2.22
C ILE B 63 7.32 26.93 -3.15
N ASN B 64 7.04 25.81 -3.82
CA ASN B 64 7.86 25.29 -4.91
C ASN B 64 6.92 24.54 -5.83
N SER B 65 6.39 25.24 -6.84
CA SER B 65 5.36 24.66 -7.66
C SER B 65 5.49 25.14 -9.10
N PRO B 66 5.20 24.27 -10.07
CA PRO B 66 5.12 24.71 -11.48
C PRO B 66 3.69 25.03 -11.86
N GLY B 67 2.86 25.31 -10.86
CA GLY B 67 1.51 25.75 -11.15
C GLY B 67 0.49 24.65 -10.94
N GLY B 68 -0.58 24.69 -11.71
CA GLY B 68 -1.59 23.66 -11.60
C GLY B 68 -2.93 24.15 -12.13
N VAL B 69 -3.97 23.45 -11.69
CA VAL B 69 -5.35 23.77 -12.05
C VAL B 69 -5.72 25.15 -11.53
N VAL B 70 -6.24 26.01 -12.40
CA VAL B 70 -6.40 27.40 -11.96
C VAL B 70 -7.48 27.51 -10.88
N THR B 71 -8.55 26.69 -10.95
CA THR B 71 -9.59 26.81 -9.92
C THR B 71 -9.11 26.29 -8.57
N ALA B 72 -8.31 25.24 -8.56
CA ALA B 72 -7.72 24.82 -7.28
C ALA B 72 -6.78 25.90 -6.75
N GLY B 73 -6.06 26.58 -7.63
CA GLY B 73 -5.18 27.63 -7.19
C GLY B 73 -5.96 28.81 -6.63
N LEU B 74 -7.00 29.25 -7.36
CA LEU B 74 -7.87 30.30 -6.88
C LEU B 74 -8.48 29.93 -5.53
N ALA B 75 -8.93 28.68 -5.37
CA ALA B 75 -9.47 28.24 -4.09
C ALA B 75 -8.53 28.60 -2.95
N ILE B 76 -7.24 28.30 -3.11
CA ILE B 76 -6.26 28.68 -2.09
C ILE B 76 -6.15 30.20 -1.97
N TYR B 77 -6.13 30.91 -3.10
CA TYR B 77 -5.95 32.36 -3.06
C TYR B 77 -7.04 32.99 -2.23
N ASP B 78 -8.31 32.67 -2.56
CA ASP B 78 -9.45 33.18 -1.81
C ASP B 78 -9.38 32.83 -0.33
N THR B 79 -8.85 31.65 0.01
CA THR B 79 -8.69 31.30 1.41
C THR B 79 -7.68 32.21 2.08
N MET B 80 -6.63 32.61 1.34
CA MET B 80 -5.64 33.54 1.88
C MET B 80 -6.24 34.92 2.12
N GLN B 81 -7.08 35.40 1.21
CA GLN B 81 -7.74 36.67 1.46
C GLN B 81 -8.64 36.59 2.70
N TYR B 82 -9.49 35.54 2.79
CA TYR B 82 -10.51 35.43 3.84
C TYR B 82 -9.89 35.36 5.23
N ILE B 83 -8.98 34.42 5.42
CA ILE B 83 -8.18 34.28 6.63
C ILE B 83 -7.65 35.65 7.08
N LEU B 84 -7.62 35.89 8.39
CA LEU B 84 -7.17 37.17 8.92
C LEU B 84 -5.67 37.23 9.19
N ASN B 85 -5.00 36.08 9.35
CA ASN B 85 -3.60 36.08 9.73
C ASN B 85 -2.75 36.80 8.69
N PRO B 86 -1.57 37.28 9.09
CA PRO B 86 -0.54 37.60 8.10
C PRO B 86 -0.05 36.30 7.50
N ILE B 87 0.30 36.36 6.22
CA ILE B 87 0.79 35.18 5.53
C ILE B 87 2.13 35.56 4.92
N CYS B 88 3.21 34.96 5.45
CA CYS B 88 4.50 35.00 4.78
C CYS B 88 4.51 33.97 3.66
N THR B 89 4.99 34.36 2.49
CA THR B 89 5.23 33.42 1.42
C THR B 89 6.71 33.42 1.11
N TRP B 90 7.19 32.27 0.66
CA TRP B 90 8.62 32.01 0.60
C TRP B 90 8.87 31.06 -0.58
N CYS B 91 9.36 31.61 -1.69
CA CYS B 91 9.61 30.81 -2.88
C CYS B 91 10.95 30.10 -2.79
N VAL B 92 10.91 28.77 -2.71
CA VAL B 92 12.06 27.90 -2.84
C VAL B 92 11.95 27.13 -4.15
N GLY B 93 13.04 27.04 -4.91
CA GLY B 93 12.99 26.39 -6.21
C GLY B 93 12.33 27.16 -7.34
N GLN B 94 11.01 27.17 -7.42
CA GLN B 94 10.35 27.91 -8.50
C GLN B 94 8.91 28.22 -8.12
N ALA B 95 8.35 29.23 -8.80
CA ALA B 95 6.95 29.60 -8.62
C ALA B 95 6.42 30.01 -9.99
N ALA B 96 5.74 29.09 -10.68
CA ALA B 96 5.25 29.35 -12.02
C ALA B 96 3.74 29.19 -12.07
N SER B 97 3.11 29.94 -12.96
CA SER B 97 1.66 29.94 -13.13
C SER B 97 1.01 30.17 -11.76
N MET B 98 0.01 29.36 -11.37
CA MET B 98 -0.66 29.59 -10.08
C MET B 98 0.33 29.62 -8.93
N GLY B 99 1.48 28.97 -9.10
CA GLY B 99 2.50 29.03 -8.06
C GLY B 99 2.93 30.46 -7.78
N SER B 100 3.17 31.23 -8.84
CA SER B 100 3.63 32.60 -8.64
C SER B 100 2.49 33.50 -8.17
N LEU B 101 1.23 33.15 -8.50
CA LEU B 101 0.10 33.93 -7.98
C LEU B 101 -0.07 33.74 -6.48
N LEU B 102 0.25 32.56 -5.94
CA LEU B 102 0.16 32.41 -4.50
C LEU B 102 1.30 33.15 -3.81
N LEU B 103 2.52 33.08 -4.38
CA LEU B 103 3.64 33.88 -3.90
C LEU B 103 3.27 35.34 -3.75
N ALA B 104 2.65 35.90 -4.80
CA ALA B 104 2.32 37.32 -4.85
C ALA B 104 1.21 37.70 -3.85
N ALA B 105 0.33 36.76 -3.51
CA ALA B 105 -0.80 37.05 -2.64
C ALA B 105 -0.45 37.01 -1.15
N GLY B 106 0.81 36.90 -0.78
CA GLY B 106 1.18 37.11 0.61
C GLY B 106 0.89 38.53 1.06
N THR B 107 0.70 38.70 2.36
CA THR B 107 0.47 40.05 2.87
C THR B 107 1.73 40.88 2.68
N PRO B 108 1.60 42.15 2.26
CA PRO B 108 2.75 42.90 1.76
C PRO B 108 3.91 43.02 2.74
N GLY B 109 5.13 43.01 2.18
CA GLY B 109 6.35 43.05 2.95
C GLY B 109 6.88 41.70 3.41
N MET B 110 6.06 40.66 3.31
CA MET B 110 6.40 39.32 3.80
C MET B 110 6.41 38.29 2.67
N ARG B 111 6.75 38.74 1.46
CA ARG B 111 6.86 37.89 0.29
C ARG B 111 8.34 37.82 -0.07
N HIS B 112 8.93 36.63 0.09
CA HIS B 112 10.37 36.44 -0.09
C HIS B 112 10.67 35.36 -1.11
N SER B 113 11.95 35.26 -1.48
CA SER B 113 12.46 34.18 -2.30
C SER B 113 13.91 33.91 -1.91
N LEU B 114 14.39 32.76 -2.28
CA LEU B 114 15.80 32.51 -2.15
C LEU B 114 16.51 32.97 -3.43
N PRO B 115 17.85 33.13 -3.39
CA PRO B 115 18.52 33.83 -4.50
C PRO B 115 18.39 33.13 -5.85
N ASN B 116 18.32 31.80 -5.88
CA ASN B 116 18.40 31.07 -7.14
C ASN B 116 17.05 30.60 -7.68
N SER B 117 15.93 31.09 -7.16
CA SER B 117 14.62 30.65 -7.61
C SER B 117 14.28 31.22 -9.00
N ARG B 118 13.21 30.68 -9.56
CA ARG B 118 12.66 31.12 -10.85
C ARG B 118 11.18 31.41 -10.66
N ILE B 119 10.69 32.48 -11.27
CA ILE B 119 9.30 32.89 -11.12
C ILE B 119 8.72 33.09 -12.52
N MET B 120 7.55 32.53 -12.76
CA MET B 120 6.91 32.64 -14.07
C MET B 120 5.46 33.05 -13.85
N ILE B 121 5.04 34.12 -14.52
CA ILE B 121 3.63 34.50 -14.51
C ILE B 121 2.92 34.06 -15.79
N HIS B 122 3.67 33.83 -16.87
CA HIS B 122 3.12 33.24 -18.08
C HIS B 122 2.34 31.96 -17.75
N GLN B 123 1.19 31.82 -18.36
CA GLN B 123 0.41 30.60 -18.22
C GLN B 123 0.95 29.52 -19.16
N PRO B 124 1.04 28.27 -18.69
CA PRO B 124 1.41 27.18 -19.58
C PRO B 124 0.29 26.92 -20.57
N SER B 125 0.67 26.50 -21.77
CA SER B 125 -0.30 26.45 -22.84
C SER B 125 -0.84 25.03 -23.10
N ALA B 136 -12.41 20.09 -19.00
CA ALA B 136 -12.29 20.85 -20.25
C ALA B 136 -13.48 21.77 -20.36
N ILE B 137 -13.26 22.97 -20.90
CA ILE B 137 -14.25 24.06 -20.83
C ILE B 137 -14.35 24.77 -22.16
N GLN B 138 -15.38 25.61 -22.27
CA GLN B 138 -15.68 26.39 -23.46
C GLN B 138 -14.69 27.54 -23.61
N ALA B 139 -14.65 28.11 -24.82
CA ALA B 139 -13.64 29.14 -25.10
C ALA B 139 -13.78 30.35 -24.19
N GLU B 140 -15.00 30.87 -24.07
CA GLU B 140 -15.25 32.07 -23.28
C GLU B 140 -14.80 31.90 -21.83
N GLU B 141 -14.88 30.67 -21.29
CA GLU B 141 -14.57 30.42 -19.89
C GLU B 141 -13.07 30.44 -19.63
N ILE B 142 -12.27 29.89 -20.56
CA ILE B 142 -10.82 30.04 -20.42
C ILE B 142 -10.45 31.52 -20.41
N MET B 143 -11.13 32.30 -21.26
CA MET B 143 -10.95 33.75 -21.29
C MET B 143 -11.40 34.39 -19.98
N LYS B 144 -12.62 34.08 -19.53
CA LYS B 144 -13.09 34.63 -18.25
C LYS B 144 -12.17 34.22 -17.11
N LEU B 145 -11.58 33.03 -17.17
CA LEU B 145 -10.66 32.56 -16.13
C LEU B 145 -9.34 33.34 -16.17
N LYS B 146 -8.85 33.67 -17.39
CA LYS B 146 -7.58 34.37 -17.51
C LYS B 146 -7.70 35.85 -17.12
N LYS B 147 -8.84 36.48 -17.44
CA LYS B 147 -9.08 37.85 -16.96
C LYS B 147 -9.14 37.87 -15.44
N GLN B 148 -9.64 36.79 -14.84
CA GLN B 148 -9.60 36.63 -13.40
C GLN B 148 -8.17 36.59 -12.89
N LEU B 149 -7.27 35.93 -13.64
CA LEU B 149 -5.87 35.90 -13.23
C LEU B 149 -5.22 37.27 -13.40
N TYR B 150 -5.57 37.99 -14.49
CA TYR B 150 -5.06 39.33 -14.71
C TYR B 150 -5.38 40.25 -13.54
N ASN B 151 -6.63 40.19 -13.05
CA ASN B 151 -7.06 41.09 -12.00
C ASN B 151 -6.33 40.80 -10.71
N ILE B 152 -6.10 39.52 -10.41
CA ILE B 152 -5.45 39.19 -9.15
C ILE B 152 -4.01 39.65 -9.13
N TYR B 153 -3.27 39.44 -10.23
CA TYR B 153 -1.89 39.91 -10.32
C TYR B 153 -1.83 41.43 -10.27
N ALA B 154 -2.76 42.11 -10.96
CA ALA B 154 -2.85 43.56 -10.96
C ALA B 154 -2.89 44.12 -9.53
N LYS B 155 -3.84 43.66 -8.73
CA LYS B 155 -3.98 44.10 -7.34
C LYS B 155 -2.66 43.98 -6.58
N HIS B 156 -2.08 42.78 -6.54
CA HIS B 156 -0.96 42.52 -5.65
C HIS B 156 0.39 43.02 -6.18
N THR B 157 0.54 43.22 -7.49
CA THR B 157 1.75 43.85 -8.00
C THR B 157 1.66 45.37 -8.04
N LYS B 158 0.46 45.92 -7.92
CA LYS B 158 0.19 47.35 -8.10
C LYS B 158 0.54 47.82 -9.52
N GLN B 159 0.89 46.89 -10.41
CA GLN B 159 0.97 47.21 -11.82
C GLN B 159 -0.43 47.30 -12.41
N SER B 160 -0.53 47.87 -13.60
CA SER B 160 -1.82 48.08 -14.23
C SER B 160 -2.20 46.86 -15.05
N LEU B 161 -3.42 46.89 -15.59
CA LEU B 161 -3.94 45.72 -16.31
C LEU B 161 -3.16 45.46 -17.60
N GLN B 162 -2.75 46.52 -18.29
CA GLN B 162 -2.11 46.36 -19.59
C GLN B 162 -0.65 45.92 -19.45
N VAL B 163 0.00 46.27 -18.34
CA VAL B 163 1.37 45.80 -18.12
C VAL B 163 1.40 44.35 -17.64
N ILE B 164 0.29 43.86 -17.08
CA ILE B 164 0.20 42.44 -16.70
C ILE B 164 -0.14 41.57 -17.92
N GLU B 165 -1.11 42.00 -18.74
CA GLU B 165 -1.44 41.23 -19.94
C GLU B 165 -0.29 41.24 -20.95
N SER B 166 0.67 42.14 -20.81
CA SER B 166 1.85 42.06 -21.65
C SER B 166 2.84 41.06 -21.10
N ALA B 167 3.17 41.16 -19.81
CA ALA B 167 4.18 40.26 -19.23
C ALA B 167 3.71 38.81 -19.27
N MET B 168 2.43 38.57 -18.98
CA MET B 168 1.85 37.24 -19.00
C MET B 168 1.63 36.77 -20.43
N GLU B 169 2.68 36.82 -21.23
CA GLU B 169 2.56 36.56 -22.66
C GLU B 169 3.97 36.30 -23.16
N ARG B 170 4.94 36.91 -22.48
CA ARG B 170 6.34 36.55 -22.62
C ARG B 170 6.59 35.20 -21.96
N ASP B 171 6.87 34.18 -22.77
CA ASP B 171 7.22 32.84 -22.28
C ASP B 171 8.61 32.87 -21.66
N ARG B 172 8.68 33.34 -20.42
CA ARG B 172 9.97 33.56 -19.78
C ARG B 172 9.83 33.44 -18.28
N TYR B 173 10.98 33.26 -17.63
CA TYR B 173 11.08 33.30 -16.18
C TYR B 173 11.82 34.58 -15.77
N MET B 174 11.56 35.05 -14.55
CA MET B 174 12.23 36.21 -13.99
C MET B 174 13.14 35.80 -12.85
N SER B 175 14.26 36.49 -12.70
CA SER B 175 15.05 36.29 -11.50
C SER B 175 14.22 36.71 -10.29
N PRO B 176 14.61 36.30 -9.07
CA PRO B 176 13.96 36.86 -7.88
C PRO B 176 13.99 38.39 -7.84
N MET B 177 15.13 39.00 -8.19
CA MET B 177 15.24 40.46 -8.12
C MET B 177 14.42 41.12 -9.22
N GLU B 178 14.36 40.51 -10.39
CA GLU B 178 13.42 41.01 -11.39
C GLU B 178 11.99 40.86 -10.89
N ALA B 179 11.70 39.76 -10.19
CA ALA B 179 10.37 39.56 -9.64
C ALA B 179 10.04 40.61 -8.58
N GLN B 180 11.05 41.02 -7.80
CA GLN B 180 10.84 42.09 -6.82
C GLN B 180 10.48 43.40 -7.52
N GLU B 181 11.27 43.80 -8.52
CA GLU B 181 10.95 45.01 -9.28
C GLU B 181 9.54 44.97 -9.83
N PHE B 182 9.11 43.83 -10.38
CA PHE B 182 7.81 43.80 -11.03
C PHE B 182 6.69 44.01 -10.02
N GLY B 183 6.87 43.57 -8.78
CA GLY B 183 5.86 43.73 -7.75
C GLY B 183 5.35 42.42 -7.17
N ILE B 184 5.99 41.31 -7.55
CA ILE B 184 5.53 39.99 -7.13
C ILE B 184 6.04 39.64 -5.73
N LEU B 185 7.23 40.08 -5.36
CA LEU B 185 7.74 39.78 -4.04
C LEU B 185 8.50 40.99 -3.51
N ASP B 186 8.90 40.91 -2.24
CA ASP B 186 9.40 42.07 -1.50
C ASP B 186 10.89 42.01 -1.24
N LYS B 187 11.39 40.98 -0.55
CA LYS B 187 12.80 40.85 -0.27
C LYS B 187 13.36 39.58 -0.91
N VAL B 188 14.65 39.61 -1.22
CA VAL B 188 15.38 38.45 -1.72
C VAL B 188 16.56 38.24 -0.79
N LEU B 189 16.60 37.09 -0.12
CA LEU B 189 17.50 36.84 0.99
C LEU B 189 18.43 35.67 0.68
N VAL B 190 19.73 35.91 0.81
CA VAL B 190 20.71 34.84 0.74
C VAL B 190 20.98 34.24 2.12
N HIS B 191 20.89 35.04 3.16
CA HIS B 191 21.13 34.66 4.55
C HIS B 191 20.15 35.44 5.41
N PRO B 192 19.95 35.09 6.67
CA PRO B 192 19.10 35.91 7.53
C PRO B 192 19.66 37.32 7.63
N PRO B 193 18.79 38.32 7.75
CA PRO B 193 19.29 39.70 7.77
C PRO B 193 20.06 40.00 9.05
N GLN B 194 20.83 41.09 8.99
CA GLN B 194 21.60 41.59 10.13
C GLN B 194 20.85 42.76 10.74
N ASP B 195 20.58 42.68 12.05
CA ASP B 195 19.87 43.72 12.81
C ASP B 195 18.43 43.91 12.32
N SER C 1 -0.62 11.02 -0.99
CA SER C 1 0.03 12.15 -0.38
C SER C 1 -0.17 12.00 1.09
N LEU C 2 0.77 12.49 1.87
CA LEU C 2 0.67 12.36 3.30
C LEU C 2 -0.25 13.37 3.88
N ILE C 3 -1.05 12.93 4.82
CA ILE C 3 -2.00 13.79 5.50
C ILE C 3 -1.44 14.14 6.87
N PRO C 4 -1.27 15.42 7.21
CA PRO C 4 -0.62 15.78 8.47
C PRO C 4 -1.49 15.59 9.70
N ILE C 5 -0.81 15.49 10.84
CA ILE C 5 -1.42 15.21 12.14
C ILE C 5 -1.39 16.48 12.99
N VAL C 6 -2.53 16.81 13.57
CA VAL C 6 -2.65 17.95 14.48
C VAL C 6 -3.11 17.42 15.83
N VAL C 7 -2.60 18.01 16.91
CA VAL C 7 -2.95 17.62 18.27
C VAL C 7 -3.82 18.72 18.89
N GLU C 8 -4.88 18.34 19.59
CA GLU C 8 -5.73 19.37 20.13
C GLU C 8 -5.87 19.43 21.64
N GLN C 9 -6.20 20.64 22.11
CA GLN C 9 -6.39 21.04 23.52
C GLN C 9 -5.58 20.24 24.56
N THR C 10 -6.18 19.39 25.42
CA THR C 10 -7.62 19.10 25.58
C THR C 10 -7.89 18.21 26.79
N GLY C 11 -9.12 18.35 27.29
CA GLY C 11 -9.64 17.62 28.42
C GLY C 11 -9.68 16.12 28.21
N ARG C 12 -8.50 15.54 28.37
CA ARG C 12 -8.25 14.12 28.24
C ARG C 12 -6.74 14.07 28.33
N GLY C 13 -6.12 14.94 27.54
CA GLY C 13 -4.69 15.03 27.50
C GLY C 13 -4.25 14.82 26.08
N GLU C 14 -4.58 15.78 25.23
CA GLU C 14 -4.17 15.68 23.84
C GLU C 14 -4.81 14.49 23.18
N ARG C 15 -4.79 14.44 21.86
CA ARG C 15 -5.42 13.37 21.11
C ARG C 15 -4.84 12.99 19.71
N ALA C 16 -4.38 13.95 18.93
CA ALA C 16 -3.79 13.78 17.60
C ALA C 16 -4.77 13.23 16.56
N TYR C 17 -5.17 14.07 15.61
CA TYR C 17 -6.05 13.70 14.51
C TYR C 17 -5.33 13.94 13.18
N ASP C 18 -5.64 13.12 12.18
CA ASP C 18 -5.35 13.55 10.83
C ASP C 18 -6.16 14.81 10.52
N ILE C 19 -5.57 15.70 9.72
CA ILE C 19 -6.15 17.03 9.54
C ILE C 19 -7.64 16.95 9.18
N TYR C 20 -8.05 15.93 8.43
CA TYR C 20 -9.42 15.90 7.94
C TYR C 20 -10.40 15.45 9.03
N SER C 21 -9.98 14.51 9.88
CA SER C 21 -10.83 14.08 10.98
C SER C 21 -11.05 15.21 11.98
N ARG C 22 -10.06 16.09 12.14
CA ARG C 22 -10.22 17.24 13.04
C ARG C 22 -11.23 18.22 12.48
N LEU C 23 -11.24 18.41 11.16
CA LEU C 23 -12.29 19.22 10.56
C LEU C 23 -13.65 18.59 10.78
N LEU C 24 -13.70 17.25 10.84
CA LEU C 24 -14.95 16.60 11.20
C LEU C 24 -15.42 17.03 12.59
N ARG C 25 -14.49 17.10 13.55
CA ARG C 25 -14.84 17.49 14.92
C ARG C 25 -15.52 18.85 14.98
N GLU C 26 -15.17 19.79 14.09
CA GLU C 26 -15.88 21.06 14.00
C GLU C 26 -17.09 20.99 13.10
N ARG C 27 -17.61 19.79 12.86
CA ARG C 27 -18.85 19.55 12.10
C ARG C 27 -18.73 20.03 10.65
N ILE C 28 -17.55 19.89 10.05
CA ILE C 28 -17.32 20.25 8.65
C ILE C 28 -17.12 18.99 7.81
N VAL C 29 -17.75 18.97 6.64
CA VAL C 29 -17.69 17.82 5.75
C VAL C 29 -17.13 18.29 4.41
N CYS C 30 -15.97 17.76 4.01
CA CYS C 30 -15.33 18.19 2.76
C CYS C 30 -15.89 17.35 1.62
N VAL C 31 -16.54 17.99 0.65
CA VAL C 31 -16.95 17.33 -0.58
C VAL C 31 -16.00 17.82 -1.67
N MET C 32 -15.04 16.99 -2.06
CA MET C 32 -13.96 17.40 -2.95
C MET C 32 -13.85 16.46 -4.16
N GLY C 33 -13.62 17.04 -5.32
CA GLY C 33 -13.39 16.28 -6.51
C GLY C 33 -14.64 15.64 -7.06
N PRO C 34 -14.49 14.65 -7.92
CA PRO C 34 -15.67 14.04 -8.54
C PRO C 34 -16.51 13.31 -7.52
N ILE C 35 -17.81 13.31 -7.77
CA ILE C 35 -18.78 12.68 -6.89
C ILE C 35 -19.13 11.31 -7.44
N ASP C 36 -18.67 10.25 -6.78
CA ASP C 36 -19.04 8.88 -7.13
C ASP C 36 -19.71 8.22 -5.93
N ASP C 37 -20.08 6.95 -6.09
CA ASP C 37 -20.78 6.25 -4.99
C ASP C 37 -19.93 6.16 -3.72
N SER C 38 -18.60 6.08 -3.83
CA SER C 38 -17.78 6.06 -2.62
C SER C 38 -17.77 7.40 -1.93
N VAL C 39 -17.68 8.49 -2.70
CA VAL C 39 -17.74 9.81 -2.09
C VAL C 39 -19.08 10.04 -1.42
N ALA C 40 -20.17 9.72 -2.14
CA ALA C 40 -21.51 9.83 -1.55
C ALA C 40 -21.64 8.96 -0.31
N SER C 41 -21.04 7.77 -0.34
CA SER C 41 -21.10 6.92 0.84
C SER C 41 -20.50 7.61 2.06
N LEU C 42 -19.33 8.22 1.88
CA LEU C 42 -18.59 8.78 3.00
C LEU C 42 -19.17 10.12 3.46
N VAL C 43 -19.72 10.89 2.53
CA VAL C 43 -20.42 12.12 2.88
C VAL C 43 -21.68 11.79 3.69
N ILE C 44 -22.52 10.89 3.17
CA ILE C 44 -23.73 10.51 3.89
C ILE C 44 -23.40 9.97 5.28
N ALA C 45 -22.39 9.10 5.38
CA ALA C 45 -21.96 8.63 6.69
C ALA C 45 -21.61 9.81 7.60
N GLN C 46 -20.94 10.81 7.06
CA GLN C 46 -20.53 11.94 7.89
C GLN C 46 -21.74 12.79 8.32
N LEU C 47 -22.69 13.02 7.40
CA LEU C 47 -23.89 13.75 7.78
C LEU C 47 -24.65 13.00 8.87
N LEU C 48 -24.87 11.69 8.68
CA LEU C 48 -25.63 10.92 9.65
C LEU C 48 -24.95 10.97 11.01
N PHE C 49 -23.62 10.75 11.04
CA PHE C 49 -22.91 10.77 12.30
C PHE C 49 -23.06 12.12 12.99
N LEU C 50 -22.93 13.22 12.23
CA LEU C 50 -23.03 14.55 12.82
C LEU C 50 -24.41 14.78 13.42
N GLN C 51 -25.46 14.47 12.65
CA GLN C 51 -26.82 14.60 13.18
C GLN C 51 -27.01 13.78 14.45
N SER C 52 -26.49 12.55 14.47
CA SER C 52 -26.57 11.73 15.67
C SER C 52 -25.89 12.38 16.86
N GLU C 53 -24.85 13.18 16.62
CA GLU C 53 -24.20 13.88 17.72
C GLU C 53 -25.01 15.07 18.19
N SER C 54 -25.71 15.75 17.27
CA SER C 54 -26.58 16.87 17.58
C SER C 54 -27.48 17.15 16.39
N ASN C 55 -28.77 16.85 16.49
CA ASN C 55 -29.67 17.14 15.37
C ASN C 55 -30.01 18.64 15.27
N LYS C 56 -29.23 19.49 15.94
CA LYS C 56 -29.51 20.91 16.16
C LYS C 56 -28.42 21.84 15.62
N LYS C 57 -27.16 21.60 16.01
CA LYS C 57 -26.08 22.49 15.59
C LYS C 57 -25.90 22.43 14.07
N PRO C 58 -25.67 23.57 13.43
CA PRO C 58 -25.39 23.57 11.99
C PRO C 58 -24.28 22.58 11.59
N ILE C 59 -24.38 22.11 10.35
CA ILE C 59 -23.36 21.33 9.68
C ILE C 59 -22.86 22.14 8.49
N HIS C 60 -21.54 22.17 8.32
CA HIS C 60 -20.89 23.02 7.32
C HIS C 60 -20.27 22.13 6.25
N MET C 61 -20.74 22.32 5.01
CA MET C 61 -20.40 21.46 3.88
C MET C 61 -19.61 22.27 2.84
N TYR C 62 -18.28 22.10 2.81
CA TYR C 62 -17.42 22.81 1.87
C TYR C 62 -17.31 22.06 0.54
N ILE C 63 -17.63 22.73 -0.55
CA ILE C 63 -17.73 22.09 -1.86
C ILE C 63 -16.66 22.67 -2.78
N ASN C 64 -15.78 21.79 -3.27
CA ASN C 64 -14.92 22.05 -4.44
C ASN C 64 -15.05 20.83 -5.34
N SER C 65 -15.87 20.92 -6.40
CA SER C 65 -16.12 19.69 -7.14
C SER C 65 -16.60 19.96 -8.55
N PRO C 66 -16.12 19.21 -9.55
CA PRO C 66 -16.58 19.38 -10.94
C PRO C 66 -17.86 18.63 -11.27
N GLY C 67 -18.41 17.86 -10.34
CA GLY C 67 -19.60 17.09 -10.60
C GLY C 67 -19.50 15.63 -10.24
N GLY C 68 -20.20 14.78 -10.98
CA GLY C 68 -20.08 13.35 -10.78
C GLY C 68 -21.35 12.60 -11.13
N VAL C 69 -21.38 11.34 -10.69
CA VAL C 69 -22.50 10.44 -10.93
C VAL C 69 -23.77 11.03 -10.32
N VAL C 70 -24.79 11.22 -11.16
CA VAL C 70 -25.96 11.95 -10.67
C VAL C 70 -26.69 11.16 -9.59
N THR C 71 -26.76 9.83 -9.70
CA THR C 71 -27.48 9.10 -8.66
C THR C 71 -26.75 9.18 -7.34
N ALA C 72 -25.42 9.19 -7.36
CA ALA C 72 -24.66 9.41 -6.14
C ALA C 72 -24.91 10.81 -5.62
N GLY C 73 -24.93 11.81 -6.51
CA GLY C 73 -25.22 13.18 -6.08
C GLY C 73 -26.61 13.34 -5.50
N LEU C 74 -27.60 12.66 -6.09
CA LEU C 74 -28.92 12.66 -5.50
C LEU C 74 -28.92 12.00 -4.12
N ALA C 75 -28.18 10.89 -3.99
CA ALA C 75 -28.12 10.24 -2.69
C ALA C 75 -27.70 11.21 -1.58
N ILE C 76 -26.76 12.12 -1.89
CA ILE C 76 -26.34 13.11 -0.90
C ILE C 76 -27.45 14.13 -0.66
N TYR C 77 -28.02 14.67 -1.74
CA TYR C 77 -29.06 15.67 -1.62
C TYR C 77 -30.21 15.20 -0.74
N ASP C 78 -30.76 14.01 -1.05
CA ASP C 78 -31.81 13.41 -0.21
C ASP C 78 -31.38 13.33 1.26
N THR C 79 -30.11 12.98 1.51
CA THR C 79 -29.65 12.93 2.90
C THR C 79 -29.68 14.31 3.54
N MET C 80 -29.25 15.33 2.80
CA MET C 80 -29.29 16.70 3.29
C MET C 80 -30.72 17.09 3.68
N GLN C 81 -31.68 16.77 2.79
CA GLN C 81 -33.08 17.04 3.10
C GLN C 81 -33.51 16.35 4.39
N TYR C 82 -33.20 15.05 4.49
CA TYR C 82 -33.74 14.20 5.56
C TYR C 82 -33.25 14.62 6.94
N ILE C 83 -31.94 14.85 7.09
CA ILE C 83 -31.46 15.29 8.39
C ILE C 83 -32.05 16.64 8.74
N LEU C 84 -32.14 16.89 10.05
CA LEU C 84 -32.84 18.07 10.56
C LEU C 84 -31.97 19.31 10.59
N ASN C 85 -30.66 19.16 10.71
CA ASN C 85 -29.77 20.28 10.99
C ASN C 85 -29.85 21.32 9.88
N PRO C 86 -29.67 22.60 10.22
CA PRO C 86 -29.30 23.57 9.20
C PRO C 86 -27.98 23.14 8.58
N ILE C 87 -27.85 23.37 7.28
CA ILE C 87 -26.64 23.00 6.55
C ILE C 87 -26.14 24.23 5.80
N CYS C 88 -25.00 24.77 6.22
CA CYS C 88 -24.32 25.80 5.43
C CYS C 88 -23.52 25.12 4.32
N THR C 89 -23.58 25.67 3.11
CA THR C 89 -22.74 25.21 2.01
C THR C 89 -21.78 26.34 1.61
N TRP C 90 -20.54 25.96 1.30
CA TRP C 90 -19.45 26.91 1.10
C TRP C 90 -18.67 26.50 -0.14
N CYS C 91 -18.78 27.27 -1.20
CA CYS C 91 -18.14 26.91 -2.46
C CYS C 91 -16.73 27.47 -2.54
N VAL C 92 -15.79 26.62 -2.90
CA VAL C 92 -14.37 26.93 -2.92
C VAL C 92 -13.83 26.33 -4.21
N GLY C 93 -13.10 27.12 -5.00
CA GLY C 93 -12.69 26.65 -6.30
C GLY C 93 -13.82 26.65 -7.31
N GLN C 94 -14.68 25.64 -7.25
CA GLN C 94 -15.79 25.55 -8.20
C GLN C 94 -16.84 24.58 -7.69
N ALA C 95 -18.04 24.70 -8.26
CA ALA C 95 -19.13 23.76 -8.05
C ALA C 95 -19.90 23.65 -9.37
N ALA C 96 -19.67 22.56 -10.10
CA ALA C 96 -20.28 22.37 -11.41
C ALA C 96 -21.14 21.12 -11.42
N SER C 97 -22.18 21.12 -12.28
CA SER C 97 -23.22 20.10 -12.31
C SER C 97 -23.58 19.64 -10.89
N MET C 98 -23.52 18.32 -10.60
CA MET C 98 -23.98 17.82 -9.31
C MET C 98 -23.40 18.58 -8.12
N GLY C 99 -22.23 19.17 -8.29
CA GLY C 99 -21.64 19.91 -7.19
C GLY C 99 -22.39 21.20 -6.89
N SER C 100 -22.83 21.89 -7.96
CA SER C 100 -23.63 23.09 -7.78
C SER C 100 -25.01 22.77 -7.23
N LEU C 101 -25.51 21.56 -7.47
CA LEU C 101 -26.81 21.18 -6.93
C LEU C 101 -26.74 21.03 -5.41
N LEU C 102 -25.71 20.32 -4.92
CA LEU C 102 -25.53 20.22 -3.48
C LEU C 102 -25.35 21.60 -2.85
N LEU C 103 -24.70 22.53 -3.57
CA LEU C 103 -24.49 23.87 -3.02
C LEU C 103 -25.82 24.60 -2.86
N ALA C 104 -26.67 24.51 -3.88
CA ALA C 104 -27.96 25.17 -3.89
C ALA C 104 -28.90 24.60 -2.84
N ALA C 105 -28.61 23.43 -2.29
CA ALA C 105 -29.53 22.74 -1.40
C ALA C 105 -29.25 22.95 0.08
N GLY C 106 -28.26 23.77 0.42
CA GLY C 106 -28.11 24.18 1.81
C GLY C 106 -29.31 24.96 2.30
N THR C 107 -29.44 25.07 3.61
CA THR C 107 -30.63 25.72 4.13
C THR C 107 -30.57 27.21 3.83
N PRO C 108 -31.68 27.82 3.42
CA PRO C 108 -31.64 29.19 2.88
C PRO C 108 -30.94 30.18 3.82
N GLY C 109 -30.20 31.11 3.21
CA GLY C 109 -29.42 32.07 3.95
C GLY C 109 -28.04 31.60 4.33
N MET C 110 -27.77 30.29 4.28
CA MET C 110 -26.50 29.74 4.74
C MET C 110 -25.66 29.18 3.58
N ARG C 111 -25.89 29.63 2.35
CA ARG C 111 -25.24 29.10 1.15
C ARG C 111 -24.26 30.13 0.63
N HIS C 112 -22.97 29.96 0.92
CA HIS C 112 -21.95 30.94 0.57
C HIS C 112 -21.01 30.45 -0.53
N SER C 113 -20.17 31.38 -1.00
CA SER C 113 -19.09 31.07 -1.92
C SER C 113 -17.99 32.10 -1.74
N LEU C 114 -16.77 31.73 -2.12
CA LEU C 114 -15.65 32.66 -2.08
C LEU C 114 -15.64 33.48 -3.37
N PRO C 115 -14.83 34.56 -3.44
CA PRO C 115 -14.99 35.51 -4.56
C PRO C 115 -14.73 34.92 -5.94
N ASN C 116 -13.68 34.11 -6.10
CA ASN C 116 -13.28 33.68 -7.43
C ASN C 116 -13.89 32.37 -7.89
N SER C 117 -14.73 31.73 -7.08
CA SER C 117 -15.31 30.45 -7.46
C SER C 117 -16.01 30.53 -8.81
N ARG C 118 -16.19 29.37 -9.43
CA ARG C 118 -16.98 29.22 -10.65
C ARG C 118 -18.10 28.23 -10.38
N ILE C 119 -19.28 28.47 -10.96
CA ILE C 119 -20.48 27.72 -10.66
C ILE C 119 -21.13 27.35 -11.97
N MET C 120 -21.31 26.06 -12.21
CA MET C 120 -21.96 25.59 -13.42
C MET C 120 -23.16 24.73 -13.09
N ILE C 121 -24.24 24.90 -13.84
CA ILE C 121 -25.36 23.99 -13.76
C ILE C 121 -25.60 23.23 -15.06
N HIS C 122 -24.81 23.51 -16.10
CA HIS C 122 -25.15 23.09 -17.46
C HIS C 122 -25.25 21.58 -17.61
N GLN C 123 -24.33 20.82 -16.96
CA GLN C 123 -24.29 19.35 -17.00
C GLN C 123 -23.57 18.78 -18.23
N PRO C 124 -22.46 18.06 -18.02
CA PRO C 124 -21.89 17.22 -19.09
C PRO C 124 -22.92 16.20 -19.57
N SER C 125 -22.75 15.73 -20.80
CA SER C 125 -21.61 15.99 -21.66
C SER C 125 -21.91 17.05 -22.71
N ALA C 132 -20.30 10.12 -14.63
CA ALA C 132 -21.45 10.03 -15.54
C ALA C 132 -22.64 9.16 -15.00
N THR C 133 -22.51 7.83 -15.19
CA THR C 133 -23.47 6.83 -14.72
C THR C 133 -22.68 5.63 -14.21
N ASP C 134 -23.30 4.83 -13.35
CA ASP C 134 -22.67 3.57 -12.98
C ASP C 134 -22.87 2.51 -14.06
N ILE C 135 -24.06 2.48 -14.64
CA ILE C 135 -24.40 1.52 -15.69
C ILE C 135 -24.70 2.29 -16.98
N ALA C 136 -25.64 1.78 -17.78
CA ALA C 136 -26.00 2.43 -19.03
C ALA C 136 -26.91 1.57 -19.87
N ILE C 137 -28.12 2.01 -20.21
CA ILE C 137 -28.78 3.29 -19.87
C ILE C 137 -29.70 3.58 -21.04
N GLN C 138 -30.97 3.87 -20.80
CA GLN C 138 -31.80 4.14 -21.96
C GLN C 138 -32.08 5.63 -22.09
N ALA C 139 -32.55 6.02 -23.28
CA ALA C 139 -32.90 7.41 -23.53
C ALA C 139 -33.92 7.92 -22.52
N GLU C 140 -34.95 7.13 -22.26
CA GLU C 140 -36.01 7.60 -21.36
C GLU C 140 -35.49 7.78 -19.94
N GLU C 141 -34.53 6.95 -19.51
CA GLU C 141 -34.03 7.05 -18.14
C GLU C 141 -33.17 8.29 -17.93
N ILE C 142 -32.33 8.65 -18.90
CA ILE C 142 -31.48 9.83 -18.70
C ILE C 142 -32.34 11.10 -18.70
N MET C 143 -33.38 11.14 -19.53
CA MET C 143 -34.34 12.25 -19.51
C MET C 143 -35.09 12.29 -18.18
N LYS C 144 -35.54 11.13 -17.69
CA LYS C 144 -36.13 11.07 -16.35
C LYS C 144 -35.19 11.68 -15.32
N LEU C 145 -33.91 11.31 -15.39
CA LEU C 145 -32.95 11.81 -14.41
C LEU C 145 -32.74 13.31 -14.53
N LYS C 146 -32.78 13.86 -15.76
CA LYS C 146 -32.59 15.30 -15.87
C LYS C 146 -33.78 16.03 -15.27
N LYS C 147 -35.00 15.60 -15.61
CA LYS C 147 -36.19 16.24 -15.05
C LYS C 147 -36.14 16.27 -13.53
N GLN C 148 -35.59 15.21 -12.91
CA GLN C 148 -35.35 15.24 -11.47
C GLN C 148 -34.41 16.36 -11.08
N LEU C 149 -33.46 16.74 -11.95
CA LEU C 149 -32.57 17.83 -11.62
C LEU C 149 -33.25 19.16 -11.89
N TYR C 150 -34.06 19.22 -12.95
CA TYR C 150 -34.88 20.39 -13.20
C TYR C 150 -35.71 20.73 -11.97
N ASN C 151 -36.40 19.74 -11.39
CA ASN C 151 -37.29 20.01 -10.27
C ASN C 151 -36.50 20.47 -9.04
N ILE C 152 -35.32 19.89 -8.81
CA ILE C 152 -34.60 20.21 -7.58
C ILE C 152 -33.99 21.60 -7.67
N TYR C 153 -33.50 21.97 -8.85
CA TYR C 153 -32.97 23.32 -9.04
C TYR C 153 -34.07 24.36 -8.93
N ALA C 154 -35.23 24.11 -9.55
CA ALA C 154 -36.38 24.98 -9.39
C ALA C 154 -36.73 25.17 -7.92
N LYS C 155 -36.91 24.06 -7.20
CA LYS C 155 -37.28 24.09 -5.78
C LYS C 155 -36.38 25.02 -4.96
N HIS C 156 -35.07 24.98 -5.18
CA HIS C 156 -34.13 25.70 -4.32
C HIS C 156 -33.70 27.05 -4.88
N THR C 157 -33.76 27.26 -6.19
CA THR C 157 -33.48 28.58 -6.72
C THR C 157 -34.73 29.43 -6.82
N LYS C 158 -35.90 28.84 -6.58
CA LYS C 158 -37.18 29.53 -6.72
C LYS C 158 -37.31 30.16 -8.10
N GLN C 159 -36.70 29.51 -9.09
CA GLN C 159 -36.94 29.81 -10.49
C GLN C 159 -37.98 28.84 -11.03
N SER C 160 -38.42 29.10 -12.27
CA SER C 160 -39.37 28.25 -12.97
C SER C 160 -38.62 27.16 -13.71
N LEU C 161 -39.37 26.10 -14.07
CA LEU C 161 -38.78 25.04 -14.88
C LEU C 161 -38.15 25.62 -16.16
N GLN C 162 -38.96 26.31 -16.95
CA GLN C 162 -38.49 26.82 -18.25
C GLN C 162 -37.32 27.78 -18.10
N VAL C 163 -37.12 28.38 -16.93
CA VAL C 163 -35.94 29.19 -16.70
C VAL C 163 -34.74 28.31 -16.39
N ILE C 164 -34.94 27.33 -15.50
CA ILE C 164 -33.89 26.39 -15.15
C ILE C 164 -33.42 25.64 -16.38
N GLU C 165 -34.38 25.11 -17.16
CA GLU C 165 -34.03 24.35 -18.36
C GLU C 165 -33.26 25.21 -19.35
N SER C 166 -33.68 26.47 -19.53
CA SER C 166 -32.97 27.30 -20.49
C SER C 166 -31.56 27.61 -20.00
N ALA C 167 -31.41 27.92 -18.71
CA ALA C 167 -30.08 28.19 -18.21
C ALA C 167 -29.17 26.97 -18.33
N MET C 168 -29.74 25.77 -18.23
CA MET C 168 -28.95 24.55 -18.30
C MET C 168 -28.51 24.23 -19.71
N GLU C 169 -29.18 24.72 -20.70
CA GLU C 169 -28.77 24.46 -22.03
C GLU C 169 -27.57 25.24 -22.41
N ARG C 170 -27.23 26.26 -21.65
CA ARG C 170 -26.12 27.15 -21.94
C ARG C 170 -24.86 26.64 -21.28
N ASP C 171 -23.83 26.33 -22.09
CA ASP C 171 -22.58 25.72 -21.65
C ASP C 171 -21.64 26.81 -21.14
N ARG C 172 -21.91 27.28 -19.92
CA ARG C 172 -21.11 28.35 -19.34
C ARG C 172 -21.13 28.25 -17.82
N TYR C 173 -20.14 28.90 -17.20
CA TYR C 173 -20.05 29.03 -15.75
C TYR C 173 -20.50 30.42 -15.30
N MET C 174 -21.01 30.50 -14.07
CA MET C 174 -21.41 31.76 -13.46
C MET C 174 -20.37 32.23 -12.46
N SER C 175 -20.26 33.56 -12.34
CA SER C 175 -19.57 34.14 -11.19
C SER C 175 -20.40 33.93 -9.93
N PRO C 176 -19.75 33.97 -8.75
CA PRO C 176 -20.52 33.88 -7.49
C PRO C 176 -21.67 34.87 -7.39
N MET C 177 -21.49 36.13 -7.81
CA MET C 177 -22.60 37.06 -7.70
C MET C 177 -23.67 36.81 -8.76
N GLU C 178 -23.33 36.26 -9.93
CA GLU C 178 -24.38 35.92 -10.86
C GLU C 178 -25.17 34.71 -10.39
N ALA C 179 -24.49 33.74 -9.78
CA ALA C 179 -25.19 32.58 -9.21
C ALA C 179 -26.12 33.01 -8.09
N GLN C 180 -25.71 34.04 -7.34
CA GLN C 180 -26.55 34.58 -6.28
C GLN C 180 -27.88 35.10 -6.83
N GLU C 181 -27.82 35.91 -7.89
CA GLU C 181 -29.02 36.46 -8.53
C GLU C 181 -29.93 35.38 -9.09
N PHE C 182 -29.47 34.14 -9.22
CA PHE C 182 -30.25 33.08 -9.81
C PHE C 182 -30.95 32.22 -8.77
N GLY C 183 -30.54 32.32 -7.51
CA GLY C 183 -31.08 31.48 -6.44
C GLY C 183 -30.22 30.30 -6.02
N ILE C 184 -28.93 30.31 -6.36
CA ILE C 184 -28.01 29.23 -6.01
C ILE C 184 -27.25 29.55 -4.72
N LEU C 185 -26.85 30.81 -4.55
CA LEU C 185 -26.13 31.31 -3.38
C LEU C 185 -26.95 32.36 -2.66
N ASP C 186 -26.43 32.76 -1.50
CA ASP C 186 -26.97 33.87 -0.72
C ASP C 186 -25.94 34.94 -0.44
N LYS C 187 -24.71 34.55 -0.12
CA LYS C 187 -23.64 35.46 0.25
C LYS C 187 -22.37 35.12 -0.52
N VAL C 188 -21.63 36.15 -0.91
CA VAL C 188 -20.30 36.02 -1.48
C VAL C 188 -19.38 36.80 -0.56
N LEU C 189 -18.60 36.11 0.25
CA LEU C 189 -17.77 36.78 1.24
C LEU C 189 -16.32 36.80 0.76
N VAL C 190 -15.72 37.99 0.76
CA VAL C 190 -14.28 38.10 0.60
C VAL C 190 -13.59 37.95 1.94
N HIS C 191 -14.21 38.45 3.01
CA HIS C 191 -13.70 38.44 4.37
C HIS C 191 -14.87 38.16 5.30
N PRO C 192 -14.60 37.69 6.53
CA PRO C 192 -15.69 37.44 7.48
C PRO C 192 -16.46 38.73 7.76
N PRO C 193 -17.79 38.66 7.84
CA PRO C 193 -18.57 39.90 7.84
C PRO C 193 -18.91 40.41 9.24
N GLN C 194 -19.56 41.57 9.29
CA GLN C 194 -20.43 42.01 10.39
C GLN C 194 -20.89 43.44 10.09
N ASP C 195 -20.22 44.42 10.70
CA ASP C 195 -20.44 45.85 10.41
C ASP C 195 -21.91 46.26 10.49
N SER D 1 -11.07 6.60 0.07
CA SER D 1 -9.81 7.29 0.21
C SER D 1 -9.44 7.38 1.67
N LEU D 2 -9.49 8.58 2.25
CA LEU D 2 -9.17 8.72 3.64
C LEU D 2 -10.45 8.58 4.34
N ILE D 3 -10.51 7.61 5.22
CA ILE D 3 -11.70 7.34 6.01
C ILE D 3 -11.57 8.11 7.32
N PRO D 4 -12.46 9.05 7.62
CA PRO D 4 -12.34 9.86 8.84
C PRO D 4 -12.42 9.01 10.10
N ILE D 5 -11.77 9.48 11.13
CA ILE D 5 -11.82 8.88 12.45
C ILE D 5 -12.77 9.69 13.30
N VAL D 6 -13.71 9.02 13.97
CA VAL D 6 -14.61 9.69 14.92
C VAL D 6 -14.36 9.09 16.29
N VAL D 7 -14.65 9.88 17.33
CA VAL D 7 -14.43 9.50 18.72
C VAL D 7 -15.75 9.53 19.47
N GLU D 8 -16.19 8.42 20.00
CA GLU D 8 -17.41 8.47 20.76
C GLU D 8 -17.03 8.59 22.22
N GLN D 9 -17.99 8.98 23.07
CA GLN D 9 -17.72 9.18 24.49
C GLN D 9 -18.56 8.35 25.46
N THR D 10 -18.89 7.11 25.12
CA THR D 10 -19.76 6.28 25.94
C THR D 10 -19.18 4.87 26.09
N GLY D 11 -18.25 4.75 27.05
CA GLY D 11 -17.84 5.93 27.80
C GLY D 11 -16.98 5.75 29.03
N ARG D 12 -16.04 4.81 28.97
CA ARG D 12 -15.11 4.54 30.06
C ARG D 12 -14.10 5.69 30.09
N GLY D 13 -13.71 6.11 28.87
CA GLY D 13 -12.78 7.21 28.69
C GLY D 13 -13.03 7.97 27.41
N GLU D 14 -13.21 7.21 26.32
CA GLU D 14 -13.42 7.60 24.92
C GLU D 14 -12.65 6.64 24.04
N ARG D 15 -13.34 6.06 23.05
CA ARG D 15 -12.69 5.20 22.08
C ARG D 15 -12.89 5.79 20.69
N ALA D 16 -12.02 5.43 19.75
CA ALA D 16 -12.03 6.00 18.42
C ALA D 16 -12.13 4.90 17.36
N TYR D 17 -13.03 5.10 16.40
CA TYR D 17 -13.21 4.21 15.24
C TYR D 17 -13.20 5.03 13.97
N ASP D 18 -12.92 4.37 12.86
CA ASP D 18 -13.29 4.92 11.57
C ASP D 18 -14.81 4.96 11.46
N ILE D 19 -15.33 5.99 10.79
CA ILE D 19 -16.77 6.24 10.77
C ILE D 19 -17.57 5.01 10.33
N TYR D 20 -17.01 4.15 9.47
CA TYR D 20 -17.80 3.00 9.05
C TYR D 20 -17.91 1.96 10.16
N SER D 21 -16.84 1.74 10.90
CA SER D 21 -16.94 0.83 12.03
C SER D 21 -17.86 1.40 13.09
N ARG D 22 -17.95 2.72 13.15
CA ARG D 22 -18.85 3.35 14.11
C ARG D 22 -20.30 3.12 13.73
N LEU D 23 -20.62 3.19 12.43
CA LEU D 23 -21.97 2.87 11.98
C LEU D 23 -22.30 1.42 12.26
N LEU D 24 -21.34 0.51 12.09
CA LEU D 24 -21.60 -0.90 12.37
C LEU D 24 -22.02 -1.09 13.82
N ARG D 25 -21.51 -0.25 14.72
CA ARG D 25 -21.88 -0.31 16.12
C ARG D 25 -23.31 0.17 16.36
N GLU D 26 -23.82 1.08 15.52
CA GLU D 26 -25.26 1.35 15.52
C GLU D 26 -26.03 0.33 14.73
N ARG D 27 -25.41 -0.82 14.43
CA ARG D 27 -26.02 -1.94 13.71
C ARG D 27 -26.40 -1.60 12.27
N ILE D 28 -25.64 -0.72 11.61
CA ILE D 28 -25.85 -0.40 10.19
C ILE D 28 -24.83 -1.17 9.37
N VAL D 29 -25.27 -1.68 8.22
CA VAL D 29 -24.42 -2.44 7.31
C VAL D 29 -24.52 -1.80 5.93
N CYS D 30 -23.41 -1.27 5.44
CA CYS D 30 -23.42 -0.54 4.17
C CYS D 30 -23.20 -1.49 2.99
N VAL D 31 -24.07 -1.43 1.99
CA VAL D 31 -23.93 -2.21 0.77
C VAL D 31 -23.79 -1.24 -0.39
N MET D 32 -22.58 -0.74 -0.60
CA MET D 32 -22.27 0.30 -1.59
C MET D 32 -21.55 -0.32 -2.78
N GLY D 33 -21.91 0.13 -3.99
CA GLY D 33 -21.22 -0.28 -5.19
C GLY D 33 -21.57 -1.68 -5.64
N PRO D 34 -20.81 -2.21 -6.62
CA PRO D 34 -21.11 -3.53 -7.18
C PRO D 34 -20.88 -4.66 -6.19
N ILE D 35 -21.82 -5.62 -6.19
CA ILE D 35 -21.75 -6.79 -5.31
C ILE D 35 -20.92 -7.88 -5.98
N ASP D 36 -19.78 -8.20 -5.39
CA ASP D 36 -18.98 -9.35 -5.81
C ASP D 36 -18.78 -10.26 -4.61
N ASP D 37 -18.10 -11.39 -4.80
CA ASP D 37 -17.90 -12.33 -3.69
C ASP D 37 -17.22 -11.66 -2.50
N SER D 38 -16.38 -10.66 -2.75
CA SER D 38 -15.73 -10.01 -1.62
C SER D 38 -16.73 -9.20 -0.80
N VAL D 39 -17.64 -8.46 -1.44
CA VAL D 39 -18.59 -7.73 -0.61
C VAL D 39 -19.59 -8.69 -0.01
N ALA D 40 -19.95 -9.76 -0.71
CA ALA D 40 -20.81 -10.78 -0.12
C ALA D 40 -20.21 -11.28 1.18
N SER D 41 -18.91 -11.52 1.18
CA SER D 41 -18.30 -12.08 2.38
C SER D 41 -18.24 -11.05 3.51
N LEU D 42 -18.08 -9.76 3.18
CA LEU D 42 -18.08 -8.72 4.21
C LEU D 42 -19.47 -8.52 4.78
N VAL D 43 -20.45 -8.33 3.92
CA VAL D 43 -21.83 -8.16 4.36
C VAL D 43 -22.25 -9.35 5.20
N ILE D 44 -21.99 -10.57 4.72
CA ILE D 44 -22.40 -11.75 5.48
C ILE D 44 -21.72 -11.75 6.84
N ALA D 45 -20.41 -11.49 6.87
CA ALA D 45 -19.68 -11.46 8.14
C ALA D 45 -20.31 -10.50 9.12
N GLN D 46 -20.76 -9.34 8.62
CA GLN D 46 -21.35 -8.33 9.49
C GLN D 46 -22.72 -8.75 10.00
N LEU D 47 -23.59 -9.21 9.09
CA LEU D 47 -24.88 -9.75 9.53
C LEU D 47 -24.67 -10.79 10.63
N LEU D 48 -23.74 -11.73 10.43
CA LEU D 48 -23.61 -12.75 11.46
C LEU D 48 -23.11 -12.15 12.77
N PHE D 49 -22.17 -11.21 12.69
CA PHE D 49 -21.66 -10.58 13.91
C PHE D 49 -22.78 -9.93 14.70
N LEU D 50 -23.58 -9.08 14.02
CA LEU D 50 -24.67 -8.36 14.69
C LEU D 50 -25.70 -9.31 15.29
N GLN D 51 -26.03 -10.42 14.60
CA GLN D 51 -26.95 -11.39 15.16
C GLN D 51 -26.39 -12.01 16.43
N SER D 52 -25.07 -12.05 16.59
CA SER D 52 -24.54 -12.63 17.81
C SER D 52 -24.48 -11.63 18.96
N GLU D 53 -24.37 -10.32 18.65
CA GLU D 53 -24.60 -9.27 19.64
C GLU D 53 -26.02 -9.35 20.19
N SER D 54 -27.01 -9.40 19.29
CA SER D 54 -28.41 -9.54 19.66
C SER D 54 -29.18 -10.27 18.56
N ASN D 55 -29.91 -11.34 18.93
CA ASN D 55 -30.81 -12.01 18.00
C ASN D 55 -32.03 -11.17 17.67
N LYS D 56 -32.34 -10.14 18.47
CA LYS D 56 -33.62 -9.44 18.37
C LYS D 56 -33.52 -8.05 17.78
N LYS D 57 -32.51 -7.27 18.15
CA LYS D 57 -32.47 -5.88 17.74
C LYS D 57 -32.39 -5.80 16.22
N PRO D 58 -33.20 -4.97 15.57
CA PRO D 58 -33.14 -4.89 14.11
C PRO D 58 -31.74 -4.58 13.61
N ILE D 59 -31.53 -4.92 12.34
CA ILE D 59 -30.31 -4.63 11.59
C ILE D 59 -30.73 -3.78 10.39
N HIS D 60 -29.95 -2.76 10.09
CA HIS D 60 -30.28 -1.84 9.00
C HIS D 60 -29.26 -1.98 7.87
N MET D 61 -29.75 -2.14 6.64
CA MET D 61 -28.93 -2.28 5.45
C MET D 61 -29.16 -1.08 4.54
N TYR D 62 -28.19 -0.19 4.47
CA TYR D 62 -28.27 0.92 3.53
C TYR D 62 -27.67 0.45 2.21
N ILE D 63 -28.45 0.58 1.14
CA ILE D 63 -28.17 0.00 -0.16
C ILE D 63 -28.05 1.14 -1.17
N ASN D 64 -26.88 1.24 -1.81
CA ASN D 64 -26.68 2.11 -2.96
C ASN D 64 -25.81 1.33 -3.94
N SER D 65 -26.43 0.69 -4.94
CA SER D 65 -25.70 -0.37 -5.62
C SER D 65 -26.27 -0.63 -7.00
N PRO D 66 -25.44 -0.77 -8.03
CA PRO D 66 -25.94 -1.05 -9.37
C PRO D 66 -26.11 -2.54 -9.68
N GLY D 67 -25.86 -3.41 -8.71
CA GLY D 67 -26.08 -4.84 -8.89
C GLY D 67 -24.79 -5.64 -8.72
N GLY D 68 -24.70 -6.73 -9.44
CA GLY D 68 -23.45 -7.44 -9.37
C GLY D 68 -23.62 -8.93 -9.66
N VAL D 69 -22.72 -9.69 -9.05
CA VAL D 69 -22.58 -11.11 -9.33
C VAL D 69 -23.76 -11.85 -8.70
N VAL D 70 -24.58 -12.46 -9.54
CA VAL D 70 -25.81 -13.09 -9.06
C VAL D 70 -25.57 -14.00 -7.84
N THR D 71 -24.67 -14.99 -7.97
CA THR D 71 -24.54 -15.91 -6.85
C THR D 71 -24.05 -15.21 -5.59
N ALA D 72 -23.37 -14.07 -5.70
CA ALA D 72 -22.94 -13.39 -4.50
C ALA D 72 -24.08 -12.61 -3.86
N GLY D 73 -24.99 -12.07 -4.66
CA GLY D 73 -26.18 -11.48 -4.10
C GLY D 73 -27.11 -12.50 -3.44
N LEU D 74 -27.18 -13.71 -4.01
CA LEU D 74 -28.00 -14.72 -3.35
C LEU D 74 -27.36 -15.15 -2.04
N ALA D 75 -26.03 -15.22 -1.98
CA ALA D 75 -25.41 -15.52 -0.69
C ALA D 75 -25.84 -14.49 0.34
N ILE D 76 -25.95 -13.22 -0.07
CA ILE D 76 -26.38 -12.17 0.85
C ILE D 76 -27.84 -12.37 1.20
N TYR D 77 -28.70 -12.37 0.18
CA TYR D 77 -30.11 -12.69 0.34
C TYR D 77 -30.33 -13.84 1.31
N ASP D 78 -29.74 -15.00 0.99
CA ASP D 78 -29.92 -16.18 1.82
C ASP D 78 -29.52 -15.91 3.27
N THR D 79 -28.41 -15.20 3.48
CA THR D 79 -27.99 -14.92 4.85
C THR D 79 -29.00 -14.03 5.55
N MET D 80 -29.56 -13.02 4.85
CA MET D 80 -30.48 -12.14 5.54
C MET D 80 -31.82 -12.82 5.86
N GLN D 81 -32.24 -13.79 5.03
CA GLN D 81 -33.37 -14.65 5.40
C GLN D 81 -33.07 -15.57 6.57
N TYR D 82 -31.80 -15.94 6.78
CA TYR D 82 -31.48 -16.99 7.76
C TYR D 82 -31.35 -16.43 9.16
N ILE D 83 -30.76 -15.25 9.31
CA ILE D 83 -30.64 -14.68 10.65
C ILE D 83 -32.03 -14.42 11.25
N LEU D 84 -32.08 -14.36 12.58
CA LEU D 84 -33.32 -14.13 13.32
C LEU D 84 -33.79 -12.68 13.30
N ASN D 85 -32.89 -11.71 13.05
CA ASN D 85 -33.22 -10.31 13.25
C ASN D 85 -34.12 -9.80 12.13
N PRO D 86 -35.06 -8.91 12.45
CA PRO D 86 -35.69 -8.10 11.39
C PRO D 86 -34.62 -7.26 10.70
N ILE D 87 -34.83 -6.99 9.42
CA ILE D 87 -33.88 -6.19 8.64
C ILE D 87 -34.62 -5.07 7.94
N CYS D 88 -34.27 -3.84 8.29
CA CYS D 88 -34.72 -2.65 7.57
C CYS D 88 -33.76 -2.43 6.41
N THR D 89 -34.27 -2.41 5.20
CA THR D 89 -33.46 -1.96 4.07
C THR D 89 -33.80 -0.51 3.77
N TRP D 90 -32.83 0.21 3.22
CA TRP D 90 -32.94 1.64 3.05
C TRP D 90 -32.16 2.01 1.80
N CYS D 91 -32.85 2.46 0.76
CA CYS D 91 -32.22 2.63 -0.56
C CYS D 91 -31.91 4.11 -0.78
N VAL D 92 -30.62 4.42 -0.80
CA VAL D 92 -30.13 5.76 -1.14
C VAL D 92 -29.40 5.68 -2.49
N GLY D 93 -29.58 6.67 -3.32
CA GLY D 93 -28.99 6.58 -4.65
C GLY D 93 -29.76 5.71 -5.63
N GLN D 94 -29.46 4.41 -5.65
CA GLN D 94 -30.12 3.46 -6.56
C GLN D 94 -30.00 2.05 -6.00
N ALA D 95 -30.91 1.19 -6.45
CA ALA D 95 -30.84 -0.26 -6.19
C ALA D 95 -31.23 -0.94 -7.50
N ALA D 96 -30.24 -1.26 -8.32
CA ALA D 96 -30.48 -1.88 -9.60
C ALA D 96 -30.07 -3.34 -9.54
N SER D 97 -30.74 -4.18 -10.34
CA SER D 97 -30.42 -5.61 -10.47
C SER D 97 -30.41 -6.23 -9.07
N MET D 98 -29.33 -6.93 -8.66
CA MET D 98 -29.33 -7.56 -7.35
C MET D 98 -29.40 -6.55 -6.21
N GLY D 99 -29.04 -5.30 -6.44
CA GLY D 99 -29.34 -4.29 -5.44
C GLY D 99 -30.81 -4.25 -5.08
N SER D 100 -31.67 -4.12 -6.10
CA SER D 100 -33.10 -4.03 -5.83
C SER D 100 -33.64 -5.31 -5.23
N LEU D 101 -33.01 -6.45 -5.53
CA LEU D 101 -33.46 -7.68 -4.90
C LEU D 101 -33.15 -7.66 -3.40
N LEU D 102 -32.00 -7.10 -3.01
CA LEU D 102 -31.67 -7.03 -1.59
C LEU D 102 -32.59 -6.03 -0.86
N LEU D 103 -32.89 -4.90 -1.52
CA LEU D 103 -33.89 -3.96 -1.01
C LEU D 103 -35.21 -4.64 -0.77
N ALA D 104 -35.65 -5.47 -1.72
CA ALA D 104 -36.92 -6.16 -1.62
C ALA D 104 -36.93 -7.23 -0.54
N ALA D 105 -35.76 -7.71 -0.12
CA ALA D 105 -35.66 -8.84 0.78
C ALA D 105 -35.68 -8.44 2.25
N GLY D 106 -35.82 -7.15 2.57
CA GLY D 106 -35.95 -6.71 3.94
C GLY D 106 -37.27 -7.18 4.54
N THR D 107 -37.42 -6.95 5.85
CA THR D 107 -38.62 -7.41 6.56
C THR D 107 -39.84 -6.61 6.10
N PRO D 108 -40.96 -7.27 5.79
CA PRO D 108 -42.13 -6.54 5.28
C PRO D 108 -42.55 -5.39 6.21
N GLY D 109 -42.84 -4.24 5.62
CA GLY D 109 -43.06 -3.05 6.40
C GLY D 109 -41.81 -2.30 6.78
N MET D 110 -40.63 -2.82 6.42
CA MET D 110 -39.38 -2.22 6.87
C MET D 110 -38.44 -1.85 5.72
N ARG D 111 -38.96 -1.72 4.50
CA ARG D 111 -38.14 -1.46 3.31
C ARG D 111 -38.38 -0.03 2.86
N HIS D 112 -37.34 0.79 2.93
CA HIS D 112 -37.50 2.21 2.66
C HIS D 112 -36.63 2.66 1.48
N SER D 113 -36.96 3.83 0.97
CA SER D 113 -36.15 4.50 -0.02
C SER D 113 -36.27 5.99 0.20
N LEU D 114 -35.20 6.71 -0.12
CA LEU D 114 -35.25 8.17 -0.15
C LEU D 114 -35.96 8.58 -1.44
N PRO D 115 -36.40 9.85 -1.53
CA PRO D 115 -37.35 10.21 -2.62
C PRO D 115 -36.77 10.16 -4.03
N ASN D 116 -35.48 10.49 -4.25
CA ASN D 116 -34.94 10.54 -5.61
C ASN D 116 -34.26 9.25 -6.08
N SER D 117 -34.12 8.24 -5.23
CA SER D 117 -33.55 6.94 -5.60
C SER D 117 -34.16 6.38 -6.87
N ARG D 118 -33.46 5.46 -7.52
CA ARG D 118 -33.99 4.77 -8.70
C ARG D 118 -33.85 3.27 -8.49
N ILE D 119 -34.92 2.55 -8.79
CA ILE D 119 -35.02 1.13 -8.51
C ILE D 119 -35.18 0.43 -9.84
N MET D 120 -34.33 -0.56 -10.11
CA MET D 120 -34.44 -1.39 -11.30
C MET D 120 -34.41 -2.86 -10.91
N ILE D 121 -35.32 -3.65 -11.49
CA ILE D 121 -35.31 -5.11 -11.36
C ILE D 121 -34.95 -5.80 -12.66
N HIS D 122 -34.87 -5.06 -13.77
CA HIS D 122 -34.22 -5.55 -14.98
C HIS D 122 -32.81 -6.05 -14.65
N GLN D 123 -32.43 -7.26 -15.27
CA GLN D 123 -31.05 -7.68 -15.12
C GLN D 123 -30.22 -7.17 -16.28
N PRO D 124 -28.91 -6.98 -16.12
CA PRO D 124 -28.07 -6.60 -17.25
C PRO D 124 -27.82 -7.80 -18.16
N SER D 125 -27.27 -7.51 -19.34
CA SER D 125 -26.92 -8.59 -20.26
C SER D 125 -25.44 -8.93 -20.19
N ALA D 132 -21.45 -10.97 -14.61
CA ALA D 132 -22.54 -11.23 -13.67
C ALA D 132 -22.48 -12.67 -13.11
N THR D 133 -21.43 -13.41 -13.44
CA THR D 133 -21.20 -14.73 -12.87
C THR D 133 -19.71 -15.05 -13.00
N ASP D 134 -19.22 -15.93 -12.11
CA ASP D 134 -17.79 -16.16 -11.91
C ASP D 134 -17.18 -17.06 -12.99
N ILE D 135 -17.87 -18.13 -13.36
CA ILE D 135 -17.48 -18.96 -14.50
C ILE D 135 -18.48 -18.67 -15.62
N ALA D 136 -18.19 -19.19 -16.82
CA ALA D 136 -18.89 -18.73 -18.03
C ALA D 136 -20.27 -19.37 -18.21
N ILE D 137 -20.50 -20.56 -17.66
CA ILE D 137 -21.80 -21.25 -17.48
C ILE D 137 -22.72 -21.38 -18.72
N GLN D 138 -23.41 -22.51 -18.79
CA GLN D 138 -24.25 -22.89 -19.93
C GLN D 138 -25.50 -22.03 -19.99
N ALA D 139 -26.19 -22.09 -21.13
CA ALA D 139 -27.48 -21.40 -21.22
C ALA D 139 -28.46 -21.92 -20.19
N GLU D 140 -28.58 -23.25 -20.08
CA GLU D 140 -29.53 -23.84 -19.14
C GLU D 140 -29.36 -23.28 -17.73
N GLU D 141 -28.10 -23.08 -17.29
CA GLU D 141 -27.87 -22.64 -15.91
C GLU D 141 -28.14 -21.14 -15.74
N ILE D 142 -27.86 -20.33 -16.77
CA ILE D 142 -28.28 -18.93 -16.72
C ILE D 142 -29.79 -18.84 -16.53
N MET D 143 -30.56 -19.66 -17.25
CA MET D 143 -32.00 -19.68 -17.07
C MET D 143 -32.38 -20.10 -15.66
N LYS D 144 -31.69 -21.10 -15.09
CA LYS D 144 -32.00 -21.52 -13.73
C LYS D 144 -31.77 -20.39 -12.73
N LEU D 145 -30.66 -19.65 -12.89
CA LEU D 145 -30.40 -18.49 -12.04
C LEU D 145 -31.50 -17.44 -12.15
N LYS D 146 -31.92 -17.13 -13.38
CA LYS D 146 -32.97 -16.13 -13.56
C LYS D 146 -34.30 -16.61 -12.96
N LYS D 147 -34.62 -17.90 -13.15
CA LYS D 147 -35.84 -18.42 -12.54
C LYS D 147 -35.78 -18.30 -11.01
N GLN D 148 -34.59 -18.51 -10.44
CA GLN D 148 -34.39 -18.26 -9.01
C GLN D 148 -34.71 -16.81 -8.67
N LEU D 149 -34.24 -15.87 -9.49
CA LEU D 149 -34.57 -14.46 -9.26
C LEU D 149 -36.06 -14.25 -9.36
N TYR D 150 -36.69 -14.82 -10.39
CA TYR D 150 -38.14 -14.73 -10.56
C TYR D 150 -38.88 -15.14 -9.28
N ASN D 151 -38.55 -16.31 -8.72
CA ASN D 151 -39.25 -16.81 -7.56
C ASN D 151 -39.03 -15.90 -6.35
N ILE D 152 -37.83 -15.33 -6.22
CA ILE D 152 -37.55 -14.48 -5.06
C ILE D 152 -38.35 -13.18 -5.14
N TYR D 153 -38.21 -12.44 -6.24
CA TYR D 153 -39.02 -11.25 -6.42
C TYR D 153 -40.52 -11.54 -6.27
N ALA D 154 -40.96 -12.70 -6.76
CA ALA D 154 -42.37 -13.07 -6.61
C ALA D 154 -42.72 -13.24 -5.14
N LYS D 155 -41.85 -13.92 -4.40
CA LYS D 155 -42.09 -14.10 -2.97
C LYS D 155 -42.17 -12.77 -2.23
N HIS D 156 -41.34 -11.79 -2.58
CA HIS D 156 -41.25 -10.60 -1.75
C HIS D 156 -42.08 -9.41 -2.24
N THR D 157 -42.54 -9.41 -3.49
CA THR D 157 -43.56 -8.45 -3.91
C THR D 157 -44.97 -9.01 -3.78
N LYS D 158 -45.11 -10.34 -3.66
CA LYS D 158 -46.40 -11.03 -3.75
C LYS D 158 -47.06 -10.81 -5.12
N GLN D 159 -46.27 -10.50 -6.14
CA GLN D 159 -46.76 -10.47 -7.51
C GLN D 159 -46.66 -11.86 -8.14
N SER D 160 -47.30 -12.02 -9.29
CA SER D 160 -47.29 -13.27 -10.04
C SER D 160 -46.00 -13.41 -10.84
N LEU D 161 -45.58 -14.66 -11.07
CA LEU D 161 -44.43 -14.91 -11.95
C LEU D 161 -44.58 -14.23 -13.30
N GLN D 162 -45.76 -14.34 -13.91
CA GLN D 162 -45.92 -13.67 -15.19
C GLN D 162 -45.72 -12.16 -15.03
N VAL D 163 -46.25 -11.57 -13.96
CA VAL D 163 -46.11 -10.12 -13.78
C VAL D 163 -44.66 -9.77 -13.54
N ILE D 164 -43.98 -10.57 -12.73
CA ILE D 164 -42.56 -10.35 -12.48
C ILE D 164 -41.74 -10.54 -13.75
N GLU D 165 -41.97 -11.67 -14.45
CA GLU D 165 -41.19 -11.94 -15.66
C GLU D 165 -41.46 -10.89 -16.73
N SER D 166 -42.72 -10.48 -16.86
CA SER D 166 -43.06 -9.38 -17.76
C SER D 166 -42.34 -8.09 -17.37
N ALA D 167 -42.27 -7.79 -16.07
CA ALA D 167 -41.69 -6.52 -15.62
C ALA D 167 -40.20 -6.46 -15.91
N MET D 168 -39.49 -7.53 -15.60
CA MET D 168 -38.04 -7.56 -15.75
C MET D 168 -37.59 -7.52 -17.19
N GLU D 169 -38.48 -7.86 -18.13
CA GLU D 169 -38.17 -7.77 -19.55
C GLU D 169 -37.97 -6.31 -19.97
N ARG D 170 -38.59 -5.37 -19.27
CA ARG D 170 -38.49 -3.97 -19.63
C ARG D 170 -37.20 -3.36 -19.08
N ASP D 171 -36.49 -2.62 -19.91
CA ASP D 171 -35.19 -2.04 -19.59
C ASP D 171 -35.42 -0.63 -19.06
N ARG D 172 -35.71 -0.51 -17.76
CA ARG D 172 -36.10 0.78 -17.21
C ARG D 172 -35.94 0.77 -15.71
N TYR D 173 -35.80 1.99 -15.15
CA TYR D 173 -35.83 2.22 -13.71
C TYR D 173 -37.22 2.65 -13.25
N MET D 174 -37.45 2.55 -11.95
CA MET D 174 -38.71 2.91 -11.32
C MET D 174 -38.50 4.04 -10.34
N SER D 175 -39.46 4.96 -10.24
CA SER D 175 -39.47 5.86 -9.09
C SER D 175 -39.75 5.04 -7.83
N PRO D 176 -39.32 5.51 -6.65
CA PRO D 176 -39.62 4.74 -5.44
C PRO D 176 -41.12 4.52 -5.25
N MET D 177 -41.94 5.52 -5.60
CA MET D 177 -43.38 5.37 -5.50
C MET D 177 -43.89 4.21 -6.37
N GLU D 178 -43.39 4.11 -7.60
CA GLU D 178 -43.77 2.96 -8.42
C GLU D 178 -43.26 1.66 -7.83
N ALA D 179 -42.10 1.70 -7.16
CA ALA D 179 -41.57 0.46 -6.60
C ALA D 179 -42.38 0.05 -5.39
N GLN D 180 -42.87 1.02 -4.60
CA GLN D 180 -43.76 0.73 -3.49
C GLN D 180 -45.06 0.10 -3.97
N GLU D 181 -45.69 0.72 -4.98
CA GLU D 181 -46.90 0.12 -5.53
C GLU D 181 -46.63 -1.27 -6.07
N PHE D 182 -45.40 -1.53 -6.51
CA PHE D 182 -45.11 -2.82 -7.14
C PHE D 182 -44.87 -3.91 -6.12
N GLY D 183 -44.46 -3.55 -4.91
CA GLY D 183 -44.17 -4.51 -3.86
C GLY D 183 -42.70 -4.57 -3.49
N ILE D 184 -41.86 -3.78 -4.14
CA ILE D 184 -40.43 -3.83 -3.88
C ILE D 184 -40.12 -3.21 -2.54
N LEU D 185 -40.83 -2.15 -2.17
CA LEU D 185 -40.56 -1.50 -0.90
C LEU D 185 -41.87 -1.01 -0.27
N ASP D 186 -41.77 -0.57 0.98
CA ASP D 186 -42.93 -0.23 1.79
C ASP D 186 -43.14 1.26 1.98
N LYS D 187 -42.10 2.04 2.22
CA LYS D 187 -42.24 3.47 2.50
C LYS D 187 -41.23 4.29 1.72
N VAL D 188 -41.66 5.47 1.28
CA VAL D 188 -40.79 6.50 0.71
C VAL D 188 -40.83 7.70 1.66
N LEU D 189 -39.65 8.20 2.06
CA LEU D 189 -39.56 9.24 3.08
C LEU D 189 -38.68 10.38 2.58
N VAL D 190 -39.20 11.60 2.62
CA VAL D 190 -38.37 12.79 2.41
C VAL D 190 -37.77 13.27 3.71
N HIS D 191 -38.53 13.22 4.79
CA HIS D 191 -38.13 13.65 6.12
C HIS D 191 -38.61 12.59 7.10
N PRO D 192 -38.04 12.54 8.30
CA PRO D 192 -38.52 11.56 9.29
C PRO D 192 -40.01 11.73 9.57
N PRO D 193 -40.72 10.63 9.80
CA PRO D 193 -42.16 10.71 10.07
C PRO D 193 -42.45 11.20 11.48
N GLN D 194 -43.62 11.82 11.61
CA GLN D 194 -44.10 12.27 12.91
C GLN D 194 -44.74 11.11 13.67
N ASP D 195 -44.27 10.87 14.89
CA ASP D 195 -44.80 9.80 15.76
C ASP D 195 -44.54 8.40 15.20
N SER E 1 -10.33 -2.99 0.57
CA SER E 1 -11.51 -2.23 0.92
C SER E 1 -11.61 -2.15 2.42
N LEU E 2 -12.27 -1.12 2.94
CA LEU E 2 -12.29 -0.96 4.38
C LEU E 2 -12.94 -2.19 5.01
N ILE E 3 -12.18 -2.93 5.81
CA ILE E 3 -12.69 -4.03 6.60
C ILE E 3 -13.08 -3.47 7.96
N PRO E 4 -14.34 -3.61 8.40
CA PRO E 4 -14.74 -3.03 9.69
C PRO E 4 -14.04 -3.71 10.87
N ILE E 5 -13.95 -2.96 11.95
CA ILE E 5 -13.35 -3.40 13.19
C ILE E 5 -14.44 -3.49 14.23
N VAL E 6 -14.46 -4.56 15.02
CA VAL E 6 -15.41 -4.74 16.10
C VAL E 6 -14.67 -4.79 17.43
N VAL E 7 -15.27 -4.21 18.47
CA VAL E 7 -14.67 -4.15 19.81
C VAL E 7 -15.44 -5.11 20.72
N GLU E 8 -14.75 -6.12 21.26
CA GLU E 8 -15.40 -7.19 22.01
C GLU E 8 -15.53 -6.83 23.49
N GLN E 9 -16.61 -7.31 24.10
CA GLN E 9 -16.94 -7.12 25.51
C GLN E 9 -17.27 -8.50 26.08
N THR E 10 -16.39 -9.05 26.93
CA THR E 10 -16.63 -10.40 27.45
C THR E 10 -16.11 -10.59 28.88
N GLY E 11 -14.98 -9.95 29.21
CA GLY E 11 -14.45 -9.96 30.57
C GLY E 11 -13.42 -8.87 30.74
N ARG E 12 -12.18 -9.14 30.31
CA ARG E 12 -11.19 -8.10 30.13
C ARG E 12 -11.45 -7.42 28.78
N GLY E 13 -12.65 -7.59 28.26
CA GLY E 13 -13.05 -7.25 26.92
C GLY E 13 -12.84 -5.84 26.43
N GLU E 14 -11.68 -5.60 25.80
CA GLU E 14 -11.54 -4.55 24.80
C GLU E 14 -11.14 -5.20 23.48
N ARG E 15 -9.89 -5.00 23.04
CA ARG E 15 -9.32 -5.51 21.79
C ARG E 15 -10.18 -5.18 20.57
N ALA E 16 -9.62 -4.39 19.66
CA ALA E 16 -10.23 -4.15 18.37
C ALA E 16 -9.88 -5.31 17.45
N TYR E 17 -10.79 -6.30 17.36
CA TYR E 17 -10.69 -7.34 16.35
C TYR E 17 -11.14 -6.81 14.98
N ASP E 18 -10.47 -7.25 13.92
CA ASP E 18 -11.05 -7.09 12.60
C ASP E 18 -12.13 -8.16 12.41
N ILE E 19 -13.07 -7.90 11.51
CA ILE E 19 -14.29 -8.70 11.46
C ILE E 19 -13.97 -10.16 11.20
N TYR E 20 -12.98 -10.44 10.34
CA TYR E 20 -12.67 -11.83 10.01
C TYR E 20 -11.91 -12.50 11.15
N SER E 21 -10.91 -11.81 11.71
CA SER E 21 -10.24 -12.31 12.90
C SER E 21 -11.24 -12.65 14.00
N ARG E 22 -12.34 -11.89 14.12
CA ARG E 22 -13.34 -12.16 15.14
C ARG E 22 -14.13 -13.42 14.85
N LEU E 23 -14.53 -13.62 13.59
CA LEU E 23 -15.12 -14.91 13.21
C LEU E 23 -14.17 -16.07 13.49
N LEU E 24 -12.85 -15.87 13.32
CA LEU E 24 -11.92 -16.96 13.58
C LEU E 24 -11.97 -17.39 15.05
N ARG E 25 -12.13 -16.41 15.96
CA ARG E 25 -12.28 -16.74 17.38
C ARG E 25 -13.42 -17.73 17.61
N GLU E 26 -14.50 -17.61 16.83
CA GLU E 26 -15.62 -18.54 16.93
C GLU E 26 -15.39 -19.83 16.18
N ARG E 27 -14.15 -20.11 15.76
CA ARG E 27 -13.80 -21.35 15.08
C ARG E 27 -14.45 -21.44 13.69
N ILE E 28 -14.52 -20.30 12.98
CA ILE E 28 -15.03 -20.24 11.60
C ILE E 28 -13.88 -19.96 10.66
N VAL E 29 -13.74 -20.78 9.62
CA VAL E 29 -12.75 -20.57 8.57
C VAL E 29 -13.48 -20.21 7.29
N CYS E 30 -13.26 -18.98 6.80
CA CYS E 30 -13.90 -18.54 5.56
C CYS E 30 -13.07 -19.01 4.38
N VAL E 31 -13.74 -19.56 3.37
CA VAL E 31 -13.09 -20.04 2.15
C VAL E 31 -13.78 -19.37 0.96
N MET E 32 -13.37 -18.14 0.66
CA MET E 32 -14.06 -17.31 -0.33
C MET E 32 -13.24 -17.24 -1.60
N GLY E 33 -13.93 -17.24 -2.73
CA GLY E 33 -13.28 -17.01 -4.00
C GLY E 33 -12.43 -18.17 -4.46
N PRO E 34 -11.65 -17.93 -5.50
CA PRO E 34 -10.90 -19.04 -6.11
C PRO E 34 -9.75 -19.48 -5.22
N ILE E 35 -9.60 -20.80 -5.11
CA ILE E 35 -8.61 -21.42 -4.25
C ILE E 35 -7.30 -21.54 -5.00
N ASP E 36 -6.27 -20.87 -4.52
CA ASP E 36 -4.90 -21.02 -4.99
C ASP E 36 -4.01 -21.41 -3.82
N ASP E 37 -2.70 -21.52 -4.07
CA ASP E 37 -1.78 -21.94 -3.00
C ASP E 37 -1.78 -20.98 -1.83
N SER E 38 -2.09 -19.71 -2.04
CA SER E 38 -2.01 -18.84 -0.88
C SER E 38 -3.24 -19.02 -0.01
N VAL E 39 -4.41 -19.18 -0.64
CA VAL E 39 -5.64 -19.49 0.08
C VAL E 39 -5.51 -20.82 0.81
N ALA E 40 -4.82 -21.79 0.20
CA ALA E 40 -4.67 -23.06 0.89
C ALA E 40 -3.75 -22.94 2.09
N SER E 41 -2.69 -22.14 1.99
CA SER E 41 -1.84 -21.88 3.17
C SER E 41 -2.67 -21.34 4.31
N LEU E 42 -3.45 -20.28 4.02
CA LEU E 42 -4.19 -19.57 5.05
C LEU E 42 -5.23 -20.46 5.69
N VAL E 43 -5.93 -21.26 4.88
CA VAL E 43 -6.96 -22.16 5.40
C VAL E 43 -6.34 -23.25 6.27
N ILE E 44 -5.27 -23.90 5.80
CA ILE E 44 -4.60 -24.88 6.64
C ILE E 44 -4.14 -24.26 7.95
N ALA E 45 -3.50 -23.09 7.87
CA ALA E 45 -3.02 -22.39 9.06
C ALA E 45 -4.12 -22.22 10.09
N GLN E 46 -5.30 -21.78 9.64
CA GLN E 46 -6.42 -21.62 10.55
C GLN E 46 -6.87 -22.98 11.09
N LEU E 47 -7.04 -23.97 10.21
CA LEU E 47 -7.43 -25.30 10.64
C LEU E 47 -6.47 -25.84 11.69
N LEU E 48 -5.17 -25.81 11.39
CA LEU E 48 -4.19 -26.35 12.33
C LEU E 48 -4.20 -25.58 13.64
N PHE E 49 -4.40 -24.26 13.57
CA PHE E 49 -4.50 -23.45 14.78
C PHE E 49 -5.72 -23.82 15.60
N LEU E 50 -6.89 -23.90 14.96
CA LEU E 50 -8.13 -24.23 15.67
C LEU E 50 -8.03 -25.58 16.39
N GLN E 51 -7.43 -26.58 15.74
CA GLN E 51 -7.27 -27.87 16.41
C GLN E 51 -6.31 -27.75 17.59
N SER E 52 -5.20 -27.02 17.39
CA SER E 52 -4.26 -26.76 18.47
C SER E 52 -4.97 -26.20 19.69
N GLU E 53 -5.98 -25.38 19.48
CA GLU E 53 -6.71 -24.83 20.62
C GLU E 53 -7.67 -25.83 21.24
N SER E 54 -8.25 -26.72 20.43
CA SER E 54 -9.17 -27.72 20.91
C SER E 54 -9.31 -28.76 19.81
N ASN E 55 -8.81 -29.97 20.05
CA ASN E 55 -9.03 -31.01 19.07
C ASN E 55 -10.39 -31.69 19.22
N LYS E 56 -11.32 -31.08 19.95
CA LYS E 56 -12.68 -31.61 20.09
C LYS E 56 -13.76 -30.63 19.63
N LYS E 57 -13.66 -29.35 20.00
CA LYS E 57 -14.66 -28.36 19.59
C LYS E 57 -14.78 -28.31 18.07
N PRO E 58 -15.98 -28.41 17.52
CA PRO E 58 -16.15 -28.32 16.05
C PRO E 58 -15.49 -27.12 15.37
N ILE E 59 -15.26 -27.26 14.06
CA ILE E 59 -14.74 -26.18 13.21
C ILE E 59 -15.71 -26.02 12.05
N HIS E 60 -15.93 -24.79 11.61
CA HIS E 60 -16.92 -24.49 10.59
C HIS E 60 -16.27 -23.85 9.38
N MET E 61 -16.42 -24.48 8.21
CA MET E 61 -15.92 -23.94 6.95
C MET E 61 -17.10 -23.33 6.18
N TYR E 62 -17.09 -22.01 6.02
CA TYR E 62 -18.06 -21.34 5.17
C TYR E 62 -17.45 -21.18 3.78
N ILE E 63 -18.11 -21.75 2.77
CA ILE E 63 -17.55 -21.95 1.44
C ILE E 63 -18.41 -21.16 0.44
N ASN E 64 -17.81 -20.15 -0.19
CA ASN E 64 -18.36 -19.53 -1.41
C ASN E 64 -17.22 -19.49 -2.40
N SER E 65 -17.16 -20.44 -3.34
CA SER E 65 -15.96 -20.58 -4.19
C SER E 65 -16.23 -21.20 -5.56
N PRO E 66 -15.73 -20.59 -6.64
CA PRO E 66 -15.91 -21.18 -7.97
C PRO E 66 -14.90 -22.29 -8.28
N GLY E 67 -14.02 -22.60 -7.34
CA GLY E 67 -13.01 -23.62 -7.55
C GLY E 67 -11.62 -23.04 -7.49
N GLY E 68 -10.70 -23.67 -8.19
CA GLY E 68 -9.33 -23.23 -8.19
C GLY E 68 -8.40 -24.40 -8.37
N VAL E 69 -7.13 -24.14 -8.04
CA VAL E 69 -6.03 -25.05 -8.31
C VAL E 69 -6.24 -26.39 -7.60
N VAL E 70 -6.24 -27.48 -8.37
CA VAL E 70 -6.54 -28.82 -7.86
C VAL E 70 -5.60 -29.20 -6.69
N THR E 71 -4.30 -28.93 -6.81
CA THR E 71 -3.40 -29.39 -5.73
C THR E 71 -3.56 -28.54 -4.48
N ALA E 72 -3.85 -27.24 -4.64
CA ALA E 72 -4.21 -26.43 -3.49
C ALA E 72 -5.47 -26.97 -2.81
N GLY E 73 -6.46 -27.38 -3.60
CA GLY E 73 -7.68 -27.93 -3.04
C GLY E 73 -7.42 -29.26 -2.33
N LEU E 74 -6.60 -30.11 -2.94
CA LEU E 74 -6.27 -31.35 -2.26
C LEU E 74 -5.47 -31.09 -0.99
N ALA E 75 -4.65 -30.04 -0.97
CA ALA E 75 -3.94 -29.72 0.27
C ALA E 75 -4.93 -29.46 1.40
N ILE E 76 -5.98 -28.69 1.14
CA ILE E 76 -6.98 -28.42 2.17
C ILE E 76 -7.73 -29.69 2.53
N TYR E 77 -8.21 -30.43 1.52
CA TYR E 77 -8.91 -31.68 1.75
C TYR E 77 -8.13 -32.60 2.69
N ASP E 78 -6.87 -32.90 2.37
CA ASP E 78 -6.08 -33.79 3.23
C ASP E 78 -5.95 -33.22 4.64
N THR E 79 -5.91 -31.89 4.78
CA THR E 79 -5.80 -31.31 6.11
C THR E 79 -7.10 -31.47 6.89
N MET E 80 -8.25 -31.33 6.21
CA MET E 80 -9.51 -31.64 6.87
C MET E 80 -9.52 -33.09 7.39
N GLN E 81 -9.15 -34.04 6.52
CA GLN E 81 -9.06 -35.43 6.92
C GLN E 81 -8.08 -35.63 8.07
N TYR E 82 -7.00 -34.84 8.11
CA TYR E 82 -5.93 -35.18 9.05
C TYR E 82 -6.26 -34.71 10.47
N ILE E 83 -6.86 -33.52 10.60
CA ILE E 83 -7.27 -33.04 11.91
C ILE E 83 -8.39 -33.93 12.46
N LEU E 84 -8.50 -33.95 13.79
CA LEU E 84 -9.48 -34.77 14.48
C LEU E 84 -10.84 -34.09 14.67
N ASN E 85 -10.91 -32.75 14.59
CA ASN E 85 -12.15 -32.07 14.89
C ASN E 85 -13.25 -32.49 13.93
N PRO E 86 -14.49 -32.51 14.38
CA PRO E 86 -15.59 -32.49 13.43
C PRO E 86 -15.57 -31.16 12.70
N ILE E 87 -15.93 -31.20 11.41
CA ILE E 87 -15.89 -30.03 10.56
C ILE E 87 -17.27 -29.87 9.95
N CYS E 88 -17.91 -28.75 10.24
CA CYS E 88 -19.18 -28.39 9.60
C CYS E 88 -18.85 -27.59 8.36
N THR E 89 -19.40 -27.99 7.21
CA THR E 89 -19.23 -27.20 6.00
C THR E 89 -20.55 -26.57 5.63
N TRP E 90 -20.47 -25.36 5.10
CA TRP E 90 -21.62 -24.49 4.95
C TRP E 90 -21.48 -23.71 3.67
N CYS E 91 -22.38 -23.93 2.71
CA CYS E 91 -22.20 -23.35 1.39
C CYS E 91 -23.17 -22.21 1.20
N VAL E 92 -22.64 -21.01 0.97
CA VAL E 92 -23.37 -19.81 0.61
C VAL E 92 -22.84 -19.34 -0.74
N GLY E 93 -23.72 -18.73 -1.53
CA GLY E 93 -23.39 -18.44 -2.92
C GLY E 93 -23.31 -19.65 -3.84
N GLN E 94 -22.12 -20.29 -3.88
CA GLN E 94 -21.90 -21.44 -4.73
C GLN E 94 -20.71 -22.22 -4.22
N ALA E 95 -20.63 -23.49 -4.64
CA ALA E 95 -19.46 -24.35 -4.44
C ALA E 95 -19.27 -25.13 -5.74
N ALA E 96 -18.29 -24.70 -6.53
CA ALA E 96 -18.00 -25.28 -7.82
C ALA E 96 -16.63 -25.94 -7.80
N SER E 97 -16.47 -26.98 -8.60
CA SER E 97 -15.17 -27.63 -8.83
C SER E 97 -14.56 -27.97 -7.47
N MET E 98 -13.32 -27.56 -7.16
CA MET E 98 -12.74 -27.96 -5.89
C MET E 98 -13.53 -27.40 -4.73
N GLY E 99 -14.37 -26.39 -4.96
CA GLY E 99 -15.18 -25.85 -3.90
C GLY E 99 -16.20 -26.83 -3.37
N SER E 100 -16.82 -27.62 -4.25
CA SER E 100 -17.78 -28.60 -3.75
C SER E 100 -17.09 -29.85 -3.23
N LEU E 101 -15.85 -30.09 -3.63
CA LEU E 101 -15.12 -31.20 -3.04
C LEU E 101 -14.85 -30.95 -1.57
N LEU E 102 -14.52 -29.69 -1.20
CA LEU E 102 -14.36 -29.35 0.20
C LEU E 102 -15.70 -29.39 0.94
N LEU E 103 -16.78 -28.90 0.31
CA LEU E 103 -18.10 -28.97 0.91
C LEU E 103 -18.49 -30.42 1.19
N ALA E 104 -18.34 -31.29 0.19
CA ALA E 104 -18.71 -32.68 0.38
C ALA E 104 -17.82 -33.39 1.39
N ALA E 105 -16.74 -32.77 1.86
CA ALA E 105 -15.70 -33.44 2.63
C ALA E 105 -15.76 -33.15 4.12
N GLY E 106 -16.73 -32.36 4.57
CA GLY E 106 -16.98 -32.20 6.00
C GLY E 106 -17.58 -33.48 6.60
N THR E 107 -17.65 -33.52 7.93
CA THR E 107 -18.02 -34.79 8.54
C THR E 107 -19.46 -35.12 8.20
N PRO E 108 -19.77 -36.39 8.03
CA PRO E 108 -21.13 -36.77 7.64
C PRO E 108 -22.12 -36.26 8.67
N GLY E 109 -23.18 -35.65 8.16
CA GLY E 109 -24.21 -35.05 8.98
C GLY E 109 -24.05 -33.56 9.17
N MET E 110 -22.85 -33.02 8.98
CA MET E 110 -22.59 -31.61 9.22
C MET E 110 -22.31 -30.82 7.93
N ARG E 111 -22.79 -31.30 6.79
CA ARG E 111 -22.60 -30.62 5.50
C ARG E 111 -23.90 -29.90 5.14
N HIS E 112 -23.85 -28.56 5.12
CA HIS E 112 -25.04 -27.73 4.86
C HIS E 112 -24.86 -26.79 3.68
N SER E 113 -25.98 -26.38 3.11
CA SER E 113 -26.03 -25.27 2.18
C SER E 113 -27.28 -24.45 2.48
N LEU E 114 -27.19 -23.12 2.26
CA LEU E 114 -28.36 -22.27 2.18
C LEU E 114 -29.14 -22.62 0.92
N PRO E 115 -30.38 -22.15 0.78
CA PRO E 115 -31.26 -22.73 -0.25
C PRO E 115 -31.02 -22.28 -1.69
N ASN E 116 -30.31 -21.18 -1.94
CA ASN E 116 -30.11 -20.65 -3.29
C ASN E 116 -28.70 -20.83 -3.81
N SER E 117 -27.86 -21.58 -3.10
CA SER E 117 -26.54 -21.94 -3.55
C SER E 117 -26.60 -22.77 -4.82
N ARG E 118 -25.50 -22.73 -5.58
CA ARG E 118 -25.28 -23.62 -6.73
C ARG E 118 -24.06 -24.49 -6.44
N ILE E 119 -24.18 -25.79 -6.72
CA ILE E 119 -23.13 -26.75 -6.43
C ILE E 119 -22.76 -27.43 -7.74
N MET E 120 -21.49 -27.38 -8.12
CA MET E 120 -21.03 -28.00 -9.36
C MET E 120 -19.83 -28.88 -9.07
N ILE E 121 -19.89 -30.13 -9.55
CA ILE E 121 -18.75 -31.05 -9.43
C ILE E 121 -18.03 -31.24 -10.76
N HIS E 122 -18.67 -30.94 -11.88
CA HIS E 122 -17.97 -30.73 -13.13
C HIS E 122 -16.73 -29.86 -12.89
N GLN E 123 -15.59 -30.34 -13.36
CA GLN E 123 -14.33 -29.62 -13.41
C GLN E 123 -14.29 -28.70 -14.62
N PRO E 124 -13.64 -27.55 -14.52
CA PRO E 124 -13.60 -26.61 -15.64
C PRO E 124 -12.55 -27.03 -16.67
N SER E 125 -12.77 -26.59 -17.90
CA SER E 125 -11.82 -26.89 -18.98
C SER E 125 -10.64 -25.94 -18.94
N ALA E 132 -6.10 -23.54 -12.69
CA ALA E 132 -6.27 -25.01 -12.62
C ALA E 132 -4.99 -25.76 -12.15
N THR E 133 -3.83 -25.18 -12.49
CA THR E 133 -2.55 -25.86 -12.33
C THR E 133 -1.42 -24.84 -12.11
N ASP E 134 -0.59 -25.10 -11.10
CA ASP E 134 0.73 -24.47 -10.99
C ASP E 134 1.68 -25.17 -11.95
N ILE E 135 2.19 -24.44 -12.95
CA ILE E 135 2.97 -24.93 -14.09
C ILE E 135 2.24 -26.06 -14.83
N ALA E 136 2.28 -26.03 -16.17
CA ALA E 136 1.50 -26.95 -16.97
C ALA E 136 1.99 -28.38 -16.79
N ILE E 137 1.15 -29.33 -17.24
CA ILE E 137 1.31 -30.73 -16.87
C ILE E 137 1.09 -31.65 -18.07
N GLN E 138 1.75 -32.79 -18.02
CA GLN E 138 1.54 -33.87 -18.96
C GLN E 138 0.11 -34.42 -18.86
N ALA E 139 -0.36 -35.01 -19.95
CA ALA E 139 -1.73 -35.52 -19.96
C ALA E 139 -1.91 -36.70 -19.00
N GLU E 140 -0.90 -37.55 -18.85
CA GLU E 140 -1.04 -38.63 -17.88
C GLU E 140 -1.20 -38.06 -16.49
N GLU E 141 -0.61 -36.89 -16.24
CA GLU E 141 -0.70 -36.27 -14.93
C GLU E 141 -2.10 -35.71 -14.68
N ILE E 142 -2.74 -35.11 -15.69
CA ILE E 142 -4.04 -34.49 -15.46
C ILE E 142 -5.10 -35.56 -15.20
N MET E 143 -4.94 -36.76 -15.75
CA MET E 143 -5.87 -37.83 -15.43
C MET E 143 -5.59 -38.45 -14.08
N LYS E 144 -4.34 -38.45 -13.65
CA LYS E 144 -4.04 -38.87 -12.28
C LYS E 144 -4.75 -37.96 -11.29
N LEU E 145 -4.63 -36.64 -11.49
CA LEU E 145 -5.32 -35.70 -10.60
C LEU E 145 -6.83 -35.92 -10.66
N LYS E 146 -7.39 -36.08 -11.85
CA LYS E 146 -8.84 -36.25 -11.96
C LYS E 146 -9.31 -37.54 -11.28
N LYS E 147 -8.54 -38.63 -11.40
CA LYS E 147 -8.93 -39.88 -10.73
C LYS E 147 -8.89 -39.72 -9.22
N GLN E 148 -7.97 -38.89 -8.72
CA GLN E 148 -7.99 -38.58 -7.30
C GLN E 148 -9.26 -37.85 -6.92
N LEU E 149 -9.73 -36.96 -7.81
CA LEU E 149 -11.00 -36.30 -7.57
C LEU E 149 -12.14 -37.31 -7.52
N TYR E 150 -12.29 -38.12 -8.57
CA TYR E 150 -13.25 -39.22 -8.56
C TYR E 150 -13.28 -39.98 -7.24
N ASN E 151 -12.11 -40.48 -6.83
CA ASN E 151 -12.02 -41.32 -5.64
C ASN E 151 -12.56 -40.59 -4.41
N ILE E 152 -12.20 -39.31 -4.26
CA ILE E 152 -12.64 -38.54 -3.11
C ILE E 152 -14.15 -38.33 -3.15
N TYR E 153 -14.66 -37.81 -4.26
CA TYR E 153 -16.09 -37.60 -4.38
C TYR E 153 -16.86 -38.90 -4.17
N ALA E 154 -16.28 -40.04 -4.55
CA ALA E 154 -16.95 -41.31 -4.38
C ALA E 154 -17.05 -41.69 -2.90
N LYS E 155 -15.93 -41.59 -2.19
CA LYS E 155 -15.90 -41.83 -0.75
C LYS E 155 -16.98 -41.03 -0.02
N HIS E 156 -17.08 -39.72 -0.28
CA HIS E 156 -17.92 -38.87 0.56
C HIS E 156 -19.35 -38.73 0.06
N THR E 157 -19.60 -38.93 -1.23
CA THR E 157 -20.99 -39.05 -1.65
C THR E 157 -21.54 -40.45 -1.43
N LYS E 158 -20.66 -41.41 -1.12
CA LYS E 158 -20.97 -42.84 -1.09
C LYS E 158 -21.52 -43.34 -2.42
N GLN E 159 -21.22 -42.68 -3.52
CA GLN E 159 -21.64 -43.12 -4.85
C GLN E 159 -20.52 -43.93 -5.53
N SER E 160 -20.87 -44.54 -6.66
CA SER E 160 -19.92 -45.36 -7.40
C SER E 160 -19.14 -44.51 -8.40
N LEU E 161 -17.91 -44.95 -8.68
CA LEU E 161 -17.08 -44.25 -9.67
C LEU E 161 -17.83 -44.02 -10.99
N GLN E 162 -18.56 -45.02 -11.47
CA GLN E 162 -19.37 -44.80 -12.67
C GLN E 162 -20.32 -43.61 -12.49
N VAL E 163 -21.10 -43.60 -11.40
CA VAL E 163 -22.02 -42.51 -11.19
C VAL E 163 -21.29 -41.18 -11.11
N ILE E 164 -20.14 -41.16 -10.42
CA ILE E 164 -19.40 -39.91 -10.26
C ILE E 164 -18.88 -39.44 -11.60
N GLU E 165 -18.18 -40.33 -12.33
CA GLU E 165 -17.62 -39.94 -13.62
C GLU E 165 -18.72 -39.51 -14.57
N SER E 166 -19.77 -40.31 -14.70
CA SER E 166 -20.90 -39.93 -15.53
C SER E 166 -21.41 -38.54 -15.15
N ALA E 167 -21.52 -38.26 -13.84
CA ALA E 167 -22.04 -36.97 -13.38
C ALA E 167 -21.09 -35.82 -13.67
N MET E 168 -19.80 -35.98 -13.36
CA MET E 168 -18.81 -34.92 -13.58
C MET E 168 -18.66 -34.57 -15.07
N GLU E 169 -19.13 -35.43 -15.96
CA GLU E 169 -19.11 -35.14 -17.38
C GLU E 169 -20.15 -34.09 -17.77
N ARG E 170 -21.17 -33.85 -16.95
CA ARG E 170 -22.23 -32.92 -17.30
C ARG E 170 -21.83 -31.53 -16.84
N ASP E 171 -21.84 -30.60 -17.79
CA ASP E 171 -21.53 -29.21 -17.55
C ASP E 171 -22.80 -28.54 -17.03
N ARG E 172 -23.12 -28.78 -15.77
CA ARG E 172 -24.30 -28.21 -15.15
C ARG E 172 -24.07 -28.05 -13.66
N TYR E 173 -24.90 -27.20 -13.04
CA TYR E 173 -24.92 -26.97 -11.61
C TYR E 173 -26.12 -27.68 -10.97
N MET E 174 -26.00 -27.99 -9.68
CA MET E 174 -27.03 -28.67 -8.91
C MET E 174 -27.66 -27.72 -7.89
N SER E 175 -28.98 -27.82 -7.73
CA SER E 175 -29.64 -27.18 -6.59
C SER E 175 -29.15 -27.84 -5.30
N PRO E 176 -29.28 -27.17 -4.16
CA PRO E 176 -28.84 -27.82 -2.92
C PRO E 176 -29.62 -29.09 -2.58
N MET E 177 -30.92 -29.17 -2.89
CA MET E 177 -31.63 -30.42 -2.64
C MET E 177 -31.07 -31.53 -3.52
N GLU E 178 -30.82 -31.22 -4.78
CA GLU E 178 -30.15 -32.19 -5.65
C GLU E 178 -28.80 -32.59 -5.09
N ALA E 179 -28.01 -31.60 -4.65
CA ALA E 179 -26.72 -31.89 -4.04
C ALA E 179 -26.87 -32.81 -2.84
N GLN E 180 -27.94 -32.62 -2.07
CA GLN E 180 -28.13 -33.45 -0.89
C GLN E 180 -28.48 -34.89 -1.29
N GLU E 181 -29.41 -35.07 -2.24
CA GLU E 181 -29.76 -36.42 -2.65
C GLU E 181 -28.55 -37.14 -3.23
N PHE E 182 -27.66 -36.41 -3.93
CA PHE E 182 -26.46 -37.01 -4.49
C PHE E 182 -25.47 -37.45 -3.42
N GLY E 183 -25.53 -36.88 -2.23
CA GLY E 183 -24.59 -37.20 -1.18
C GLY E 183 -23.52 -36.14 -0.93
N ILE E 184 -23.65 -34.97 -1.53
CA ILE E 184 -22.62 -33.96 -1.38
C ILE E 184 -22.80 -33.22 -0.08
N LEU E 185 -24.04 -33.01 0.35
CA LEU E 185 -24.27 -32.40 1.63
C LEU E 185 -25.46 -33.10 2.27
N ASP E 186 -25.68 -32.81 3.56
CA ASP E 186 -26.65 -33.48 4.42
C ASP E 186 -27.94 -32.67 4.66
N LYS E 187 -27.85 -31.36 4.83
CA LYS E 187 -29.01 -30.54 5.20
C LYS E 187 -29.01 -29.25 4.39
N VAL E 188 -30.21 -28.80 4.03
CA VAL E 188 -30.43 -27.54 3.33
C VAL E 188 -31.34 -26.72 4.22
N LEU E 189 -30.82 -25.62 4.77
CA LEU E 189 -31.52 -24.87 5.80
C LEU E 189 -31.93 -23.50 5.27
N VAL E 190 -33.22 -23.17 5.41
CA VAL E 190 -33.67 -21.80 5.15
C VAL E 190 -33.52 -20.92 6.37
N HIS E 191 -33.82 -21.48 7.54
CA HIS E 191 -33.78 -20.84 8.85
C HIS E 191 -33.22 -21.84 9.83
N PRO E 192 -32.70 -21.40 10.97
CA PRO E 192 -32.17 -22.36 11.95
C PRO E 192 -33.25 -23.31 12.41
N PRO E 193 -32.93 -24.58 12.59
CA PRO E 193 -33.96 -25.54 13.02
C PRO E 193 -34.26 -25.41 14.50
N GLN E 194 -35.51 -25.79 14.84
CA GLN E 194 -35.93 -26.12 16.21
C GLN E 194 -37.10 -27.12 16.20
N SER F 1 -3.96 -11.77 0.95
CA SER F 1 -5.05 -10.86 1.22
C SER F 1 -5.07 -10.57 2.69
N LEU F 2 -6.21 -10.59 3.37
CA LEU F 2 -6.17 -10.31 4.80
C LEU F 2 -5.60 -11.50 5.55
N ILE F 3 -4.67 -11.22 6.45
CA ILE F 3 -4.06 -12.27 7.29
C ILE F 3 -4.69 -12.20 8.67
N PRO F 4 -5.23 -13.29 9.19
CA PRO F 4 -5.92 -13.25 10.47
C PRO F 4 -4.98 -13.01 11.63
N ILE F 5 -5.52 -12.41 12.69
CA ILE F 5 -4.86 -12.29 13.97
C ILE F 5 -5.48 -13.28 14.93
N VAL F 6 -4.64 -13.94 15.75
CA VAL F 6 -5.08 -14.85 16.81
C VAL F 6 -4.50 -14.35 18.13
N VAL F 7 -5.16 -14.72 19.23
CA VAL F 7 -4.69 -14.35 20.57
C VAL F 7 -4.35 -15.59 21.42
N GLU F 8 -3.13 -15.57 21.94
CA GLU F 8 -2.64 -16.59 22.83
C GLU F 8 -2.47 -16.01 24.22
N GLN F 9 -2.41 -16.86 25.23
CA GLN F 9 -2.26 -16.40 26.61
C GLN F 9 -0.96 -16.95 27.21
N THR F 10 -0.14 -16.07 27.75
CA THR F 10 1.13 -16.47 28.34
C THR F 10 1.34 -15.82 29.72
N GLY F 11 2.48 -16.10 30.33
CA GLY F 11 2.79 -15.53 31.63
C GLY F 11 3.06 -14.04 31.58
N ARG F 12 2.27 -13.34 30.77
CA ARG F 12 2.53 -11.93 30.49
C ARG F 12 1.54 -11.41 29.48
N GLY F 13 0.53 -12.23 29.17
CA GLY F 13 -0.48 -11.85 28.21
C GLY F 13 -1.27 -10.62 28.65
N GLU F 14 -2.27 -10.22 27.86
CA GLU F 14 -2.65 -10.90 26.62
C GLU F 14 -1.62 -10.66 25.53
N ARG F 15 -1.83 -11.28 24.37
CA ARG F 15 -0.92 -11.13 23.24
C ARG F 15 -1.61 -11.47 21.92
N ALA F 16 -1.28 -10.73 20.88
CA ALA F 16 -1.87 -10.94 19.55
C ALA F 16 -0.80 -11.21 18.50
N TYR F 17 -1.00 -12.26 17.70
CA TYR F 17 -0.12 -12.65 16.61
C TYR F 17 -0.87 -12.75 15.30
N ASP F 18 -0.23 -12.35 14.20
CA ASP F 18 -0.73 -12.78 12.90
C ASP F 18 -0.45 -14.28 12.77
N ILE F 19 -1.48 -15.02 12.35
CA ILE F 19 -1.50 -16.47 12.29
C ILE F 19 -0.16 -17.08 11.85
N TYR F 20 0.59 -16.40 10.97
CA TYR F 20 1.85 -16.98 10.47
C TYR F 20 2.97 -16.82 11.48
N SER F 21 3.11 -15.61 12.03
CA SER F 21 3.99 -15.46 13.18
C SER F 21 3.60 -16.42 14.31
N ARG F 22 2.32 -16.69 14.49
CA ARG F 22 1.92 -17.66 15.49
C ARG F 22 2.50 -19.03 15.17
N LEU F 23 2.39 -19.46 13.91
CA LEU F 23 2.90 -20.77 13.54
C LEU F 23 4.42 -20.82 13.65
N LEU F 24 5.08 -19.69 13.41
CA LEU F 24 6.53 -19.66 13.60
C LEU F 24 6.88 -19.90 15.05
N ARG F 25 6.03 -19.46 15.99
CA ARG F 25 6.28 -19.71 17.40
C ARG F 25 6.25 -21.20 17.73
N GLU F 26 5.47 -21.99 17.00
CA GLU F 26 5.56 -23.43 17.14
C GLU F 26 6.69 -24.02 16.30
N ARG F 27 7.65 -23.23 15.86
CA ARG F 27 8.78 -23.71 15.05
C ARG F 27 8.31 -24.36 13.75
N ILE F 28 7.33 -23.73 13.09
CA ILE F 28 6.87 -24.11 11.77
C ILE F 28 7.32 -23.06 10.77
N VAL F 29 8.06 -23.50 9.75
CA VAL F 29 8.46 -22.64 8.63
C VAL F 29 7.63 -23.04 7.41
N CYS F 30 6.74 -22.15 6.98
CA CYS F 30 5.95 -22.38 5.79
C CYS F 30 6.78 -22.00 4.55
N VAL F 31 7.03 -22.97 3.66
CA VAL F 31 7.67 -22.75 2.37
C VAL F 31 6.58 -22.92 1.33
N MET F 32 5.99 -21.84 0.88
CA MET F 32 4.85 -21.92 -0.03
C MET F 32 5.14 -21.17 -1.32
N GLY F 33 4.72 -21.75 -2.43
CA GLY F 33 4.80 -21.11 -3.73
C GLY F 33 6.17 -21.18 -4.33
N PRO F 34 6.35 -20.47 -5.45
CA PRO F 34 7.63 -20.52 -6.15
C PRO F 34 8.74 -19.95 -5.29
N ILE F 35 9.85 -20.67 -5.24
CA ILE F 35 11.00 -20.30 -4.41
C ILE F 35 11.89 -19.37 -5.21
N ASP F 36 12.15 -18.19 -4.66
CA ASP F 36 13.08 -17.23 -5.24
C ASP F 36 13.93 -16.64 -4.12
N ASP F 37 14.88 -15.77 -4.49
CA ASP F 37 15.83 -15.21 -3.52
C ASP F 37 15.14 -14.66 -2.30
N SER F 38 14.02 -13.95 -2.50
CA SER F 38 13.30 -13.35 -1.38
C SER F 38 12.67 -14.41 -0.46
N VAL F 39 12.09 -15.46 -1.03
CA VAL F 39 11.62 -16.57 -0.20
C VAL F 39 12.79 -17.25 0.52
N ALA F 40 13.86 -17.53 -0.21
CA ALA F 40 15.02 -18.18 0.40
C ALA F 40 15.56 -17.34 1.55
N SER F 41 15.52 -16.03 1.42
CA SER F 41 16.01 -15.17 2.48
C SER F 41 15.07 -15.15 3.69
N LEU F 42 13.76 -15.12 3.45
CA LEU F 42 12.81 -15.22 4.56
C LEU F 42 12.88 -16.58 5.25
N VAL F 43 12.94 -17.68 4.48
CA VAL F 43 13.04 -19.01 5.08
C VAL F 43 14.33 -19.17 5.88
N ILE F 44 15.46 -18.76 5.30
CA ILE F 44 16.73 -18.94 6.00
C ILE F 44 16.74 -18.17 7.32
N ALA F 45 16.13 -16.97 7.34
CA ALA F 45 16.08 -16.17 8.56
C ALA F 45 15.29 -16.87 9.67
N GLN F 46 14.17 -17.51 9.30
CA GLN F 46 13.42 -18.30 10.25
C GLN F 46 14.27 -19.45 10.82
N LEU F 47 14.90 -20.23 9.95
CA LEU F 47 15.75 -21.35 10.38
C LEU F 47 16.82 -20.90 11.37
N LEU F 48 17.55 -19.83 11.03
CA LEU F 48 18.60 -19.34 11.92
C LEU F 48 18.00 -18.86 13.23
N PHE F 49 16.89 -18.15 13.16
CA PHE F 49 16.27 -17.66 14.38
C PHE F 49 15.82 -18.82 15.26
N LEU F 50 15.22 -19.86 14.66
CA LEU F 50 14.69 -20.97 15.43
C LEU F 50 15.80 -21.77 16.11
N GLN F 51 16.89 -22.06 15.38
CA GLN F 51 18.05 -22.70 16.01
C GLN F 51 18.63 -21.83 17.12
N SER F 52 18.61 -20.52 16.97
CA SER F 52 19.15 -19.70 18.04
C SER F 52 18.27 -19.71 19.28
N GLU F 53 16.98 -20.03 19.13
CA GLU F 53 16.12 -20.21 20.29
C GLU F 53 16.30 -21.59 20.91
N SER F 54 16.51 -22.61 20.08
CA SER F 54 16.99 -23.90 20.53
C SER F 54 17.59 -24.61 19.32
N ASN F 55 18.82 -25.06 19.45
CA ASN F 55 19.46 -25.87 18.42
C ASN F 55 19.17 -27.36 18.56
N LYS F 56 18.19 -27.73 19.36
CA LYS F 56 17.84 -29.11 19.65
C LYS F 56 16.38 -29.40 19.39
N LYS F 57 15.49 -28.45 19.68
CA LYS F 57 14.08 -28.60 19.38
C LYS F 57 13.91 -28.80 17.87
N PRO F 58 13.09 -29.73 17.44
CA PRO F 58 12.88 -29.93 16.00
C PRO F 58 12.28 -28.69 15.35
N ILE F 59 12.35 -28.68 14.02
CA ILE F 59 11.87 -27.58 13.17
C ILE F 59 11.01 -28.20 12.07
N HIS F 60 9.83 -27.65 11.85
CA HIS F 60 8.87 -28.26 10.95
C HIS F 60 8.71 -27.40 9.71
N MET F 61 8.96 -28.00 8.55
CA MET F 61 9.04 -27.30 7.27
C MET F 61 7.88 -27.80 6.42
N TYR F 62 6.81 -27.02 6.37
CA TYR F 62 5.63 -27.35 5.57
C TYR F 62 5.84 -26.80 4.17
N ILE F 63 5.77 -27.69 3.17
CA ILE F 63 6.22 -27.40 1.82
C ILE F 63 5.05 -27.65 0.88
N ASN F 64 4.57 -26.60 0.23
CA ASN F 64 3.63 -26.69 -0.88
C ASN F 64 4.15 -25.75 -1.96
N SER F 65 4.86 -26.31 -2.95
CA SER F 65 5.65 -25.48 -3.85
C SER F 65 5.91 -26.14 -5.19
N PRO F 66 5.83 -25.39 -6.29
CA PRO F 66 6.05 -25.96 -7.61
C PRO F 66 7.49 -25.90 -8.10
N GLY F 67 8.40 -25.34 -7.30
CA GLY F 67 9.79 -25.24 -7.65
C GLY F 67 10.26 -23.83 -7.50
N GLY F 68 11.36 -23.50 -8.17
CA GLY F 68 11.88 -22.16 -8.06
C GLY F 68 13.31 -22.05 -8.55
N VAL F 69 13.88 -20.88 -8.28
CA VAL F 69 15.27 -20.55 -8.61
C VAL F 69 16.22 -21.53 -7.93
N VAL F 70 17.06 -22.19 -8.73
CA VAL F 70 17.94 -23.26 -8.24
C VAL F 70 18.89 -22.73 -7.16
N THR F 71 19.53 -21.59 -7.40
CA THR F 71 20.49 -21.10 -6.41
C THR F 71 19.80 -20.69 -5.12
N ALA F 72 18.54 -20.24 -5.21
CA ALA F 72 17.78 -19.92 -4.00
C ALA F 72 17.39 -21.19 -3.26
N GLY F 73 16.94 -22.21 -3.96
CA GLY F 73 16.67 -23.47 -3.29
C GLY F 73 17.89 -24.06 -2.63
N LEU F 74 19.05 -23.98 -3.29
CA LEU F 74 20.28 -24.51 -2.71
C LEU F 74 20.72 -23.73 -1.47
N ALA F 75 20.43 -22.42 -1.41
CA ALA F 75 20.74 -21.69 -0.17
C ALA F 75 19.92 -22.26 0.99
N ILE F 76 18.65 -22.52 0.75
CA ILE F 76 17.81 -23.16 1.77
C ILE F 76 18.40 -24.52 2.14
N TYR F 77 18.59 -25.40 1.15
CA TYR F 77 19.18 -26.72 1.40
C TYR F 77 20.45 -26.62 2.23
N ASP F 78 21.39 -25.76 1.84
CA ASP F 78 22.65 -25.67 2.56
C ASP F 78 22.43 -25.22 4.00
N THR F 79 21.44 -24.37 4.25
CA THR F 79 21.15 -23.94 5.61
C THR F 79 20.44 -25.03 6.43
N MET F 80 19.63 -25.87 5.78
CA MET F 80 19.08 -27.03 6.49
C MET F 80 20.19 -27.92 7.01
N GLN F 81 21.20 -28.17 6.17
CA GLN F 81 22.35 -28.98 6.62
C GLN F 81 23.09 -28.30 7.75
N TYR F 82 23.33 -26.99 7.65
CA TYR F 82 24.24 -26.32 8.56
C TYR F 82 23.68 -26.26 9.98
N ILE F 83 22.40 -25.93 10.12
CA ILE F 83 21.82 -25.91 11.46
C ILE F 83 21.80 -27.33 12.01
N LEU F 84 21.73 -27.41 13.35
CA LEU F 84 21.78 -28.69 14.05
C LEU F 84 20.42 -29.35 14.18
N ASN F 85 19.35 -28.56 14.21
CA ASN F 85 18.06 -29.10 14.62
C ASN F 85 17.61 -30.24 13.71
N PRO F 86 16.95 -31.25 14.26
CA PRO F 86 16.18 -32.15 13.40
C PRO F 86 15.17 -31.32 12.61
N ILE F 87 15.05 -31.63 11.33
CA ILE F 87 14.10 -30.95 10.48
C ILE F 87 13.09 -31.98 10.00
N CYS F 88 11.82 -31.76 10.34
CA CYS F 88 10.71 -32.51 9.77
CA CYS F 88 10.73 -32.52 9.75
C CYS F 88 10.21 -31.76 8.54
N THR F 89 10.17 -32.42 7.40
CA THR F 89 9.57 -31.81 6.23
C THR F 89 8.20 -32.43 6.01
N TRP F 90 7.22 -31.61 5.70
CA TRP F 90 5.83 -32.04 5.56
C TRP F 90 5.31 -31.51 4.24
N CYS F 91 5.00 -32.41 3.30
CA CYS F 91 4.56 -31.99 1.97
C CYS F 91 3.05 -32.00 1.87
N VAL F 92 2.47 -30.84 1.63
CA VAL F 92 1.04 -30.69 1.45
C VAL F 92 0.81 -30.02 0.09
N GLY F 93 -0.17 -30.51 -0.66
CA GLY F 93 -0.34 -29.98 -2.00
C GLY F 93 0.64 -30.55 -3.01
N GLN F 94 1.83 -29.99 -3.10
CA GLN F 94 2.83 -30.59 -3.98
C GLN F 94 4.21 -30.14 -3.55
N ALA F 95 5.20 -30.94 -3.95
CA ALA F 95 6.60 -30.52 -3.95
C ALA F 95 7.20 -30.89 -5.31
N ALA F 96 7.38 -29.89 -6.18
CA ALA F 96 7.97 -30.08 -7.50
C ALA F 96 9.30 -29.33 -7.60
N SER F 97 10.25 -29.93 -8.32
CA SER F 97 11.54 -29.26 -8.62
C SER F 97 12.26 -28.98 -7.30
N MET F 98 12.75 -27.77 -7.05
CA MET F 98 13.45 -27.49 -5.80
C MET F 98 12.58 -27.74 -4.58
N GLY F 99 11.26 -27.69 -4.73
CA GLY F 99 10.38 -28.08 -3.63
C GLY F 99 10.65 -29.48 -3.13
N SER F 100 10.69 -30.47 -4.03
CA SER F 100 10.91 -31.82 -3.57
C SER F 100 12.35 -32.06 -3.12
N LEU F 101 13.28 -31.21 -3.53
CA LEU F 101 14.62 -31.28 -2.96
C LEU F 101 14.60 -30.91 -1.48
N LEU F 102 13.85 -29.87 -1.12
CA LEU F 102 13.73 -29.51 0.29
C LEU F 102 12.99 -30.59 1.07
N LEU F 103 11.94 -31.17 0.47
CA LEU F 103 11.25 -32.30 1.08
C LEU F 103 12.22 -33.43 1.37
N ALA F 104 13.05 -33.79 0.38
CA ALA F 104 13.94 -34.93 0.58
C ALA F 104 15.06 -34.65 1.58
N ALA F 105 15.28 -33.39 1.95
CA ALA F 105 16.45 -33.10 2.76
C ALA F 105 16.18 -33.09 4.25
N GLY F 106 14.94 -33.25 4.69
CA GLY F 106 14.66 -33.37 6.12
C GLY F 106 15.41 -34.51 6.76
N THR F 107 15.41 -34.52 8.11
CA THR F 107 16.20 -35.51 8.83
C THR F 107 15.64 -36.90 8.55
N PRO F 108 16.49 -37.88 8.22
CA PRO F 108 15.99 -39.19 7.84
C PRO F 108 15.03 -39.77 8.88
N GLY F 109 13.89 -40.25 8.40
CA GLY F 109 12.81 -40.67 9.26
C GLY F 109 11.74 -39.62 9.49
N MET F 110 12.08 -38.34 9.29
CA MET F 110 11.17 -37.25 9.62
C MET F 110 10.64 -36.52 8.38
N ARG F 111 10.46 -37.21 7.26
CA ARG F 111 9.99 -36.61 6.01
C ARG F 111 8.62 -37.20 5.68
N HIS F 112 7.59 -36.38 5.71
CA HIS F 112 6.26 -36.92 5.52
C HIS F 112 5.54 -36.23 4.36
N SER F 113 4.46 -36.87 3.91
CA SER F 113 3.54 -36.24 3.00
C SER F 113 2.11 -36.58 3.41
N LEU F 114 1.19 -35.72 3.01
CA LEU F 114 -0.20 -36.10 3.08
C LEU F 114 -0.54 -36.97 1.88
N PRO F 115 -1.65 -37.71 1.92
CA PRO F 115 -1.86 -38.76 0.91
C PRO F 115 -2.14 -38.26 -0.51
N ASN F 116 -2.73 -37.09 -0.69
CA ASN F 116 -3.08 -36.63 -2.04
C ASN F 116 -2.05 -35.67 -2.60
N SER F 117 -0.91 -35.50 -1.93
CA SER F 117 0.17 -34.70 -2.49
C SER F 117 0.70 -35.30 -3.79
N ARG F 118 1.41 -34.45 -4.55
CA ARG F 118 2.12 -34.87 -5.75
C ARG F 118 3.57 -34.43 -5.68
N ILE F 119 4.51 -35.35 -5.95
CA ILE F 119 5.93 -35.09 -5.82
C ILE F 119 6.59 -35.25 -7.19
N MET F 120 7.41 -34.28 -7.58
CA MET F 120 8.07 -34.30 -8.88
C MET F 120 9.55 -33.95 -8.75
N ILE F 121 10.38 -34.85 -9.27
CA ILE F 121 11.84 -34.78 -9.24
C ILE F 121 12.39 -34.17 -10.52
N HIS F 122 11.65 -34.25 -11.63
CA HIS F 122 11.96 -33.58 -12.88
C HIS F 122 12.02 -32.05 -12.71
N GLN F 123 12.93 -31.41 -13.45
CA GLN F 123 13.21 -29.98 -13.53
C GLN F 123 12.48 -29.35 -14.70
N PRO F 124 11.97 -28.13 -14.59
CA PRO F 124 11.27 -27.50 -15.71
C PRO F 124 12.22 -27.08 -16.81
N SER F 125 11.69 -26.95 -18.01
CA SER F 125 12.50 -26.42 -19.09
C SER F 125 12.50 -24.90 -19.09
N GLY F 130 8.01 -18.27 -14.33
CA GLY F 130 8.72 -19.19 -13.44
C GLY F 130 10.17 -19.39 -13.84
N GLN F 131 11.07 -18.60 -13.25
CA GLN F 131 12.49 -18.59 -13.57
C GLN F 131 13.22 -19.72 -12.84
N ALA F 132 14.41 -20.08 -13.35
CA ALA F 132 15.30 -21.02 -12.69
C ALA F 132 16.68 -20.45 -12.40
N THR F 133 17.01 -19.27 -12.94
CA THR F 133 18.24 -18.55 -12.61
C THR F 133 17.93 -17.06 -12.50
N ASP F 134 18.75 -16.35 -11.70
CA ASP F 134 18.59 -14.91 -11.57
C ASP F 134 19.01 -14.20 -12.86
N ILE F 135 20.25 -14.42 -13.27
CA ILE F 135 20.81 -13.85 -14.49
C ILE F 135 20.92 -14.96 -15.53
N ALA F 136 21.06 -14.55 -16.80
CA ALA F 136 21.20 -15.52 -17.89
C ALA F 136 22.49 -16.32 -17.73
N ILE F 137 22.42 -17.62 -18.07
CA ILE F 137 23.38 -18.61 -17.60
C ILE F 137 23.89 -19.43 -18.78
N GLN F 138 25.21 -19.66 -18.80
CA GLN F 138 25.85 -20.43 -19.85
C GLN F 138 25.53 -21.93 -19.71
N ALA F 139 25.71 -22.66 -20.81
CA ALA F 139 25.31 -24.06 -20.82
C ALA F 139 26.10 -24.89 -19.82
N GLU F 140 27.40 -24.65 -19.71
CA GLU F 140 28.19 -25.39 -18.73
C GLU F 140 27.77 -25.06 -17.31
N GLU F 141 27.35 -23.82 -17.06
CA GLU F 141 26.91 -23.50 -15.72
C GLU F 141 25.61 -24.20 -15.38
N ILE F 142 24.67 -24.34 -16.33
CA ILE F 142 23.43 -25.03 -16.01
C ILE F 142 23.67 -26.53 -15.82
N MET F 143 24.66 -27.10 -16.50
CA MET F 143 24.95 -28.50 -16.25
C MET F 143 25.58 -28.70 -14.89
N LYS F 144 26.38 -27.73 -14.43
CA LYS F 144 26.96 -27.87 -13.10
C LYS F 144 25.88 -27.85 -12.04
N LEU F 145 24.90 -26.96 -12.19
CA LEU F 145 23.78 -26.92 -11.24
C LEU F 145 23.01 -28.23 -11.28
N LYS F 146 22.74 -28.74 -12.47
CA LYS F 146 21.99 -29.99 -12.51
C LYS F 146 22.78 -31.14 -11.90
N LYS F 147 24.11 -31.13 -12.01
CA LYS F 147 24.90 -32.18 -11.35
C LYS F 147 24.89 -31.97 -9.84
N GLN F 148 24.83 -30.71 -9.39
CA GLN F 148 24.68 -30.45 -7.97
C GLN F 148 23.36 -31.00 -7.46
N LEU F 149 22.31 -30.88 -8.26
CA LEU F 149 21.04 -31.47 -7.88
C LEU F 149 21.12 -32.98 -7.90
N TYR F 150 21.74 -33.56 -8.94
CA TYR F 150 21.91 -35.01 -9.04
C TYR F 150 22.56 -35.59 -7.77
N ASN F 151 23.62 -34.95 -7.30
CA ASN F 151 24.33 -35.45 -6.11
C ASN F 151 23.47 -35.37 -4.87
N ILE F 152 22.71 -34.28 -4.73
CA ILE F 152 21.92 -34.08 -3.51
C ILE F 152 20.79 -35.08 -3.44
N TYR F 153 20.02 -35.25 -4.52
CA TYR F 153 18.99 -36.28 -4.51
C TYR F 153 19.57 -37.66 -4.21
N ALA F 154 20.72 -37.97 -4.82
CA ALA F 154 21.30 -39.30 -4.62
C ALA F 154 21.63 -39.53 -3.15
N LYS F 155 22.34 -38.56 -2.54
CA LYS F 155 22.71 -38.65 -1.13
C LYS F 155 21.48 -38.87 -0.25
N HIS F 156 20.37 -38.22 -0.56
CA HIS F 156 19.25 -38.24 0.35
C HIS F 156 18.22 -39.30 0.00
N THR F 157 18.21 -39.79 -1.24
CA THR F 157 17.35 -40.91 -1.57
C THR F 157 18.08 -42.23 -1.42
N LYS F 158 19.39 -42.19 -1.13
CA LYS F 158 20.23 -43.38 -1.09
C LYS F 158 20.17 -44.15 -2.41
N GLN F 159 19.85 -43.47 -3.51
CA GLN F 159 19.89 -44.04 -4.84
C GLN F 159 21.21 -43.68 -5.52
N SER F 160 21.48 -44.38 -6.62
CA SER F 160 22.67 -44.16 -7.43
C SER F 160 22.45 -43.02 -8.41
N LEU F 161 23.55 -42.35 -8.78
CA LEU F 161 23.44 -41.23 -9.71
C LEU F 161 22.77 -41.66 -11.01
N GLN F 162 22.98 -42.87 -11.41
CA GLN F 162 22.37 -43.29 -12.61
C GLN F 162 20.89 -43.41 -12.45
N VAL F 163 20.44 -43.95 -11.35
CA VAL F 163 19.01 -44.09 -11.09
C VAL F 163 18.36 -42.72 -10.95
N ILE F 164 19.07 -41.76 -10.35
CA ILE F 164 18.53 -40.41 -10.18
C ILE F 164 18.38 -39.73 -11.54
N GLU F 165 19.45 -39.71 -12.36
CA GLU F 165 19.43 -38.99 -13.62
C GLU F 165 18.38 -39.57 -14.55
N SER F 166 18.23 -40.89 -14.54
CA SER F 166 17.21 -41.53 -15.35
C SER F 166 15.82 -41.07 -14.91
N ALA F 167 15.59 -41.01 -13.59
CA ALA F 167 14.29 -40.61 -13.04
C ALA F 167 13.97 -39.15 -13.36
N MET F 168 14.95 -38.25 -13.21
CA MET F 168 14.70 -36.84 -13.49
C MET F 168 14.46 -36.58 -14.97
N GLU F 169 14.80 -37.53 -15.83
CA GLU F 169 14.44 -37.37 -17.24
C GLU F 169 12.95 -37.50 -17.45
N ARG F 170 12.27 -38.26 -16.61
CA ARG F 170 10.85 -38.57 -16.83
C ARG F 170 10.00 -37.38 -16.39
N ASP F 171 9.15 -36.89 -17.30
CA ASP F 171 8.30 -35.73 -17.03
C ASP F 171 7.00 -36.20 -16.38
N ARG F 172 7.14 -36.65 -15.14
CA ARG F 172 6.00 -37.20 -14.42
C ARG F 172 6.04 -36.75 -12.97
N TYR F 173 4.89 -36.83 -12.33
CA TYR F 173 4.77 -36.69 -10.88
C TYR F 173 4.66 -38.08 -10.27
N MET F 174 5.16 -38.23 -9.03
CA MET F 174 5.02 -39.46 -8.27
C MET F 174 3.91 -39.30 -7.23
N SER F 175 3.32 -40.42 -6.83
CA SER F 175 2.46 -40.41 -5.66
C SER F 175 3.32 -40.36 -4.39
N PRO F 176 2.74 -40.01 -3.24
CA PRO F 176 3.53 -40.06 -2.01
C PRO F 176 4.02 -41.46 -1.68
N MET F 177 3.28 -42.49 -2.09
CA MET F 177 3.79 -43.84 -1.91
C MET F 177 5.00 -44.11 -2.79
N GLU F 178 4.96 -43.71 -4.07
CA GLU F 178 6.14 -43.88 -4.92
C GLU F 178 7.32 -43.08 -4.37
N ALA F 179 7.07 -41.83 -3.99
CA ALA F 179 8.16 -40.99 -3.51
C ALA F 179 8.81 -41.60 -2.28
N GLN F 180 8.04 -42.36 -1.51
CA GLN F 180 8.60 -43.01 -0.34
C GLN F 180 9.46 -44.21 -0.72
N GLU F 181 8.98 -45.04 -1.66
CA GLU F 181 9.79 -46.16 -2.15
C GLU F 181 11.12 -45.66 -2.71
N PHE F 182 11.09 -44.55 -3.43
CA PHE F 182 12.27 -44.03 -4.10
C PHE F 182 13.25 -43.40 -3.12
N GLY F 183 12.85 -43.15 -1.87
CA GLY F 183 13.74 -42.48 -0.92
C GLY F 183 13.60 -40.98 -0.79
N ILE F 184 12.52 -40.38 -1.32
CA ILE F 184 12.33 -38.94 -1.19
C ILE F 184 11.71 -38.57 0.15
N LEU F 185 10.81 -39.41 0.67
CA LEU F 185 10.21 -39.17 1.97
C LEU F 185 10.05 -40.51 2.68
N ASP F 186 9.64 -40.47 3.95
CA ASP F 186 9.63 -41.64 4.84
C ASP F 186 8.25 -42.21 5.17
N LYS F 187 7.25 -41.36 5.41
CA LYS F 187 5.94 -41.81 5.84
C LYS F 187 4.86 -41.01 5.13
N VAL F 188 3.85 -41.70 4.62
CA VAL F 188 2.63 -41.07 4.14
C VAL F 188 1.57 -41.20 5.23
N LEU F 189 1.00 -40.08 5.67
CA LEU F 189 0.11 -40.08 6.83
C LEU F 189 -1.27 -39.54 6.46
N VAL F 190 -2.29 -40.40 6.51
CA VAL F 190 -3.67 -39.93 6.35
C VAL F 190 -4.17 -39.29 7.64
N HIS F 191 -3.84 -39.88 8.79
CA HIS F 191 -4.27 -39.44 10.11
C HIS F 191 -3.08 -39.54 11.03
N PRO F 192 -3.09 -38.81 12.13
CA PRO F 192 -2.01 -38.95 13.10
C PRO F 192 -1.89 -40.40 13.54
N PRO F 193 -0.68 -40.90 13.69
CA PRO F 193 -0.51 -42.28 14.18
C PRO F 193 -0.76 -42.38 15.69
N GLN F 194 -1.18 -43.58 16.11
CA GLN F 194 -1.37 -43.96 17.52
C GLN F 194 -2.16 -42.93 18.35
N SER G 1 5.49 -11.94 0.45
CA SER G 1 6.40 -11.50 1.48
C SER G 1 5.74 -10.82 2.67
N LEU G 2 5.21 -11.62 3.57
CA LEU G 2 4.62 -11.14 4.80
C LEU G 2 5.76 -11.45 5.72
N ILE G 3 6.38 -10.43 6.28
CA ILE G 3 7.52 -10.60 7.19
C ILE G 3 7.02 -11.00 8.57
N PRO G 4 7.44 -12.13 9.11
CA PRO G 4 6.93 -12.57 10.41
C PRO G 4 7.56 -11.80 11.56
N ILE G 5 6.79 -11.70 12.66
CA ILE G 5 7.20 -11.03 13.88
C ILE G 5 7.61 -12.09 14.90
N VAL G 6 8.80 -11.92 15.47
CA VAL G 6 9.29 -12.80 16.53
C VAL G 6 9.40 -11.96 17.80
N VAL G 7 9.26 -12.62 18.94
CA VAL G 7 9.36 -11.94 20.23
C VAL G 7 10.53 -12.54 21.00
N GLU G 8 11.45 -11.68 21.45
CA GLU G 8 12.59 -12.11 22.24
C GLU G 8 12.63 -11.34 23.56
N GLN G 9 13.42 -11.83 24.50
CA GLN G 9 13.28 -11.51 25.92
C GLN G 9 14.48 -10.70 26.42
N THR G 10 14.55 -9.45 25.98
CA THR G 10 15.63 -8.55 26.37
C THR G 10 15.26 -7.68 27.55
N GLY G 11 16.18 -6.83 27.98
CA GLY G 11 15.96 -5.93 29.09
C GLY G 11 14.96 -4.83 28.76
N ARG G 12 13.91 -4.68 29.57
CA ARG G 12 13.68 -5.52 30.75
C ARG G 12 12.25 -6.06 30.77
N GLY G 13 11.90 -6.83 29.74
CA GLY G 13 10.57 -7.41 29.64
C GLY G 13 10.49 -8.31 28.42
N GLU G 14 9.77 -7.85 27.39
CA GLU G 14 9.78 -8.53 26.09
C GLU G 14 9.40 -7.52 25.02
N ARG G 15 10.16 -7.49 23.93
CA ARG G 15 9.89 -6.60 22.80
C ARG G 15 9.73 -7.43 21.53
N ALA G 16 8.99 -6.88 20.56
CA ALA G 16 8.66 -7.60 19.34
C ALA G 16 9.29 -6.91 18.14
N TYR G 17 10.16 -7.63 17.43
CA TYR G 17 10.82 -7.16 16.22
C TYR G 17 10.33 -7.96 15.01
N ASP G 18 10.28 -7.32 13.85
CA ASP G 18 10.22 -8.08 12.62
C ASP G 18 11.54 -8.84 12.42
N ILE G 19 11.48 -9.97 11.71
CA ILE G 19 12.56 -10.94 11.85
C ILE G 19 13.88 -10.39 11.33
N TYR G 20 13.84 -9.47 10.36
CA TYR G 20 15.07 -8.89 9.84
C TYR G 20 15.65 -7.87 10.82
N SER G 21 14.81 -7.05 11.44
CA SER G 21 15.31 -6.16 12.49
C SER G 21 15.94 -6.96 13.62
N ARG G 22 15.41 -8.16 13.88
CA ARG G 22 15.96 -9.02 14.90
C ARG G 22 17.36 -9.53 14.51
N LEU G 23 17.56 -9.86 13.23
CA LEU G 23 18.90 -10.25 12.77
C LEU G 23 19.88 -9.08 12.88
N LEU G 24 19.42 -7.85 12.66
CA LEU G 24 20.28 -6.69 12.83
C LEU G 24 20.72 -6.51 14.28
N ARG G 25 19.89 -6.95 15.24
CA ARG G 25 20.32 -6.94 16.64
C ARG G 25 21.55 -7.83 16.86
N GLU G 26 21.70 -8.91 16.07
CA GLU G 26 22.88 -9.76 16.17
C GLU G 26 24.03 -9.27 15.34
N ARG G 27 23.96 -8.02 14.86
CA ARG G 27 25.02 -7.45 14.02
C ARG G 27 25.10 -8.14 12.64
N ILE G 28 23.95 -8.55 12.09
CA ILE G 28 23.89 -9.23 10.80
C ILE G 28 23.23 -8.29 9.80
N VAL G 29 23.85 -8.16 8.64
CA VAL G 29 23.38 -7.28 7.57
C VAL G 29 23.14 -8.16 6.36
N CYS G 30 21.90 -8.20 5.88
CA CYS G 30 21.53 -9.06 4.75
C CYS G 30 21.72 -8.31 3.44
N VAL G 31 22.37 -8.93 2.47
CA VAL G 31 22.56 -8.35 1.13
C VAL G 31 21.95 -9.33 0.14
N MET G 32 20.68 -9.12 -0.20
CA MET G 32 19.89 -10.06 -0.99
C MET G 32 19.46 -9.37 -2.27
N GLY G 33 19.57 -10.09 -3.37
CA GLY G 33 19.05 -9.61 -4.63
C GLY G 33 19.95 -8.60 -5.30
N PRO G 34 19.48 -8.03 -6.40
CA PRO G 34 20.30 -7.05 -7.12
C PRO G 34 20.58 -5.81 -6.28
N ILE G 35 21.85 -5.37 -6.32
CA ILE G 35 22.32 -4.26 -5.49
C ILE G 35 22.13 -2.96 -6.24
N ASP G 36 21.28 -2.07 -5.75
CA ASP G 36 21.16 -0.74 -6.36
C ASP G 36 21.41 0.38 -5.35
N ASP G 37 21.11 1.63 -5.69
CA ASP G 37 21.38 2.73 -4.77
C ASP G 37 20.61 2.59 -3.46
N SER G 38 19.35 2.13 -3.52
CA SER G 38 18.57 1.96 -2.29
C SER G 38 19.16 0.89 -1.40
N VAL G 39 19.47 -0.28 -1.98
CA VAL G 39 20.13 -1.33 -1.22
C VAL G 39 21.40 -0.82 -0.58
N ALA G 40 22.25 -0.15 -1.36
CA ALA G 40 23.47 0.44 -0.84
C ALA G 40 23.19 1.44 0.26
N SER G 41 22.13 2.23 0.10
CA SER G 41 21.73 3.15 1.16
C SER G 41 21.45 2.40 2.47
N LEU G 42 20.57 1.39 2.47
CA LEU G 42 20.23 0.67 3.69
C LEU G 42 21.42 -0.08 4.26
N VAL G 43 22.18 -0.74 3.41
CA VAL G 43 23.33 -1.51 3.91
C VAL G 43 24.32 -0.58 4.61
N ILE G 44 24.66 0.52 3.95
CA ILE G 44 25.58 1.48 4.56
C ILE G 44 25.00 2.01 5.86
N ALA G 45 23.70 2.35 5.87
CA ALA G 45 23.09 2.84 7.10
C ALA G 45 23.27 1.84 8.24
N GLN G 46 23.12 0.56 7.92
CA GLN G 46 23.26 -0.48 8.93
C GLN G 46 24.72 -0.61 9.38
N LEU G 47 25.66 -0.66 8.44
CA LEU G 47 27.07 -0.72 8.83
C LEU G 47 27.47 0.49 9.66
N LEU G 48 27.02 1.68 9.27
CA LEU G 48 27.32 2.87 10.08
C LEU G 48 26.71 2.73 11.48
N PHE G 49 25.44 2.32 11.55
CA PHE G 49 24.80 2.20 12.86
C PHE G 49 25.51 1.15 13.72
N LEU G 50 25.81 -0.02 13.14
CA LEU G 50 26.39 -1.12 13.91
C LEU G 50 27.77 -0.76 14.48
N GLN G 51 28.58 -0.01 13.72
CA GLN G 51 29.85 0.46 14.28
C GLN G 51 29.61 1.50 15.36
N SER G 52 28.60 2.35 15.15
CA SER G 52 28.17 3.31 16.17
C SER G 52 27.91 2.65 17.51
N GLU G 53 27.39 1.41 17.52
CA GLU G 53 27.12 0.72 18.78
C GLU G 53 28.35 0.03 19.34
N SER G 54 29.15 -0.60 18.49
CA SER G 54 30.46 -1.09 18.89
C SER G 54 31.36 -1.04 17.67
N ASN G 55 32.55 -0.46 17.82
CA ASN G 55 33.54 -0.43 16.77
C ASN G 55 34.53 -1.57 16.90
N LYS G 56 34.23 -2.57 17.74
CA LYS G 56 35.12 -3.71 17.92
C LYS G 56 34.39 -5.02 17.63
N LYS G 57 33.08 -5.07 17.88
CA LYS G 57 32.34 -6.32 17.72
C LYS G 57 32.19 -6.65 16.25
N PRO G 58 32.48 -7.88 15.84
CA PRO G 58 32.39 -8.23 14.41
C PRO G 58 31.01 -7.94 13.83
N ILE G 59 30.99 -7.71 12.51
CA ILE G 59 29.77 -7.49 11.75
C ILE G 59 29.70 -8.58 10.69
N HIS G 60 28.52 -9.17 10.53
CA HIS G 60 28.34 -10.31 9.62
C HIS G 60 27.45 -9.90 8.47
N MET G 61 27.94 -10.12 7.27
CA MET G 61 27.28 -9.75 6.03
C MET G 61 26.93 -11.05 5.33
N TYR G 62 25.62 -11.33 5.24
CA TYR G 62 25.11 -12.49 4.54
C TYR G 62 24.72 -12.07 3.12
N ILE G 63 25.35 -12.68 2.12
CA ILE G 63 25.26 -12.27 0.71
C ILE G 63 24.59 -13.37 -0.10
N ASN G 64 23.49 -13.02 -0.77
CA ASN G 64 22.91 -13.82 -1.86
C ASN G 64 22.51 -12.82 -2.92
N SER G 65 23.44 -12.51 -3.84
CA SER G 65 23.24 -11.45 -4.80
C SER G 65 23.79 -11.78 -6.17
N PRO G 66 23.04 -11.50 -7.24
CA PRO G 66 23.53 -11.70 -8.61
C PRO G 66 24.29 -10.51 -9.19
N GLY G 67 24.49 -9.44 -8.42
CA GLY G 67 25.22 -8.29 -8.88
C GLY G 67 24.40 -7.02 -8.71
N GLY G 68 24.72 -6.03 -9.54
CA GLY G 68 23.95 -4.81 -9.57
C GLY G 68 24.80 -3.63 -10.00
N VAL G 69 24.29 -2.45 -9.66
CA VAL G 69 24.87 -1.18 -10.06
C VAL G 69 26.28 -1.06 -9.48
N VAL G 70 27.26 -0.78 -10.35
CA VAL G 70 28.66 -0.83 -9.93
C VAL G 70 28.97 0.28 -8.93
N THR G 71 28.45 1.49 -9.15
CA THR G 71 28.73 2.56 -8.20
C THR G 71 28.12 2.25 -6.84
N ALA G 72 26.93 1.64 -6.82
CA ALA G 72 26.30 1.30 -5.55
C ALA G 72 27.11 0.25 -4.80
N GLY G 73 27.55 -0.80 -5.50
CA GLY G 73 28.46 -1.74 -4.90
C GLY G 73 29.71 -1.06 -4.34
N LEU G 74 30.30 -0.15 -5.10
CA LEU G 74 31.49 0.52 -4.62
C LEU G 74 31.19 1.33 -3.36
N ALA G 75 30.02 1.94 -3.29
CA ALA G 75 29.65 2.68 -2.08
C ALA G 75 29.65 1.78 -0.86
N ILE G 76 29.09 0.59 -0.99
CA ILE G 76 29.15 -0.37 0.11
C ILE G 76 30.60 -0.75 0.40
N TYR G 77 31.35 -1.15 -0.64
CA TYR G 77 32.72 -1.60 -0.43
C TYR G 77 33.55 -0.54 0.29
N ASP G 78 33.37 0.72 -0.09
CA ASP G 78 34.16 1.75 0.56
C ASP G 78 33.79 1.89 2.05
N THR G 79 32.49 1.77 2.38
CA THR G 79 32.14 1.90 3.79
C THR G 79 32.55 0.64 4.57
N MET G 80 32.66 -0.51 3.90
CA MET G 80 33.27 -1.67 4.55
C MET G 80 34.70 -1.38 4.97
N GLN G 81 35.43 -0.65 4.14
CA GLN G 81 36.82 -0.34 4.46
C GLN G 81 36.90 0.73 5.55
N TYR G 82 36.13 1.80 5.41
CA TYR G 82 36.20 2.91 6.36
C TYR G 82 35.92 2.47 7.79
N ILE G 83 34.81 1.77 8.01
CA ILE G 83 34.49 1.31 9.36
C ILE G 83 35.60 0.39 9.85
N LEU G 84 35.74 0.34 11.18
CA LEU G 84 36.88 -0.29 11.84
C LEU G 84 36.60 -1.72 12.26
N ASN G 85 35.34 -2.16 12.25
CA ASN G 85 34.99 -3.47 12.73
C ASN G 85 35.54 -4.55 11.81
N PRO G 86 35.88 -5.71 12.35
CA PRO G 86 36.04 -6.88 11.50
C PRO G 86 34.70 -7.22 10.84
N ILE G 87 34.77 -7.80 9.65
CA ILE G 87 33.56 -8.11 8.90
C ILE G 87 33.69 -9.52 8.37
N CYS G 88 32.87 -10.44 8.89
CA CYS G 88 32.70 -11.75 8.28
C CYS G 88 31.73 -11.59 7.12
N THR G 89 32.05 -12.18 5.98
CA THR G 89 31.14 -12.27 4.87
C THR G 89 30.75 -13.74 4.72
N TRP G 90 29.48 -13.96 4.42
CA TRP G 90 28.93 -15.31 4.35
C TRP G 90 28.09 -15.39 3.09
N CYS G 91 28.40 -16.35 2.22
CA CYS G 91 27.72 -16.44 0.94
C CYS G 91 26.80 -17.66 0.93
N VAL G 92 25.52 -17.40 0.67
CA VAL G 92 24.50 -18.43 0.47
C VAL G 92 23.89 -18.25 -0.93
N GLY G 93 23.67 -19.36 -1.64
CA GLY G 93 23.11 -19.25 -2.98
C GLY G 93 24.12 -18.79 -4.01
N GLN G 94 24.29 -17.47 -4.17
CA GLN G 94 25.32 -16.98 -5.08
C GLN G 94 25.83 -15.62 -4.64
N ALA G 95 27.07 -15.35 -5.06
CA ALA G 95 27.62 -14.00 -5.09
C ALA G 95 28.25 -13.84 -6.48
N ALA G 96 27.64 -12.97 -7.29
CA ALA G 96 28.10 -12.73 -8.65
C ALA G 96 28.25 -11.24 -8.88
N SER G 97 29.21 -10.88 -9.74
CA SER G 97 29.48 -9.48 -10.10
C SER G 97 29.75 -8.74 -8.78
N MET G 98 29.09 -7.59 -8.53
CA MET G 98 29.41 -6.80 -7.35
C MET G 98 29.20 -7.59 -6.06
N GLY G 99 28.32 -8.59 -6.09
CA GLY G 99 28.13 -9.42 -4.92
C GLY G 99 29.40 -10.17 -4.51
N SER G 100 30.12 -10.72 -5.49
CA SER G 100 31.33 -11.43 -5.09
C SER G 100 32.46 -10.47 -4.72
N LEU G 101 32.36 -9.18 -5.07
CA LEU G 101 33.36 -8.21 -4.64
C LEU G 101 33.19 -7.92 -3.16
N LEU G 102 31.93 -7.70 -2.73
CA LEU G 102 31.65 -7.56 -1.31
C LEU G 102 32.08 -8.82 -0.56
N LEU G 103 31.78 -10.00 -1.12
CA LEU G 103 32.26 -11.24 -0.54
C LEU G 103 33.76 -11.22 -0.34
N ALA G 104 34.50 -10.88 -1.41
CA ALA G 104 35.96 -10.90 -1.34
C ALA G 104 36.51 -9.88 -0.34
N ALA G 105 35.75 -8.84 -0.03
CA ALA G 105 36.23 -7.69 0.72
C ALA G 105 36.04 -7.82 2.24
N GLY G 106 35.49 -8.93 2.74
CA GLY G 106 35.44 -9.13 4.18
C GLY G 106 36.83 -9.32 4.76
N THR G 107 36.97 -9.07 6.07
CA THR G 107 38.31 -9.04 6.63
C THR G 107 38.93 -10.43 6.56
N PRO G 108 40.23 -10.52 6.26
CA PRO G 108 40.83 -11.79 5.87
C PRO G 108 40.68 -12.88 6.91
N GLY G 109 40.48 -14.11 6.41
CA GLY G 109 40.20 -15.25 7.25
C GLY G 109 38.75 -15.37 7.69
N MET G 110 37.95 -14.31 7.55
CA MET G 110 36.57 -14.29 7.98
C MET G 110 35.57 -14.29 6.82
N ARG G 111 35.99 -14.72 5.63
CA ARG G 111 35.14 -14.77 4.46
C ARG G 111 34.73 -16.22 4.20
N HIS G 112 33.43 -16.50 4.27
CA HIS G 112 32.93 -17.87 4.28
C HIS G 112 31.93 -18.09 3.16
N SER G 113 31.73 -19.35 2.80
CA SER G 113 30.58 -19.70 1.98
C SER G 113 30.07 -21.10 2.35
N LEU G 114 28.80 -21.33 2.04
CA LEU G 114 28.19 -22.64 2.15
C LEU G 114 28.57 -23.47 0.92
N PRO G 115 28.37 -24.78 0.94
CA PRO G 115 29.04 -25.63 -0.07
C PRO G 115 28.44 -25.62 -1.48
N ASN G 116 27.18 -25.23 -1.66
CA ASN G 116 26.59 -25.23 -2.99
C ASN G 116 26.46 -23.83 -3.61
N SER G 117 26.96 -22.78 -2.95
CA SER G 117 26.92 -21.45 -3.55
C SER G 117 27.73 -21.39 -4.84
N ARG G 118 27.48 -20.34 -5.63
CA ARG G 118 28.17 -20.13 -6.89
C ARG G 118 28.72 -18.72 -6.91
N ILE G 119 30.01 -18.59 -7.28
CA ILE G 119 30.71 -17.32 -7.25
C ILE G 119 31.17 -16.95 -8.66
N MET G 120 30.84 -15.74 -9.09
CA MET G 120 31.25 -15.24 -10.39
C MET G 120 31.89 -13.87 -10.22
N ILE G 121 33.07 -13.68 -10.82
CA ILE G 121 33.67 -12.36 -10.84
C ILE G 121 33.57 -11.70 -12.21
N HIS G 122 33.35 -12.47 -13.27
CA HIS G 122 32.92 -11.93 -14.55
C HIS G 122 31.75 -10.96 -14.34
N GLN G 123 31.81 -9.88 -14.99
CA GLN G 123 30.81 -8.83 -15.03
C GLN G 123 29.82 -9.10 -16.15
N PRO G 124 28.54 -8.79 -15.96
CA PRO G 124 27.51 -9.24 -16.91
C PRO G 124 27.47 -8.34 -18.14
N SER G 125 26.74 -8.82 -19.16
CA SER G 125 26.36 -7.99 -20.31
C SER G 125 27.60 -7.64 -21.16
N ALA G 132 25.30 -2.31 -14.71
CA ALA G 132 25.65 -1.25 -13.77
C ALA G 132 24.93 0.02 -14.11
N THR G 133 25.46 1.12 -13.58
CA THR G 133 25.27 2.44 -14.17
C THR G 133 23.86 3.01 -13.97
N ASP G 134 23.76 4.09 -13.18
CA ASP G 134 22.48 4.78 -13.01
C ASP G 134 22.12 5.62 -14.25
N ILE G 135 23.09 6.34 -14.81
CA ILE G 135 22.92 7.13 -16.04
C ILE G 135 23.84 6.55 -17.11
N ALA G 136 23.28 6.23 -18.28
CA ALA G 136 24.05 5.71 -19.42
C ALA G 136 25.35 6.50 -19.59
N ILE G 137 26.46 5.79 -19.78
CA ILE G 137 27.77 6.40 -19.65
C ILE G 137 28.63 6.18 -20.90
N GLN G 138 29.68 6.98 -20.98
CA GLN G 138 30.64 7.00 -22.07
C GLN G 138 31.60 5.81 -21.95
N ALA G 139 32.24 5.47 -23.07
CA ALA G 139 33.05 4.26 -23.09
C ALA G 139 34.26 4.36 -22.17
N GLU G 140 34.86 5.54 -22.05
CA GLU G 140 36.04 5.64 -21.20
C GLU G 140 35.66 5.55 -19.72
N GLU G 141 34.42 5.92 -19.38
CA GLU G 141 34.01 5.84 -17.99
C GLU G 141 33.74 4.39 -17.56
N ILE G 142 33.16 3.58 -18.44
CA ILE G 142 32.95 2.18 -18.08
C ILE G 142 34.28 1.46 -18.00
N MET G 143 35.28 1.92 -18.75
CA MET G 143 36.58 1.28 -18.65
C MET G 143 37.31 1.69 -17.38
N LYS G 144 37.05 2.90 -16.88
CA LYS G 144 37.66 3.31 -15.61
C LYS G 144 37.07 2.54 -14.43
N LEU G 145 35.77 2.25 -14.48
CA LEU G 145 35.14 1.44 -13.44
C LEU G 145 35.62 0.00 -13.47
N LYS G 146 35.75 -0.58 -14.67
CA LYS G 146 36.22 -1.95 -14.75
C LYS G 146 37.60 -2.09 -14.14
N LYS G 147 38.44 -1.04 -14.24
CA LYS G 147 39.77 -1.07 -13.66
C LYS G 147 39.73 -0.85 -12.15
N GLN G 148 38.79 -0.05 -11.67
CA GLN G 148 38.54 0.02 -10.23
C GLN G 148 38.15 -1.35 -9.69
N LEU G 149 37.33 -2.08 -10.45
CA LEU G 149 37.03 -3.45 -10.06
C LEU G 149 38.29 -4.33 -10.06
N TYR G 150 39.15 -4.19 -11.08
CA TYR G 150 40.35 -5.02 -11.18
C TYR G 150 41.27 -4.82 -9.98
N ASN G 151 41.48 -3.57 -9.56
CA ASN G 151 42.37 -3.32 -8.44
C ASN G 151 41.82 -3.92 -7.16
N ILE G 152 40.53 -3.68 -6.89
CA ILE G 152 39.89 -4.23 -5.70
C ILE G 152 40.01 -5.74 -5.66
N TYR G 153 39.72 -6.42 -6.78
CA TYR G 153 39.82 -7.87 -6.77
C TYR G 153 41.26 -8.33 -6.56
N ALA G 154 42.22 -7.62 -7.17
CA ALA G 154 43.62 -8.05 -7.02
C ALA G 154 44.11 -7.77 -5.62
N LYS G 155 43.56 -6.77 -4.95
CA LYS G 155 44.01 -6.41 -3.61
C LYS G 155 43.58 -7.44 -2.59
N HIS G 156 42.34 -7.93 -2.71
CA HIS G 156 41.76 -8.81 -1.71
C HIS G 156 41.93 -10.28 -2.03
N THR G 157 42.29 -10.62 -3.26
CA THR G 157 42.61 -12.00 -3.62
C THR G 157 44.10 -12.27 -3.61
N LYS G 158 44.93 -11.22 -3.47
CA LYS G 158 46.39 -11.30 -3.55
C LYS G 158 46.84 -11.92 -4.87
N GLN G 159 46.05 -11.73 -5.93
CA GLN G 159 46.41 -12.15 -7.27
C GLN G 159 46.86 -10.93 -8.07
N SER G 160 47.49 -11.21 -9.21
CA SER G 160 47.99 -10.15 -10.09
C SER G 160 46.87 -9.60 -10.95
N LEU G 161 46.99 -8.31 -11.32
CA LEU G 161 46.03 -7.67 -12.21
C LEU G 161 45.80 -8.50 -13.46
N GLN G 162 46.86 -9.12 -13.97
CA GLN G 162 46.76 -9.85 -15.21
C GLN G 162 45.98 -11.14 -15.01
N VAL G 163 46.10 -11.74 -13.82
CA VAL G 163 45.36 -12.96 -13.55
C VAL G 163 43.90 -12.64 -13.27
N ILE G 164 43.64 -11.53 -12.56
CA ILE G 164 42.29 -11.02 -12.37
C ILE G 164 41.62 -10.74 -13.71
N GLU G 165 42.33 -9.99 -14.59
CA GLU G 165 41.70 -9.52 -15.81
C GLU G 165 41.30 -10.68 -16.72
N SER G 166 42.20 -11.65 -16.92
CA SER G 166 41.84 -12.74 -17.82
C SER G 166 40.86 -13.70 -17.17
N ALA G 167 40.78 -13.68 -15.84
CA ALA G 167 39.75 -14.44 -15.13
C ALA G 167 38.37 -13.83 -15.34
N MET G 168 38.28 -12.51 -15.27
CA MET G 168 36.98 -11.88 -15.41
C MET G 168 36.47 -11.96 -16.83
N GLU G 169 37.36 -12.25 -17.78
CA GLU G 169 36.94 -12.50 -19.15
C GLU G 169 36.21 -13.83 -19.30
N ARG G 170 36.42 -14.78 -18.40
CA ARG G 170 35.75 -16.07 -18.49
C ARG G 170 34.33 -15.96 -17.97
N ASP G 171 33.36 -16.29 -18.82
CA ASP G 171 31.95 -16.24 -18.46
C ASP G 171 31.60 -17.55 -17.77
N ARG G 172 31.88 -17.60 -16.47
CA ARG G 172 31.71 -18.83 -15.71
C ARG G 172 31.51 -18.50 -14.24
N TYR G 173 30.94 -19.45 -13.52
CA TYR G 173 30.93 -19.44 -12.07
C TYR G 173 32.02 -20.36 -11.54
N MET G 174 32.54 -20.05 -10.37
CA MET G 174 33.38 -20.99 -9.64
C MET G 174 32.58 -21.66 -8.54
N SER G 175 33.07 -22.82 -8.11
CA SER G 175 32.65 -23.45 -6.87
C SER G 175 33.22 -22.68 -5.68
N PRO G 176 32.63 -22.82 -4.50
CA PRO G 176 33.26 -22.23 -3.31
C PRO G 176 34.71 -22.68 -3.12
N MET G 177 35.03 -23.96 -3.38
CA MET G 177 36.41 -24.40 -3.31
C MET G 177 37.31 -23.59 -4.22
N GLU G 178 36.97 -23.51 -5.53
CA GLU G 178 37.77 -22.69 -6.46
C GLU G 178 37.89 -21.24 -5.99
N ALA G 179 36.79 -20.68 -5.50
CA ALA G 179 36.84 -19.28 -5.07
C ALA G 179 37.82 -19.09 -3.91
N GLN G 180 38.00 -20.12 -3.10
CA GLN G 180 38.91 -20.00 -1.97
C GLN G 180 40.36 -20.14 -2.41
N GLU G 181 40.64 -21.09 -3.31
CA GLU G 181 41.98 -21.22 -3.88
C GLU G 181 42.39 -19.96 -4.63
N PHE G 182 41.42 -19.20 -5.12
CA PHE G 182 41.64 -17.99 -5.89
C PHE G 182 41.77 -16.75 -5.03
N GLY G 183 41.33 -16.81 -3.77
CA GLY G 183 41.48 -15.69 -2.86
C GLY G 183 40.23 -14.87 -2.61
N ILE G 184 39.05 -15.40 -2.92
CA ILE G 184 37.79 -14.70 -2.60
C ILE G 184 37.26 -15.11 -1.24
N LEU G 185 37.38 -16.40 -0.93
CA LEU G 185 36.92 -17.00 0.31
C LEU G 185 38.13 -17.49 1.10
N ASP G 186 37.89 -17.70 2.39
CA ASP G 186 38.81 -18.41 3.25
C ASP G 186 38.34 -19.82 3.59
N LYS G 187 37.11 -19.99 4.05
CA LYS G 187 36.66 -21.32 4.46
C LYS G 187 35.32 -21.64 3.81
N VAL G 188 35.15 -22.91 3.45
CA VAL G 188 33.88 -23.45 2.97
C VAL G 188 33.37 -24.43 4.03
N LEU G 189 32.25 -24.10 4.66
CA LEU G 189 31.72 -24.86 5.81
C LEU G 189 30.41 -25.55 5.43
N VAL G 190 30.36 -26.82 5.67
CA VAL G 190 29.16 -27.56 5.48
C VAL G 190 28.37 -27.52 6.77
N HIS G 191 29.06 -27.70 7.90
CA HIS G 191 28.55 -27.75 9.26
C HIS G 191 29.46 -26.90 10.13
N PRO G 192 28.96 -26.42 11.27
CA PRO G 192 29.78 -25.57 12.14
C PRO G 192 31.04 -26.30 12.56
N PRO G 193 32.15 -25.57 12.71
CA PRO G 193 33.39 -26.23 13.12
C PRO G 193 33.35 -26.63 14.59
N GLN G 194 34.23 -27.57 14.96
CA GLN G 194 34.40 -28.06 16.34
C GLN G 194 34.60 -26.94 17.39
C1 SHV H 1 29.25 7.62 10.56
O2 SHV H 1 29.93 6.81 11.13
C2 SHV H 1 27.77 7.80 10.97
C3 SHV H 1 27.33 7.34 12.14
C4 SHV H 1 25.85 7.57 12.50
C5 SHV H 1 25.26 6.33 13.21
C6 SHV H 1 23.79 6.61 13.70
C7 SHV H 1 23.19 5.43 14.52
C WFP H 2 31.95 9.18 10.15
N WFP H 2 29.82 8.45 9.45
O WFP H 2 32.25 10.31 9.95
F1 WFP H 2 28.15 7.38 4.34
F2 WFP H 2 32.08 4.85 5.13
CA WFP H 2 31.21 8.33 9.09
CB WFP H 2 31.42 8.96 7.73
CG WFP H 2 30.95 7.93 6.65
CZ WFP H 2 30.12 6.12 4.74
CD1 WFP H 2 29.74 8.14 5.99
CD2 WFP H 2 31.76 6.84 6.38
CE1 WFP H 2 29.32 7.21 5.02
CE2 WFP H 2 31.32 5.93 5.41
N ALO H 3 32.24 8.52 11.48
CA ALO H 3 32.91 9.29 12.52
CB ALO H 3 31.90 9.62 13.61
CG2 ALO H 3 31.20 8.34 14.09
OG1 ALO H 3 30.90 10.51 13.15
C ALO H 3 34.08 8.46 13.10
O ALO H 3 34.01 7.31 13.34
N PRO H 4 35.33 9.21 13.33
CA PRO H 4 35.44 10.84 12.97
C PRO H 4 35.58 10.90 11.48
N 3A0 H 5 35.29 12.16 10.77
O 3A0 H 5 33.38 15.20 10.80
CA 3A0 H 5 34.87 13.52 11.43
C 3A0 H 5 33.60 14.02 10.84
C33 3A0 H 5 35.94 14.57 11.14
C34 3A0 H 5 36.35 14.63 9.73
C35 3A0 H 5 37.77 15.40 9.69
C36 3A0 H 5 36.56 13.32 9.03
C37 3A0 H 5 35.45 12.30 9.26
N ALA H 6 32.59 13.07 10.29
CA ALA H 6 31.41 13.70 9.73
C ALA H 6 30.14 12.84 9.92
N PRO H 7 29.65 12.51 11.27
CA PRO H 7 30.33 12.95 12.66
C PRO H 7 31.30 11.88 13.12
C1 SHV I 1 12.91 27.91 9.07
O2 SHV I 1 13.98 28.04 9.61
C2 SHV I 1 11.91 26.84 9.57
C3 SHV I 1 12.10 26.28 10.76
C4 SHV I 1 11.09 25.23 11.26
C5 SHV I 1 11.50 24.74 12.66
C6 SHV I 1 10.75 23.40 13.01
C7 SHV I 1 11.58 22.13 12.70
C WFP I 2 13.35 30.94 8.53
N WFP I 2 12.50 28.79 7.94
O WFP I 2 12.74 31.95 8.36
F1 WFP I 2 12.21 26.90 2.58
F2 WFP I 2 16.67 28.27 3.46
CA WFP I 2 13.39 29.84 7.45
CB WFP I 2 12.96 30.34 6.08
CG WFP I 2 13.48 29.36 4.98
CZ WFP I 2 14.42 27.59 3.04
CD1 WFP I 2 12.58 28.56 4.27
CD2 WFP I 2 14.84 29.26 4.72
CE1 WFP I 2 13.06 27.69 3.30
CE2 WFP I 2 15.32 28.38 3.74
N ALO I 3 14.11 30.70 9.81
CA ALO I 3 14.11 31.70 10.88
CB ALO I 3 13.31 31.21 12.09
CG2 ALO I 3 13.85 29.86 12.59
OG1 ALO I 3 11.94 31.06 11.76
C ALO I 3 15.54 32.12 11.26
O ALO I 3 16.45 31.39 11.48
N PRO I 4 15.71 33.59 11.32
CA PRO I 4 14.43 34.62 11.00
C PRO I 4 14.39 34.81 9.51
N 3A0 I 5 13.23 35.49 8.88
O 3A0 I 5 9.66 35.98 9.23
CA 3A0 I 5 11.97 36.09 9.61
C 3A0 I 5 10.71 35.38 9.19
C33 3A0 I 5 11.82 37.57 9.28
C34 3A0 I 5 11.81 37.84 7.84
C35 3A0 I 5 11.80 39.43 7.60
C36 3A0 I 5 12.96 37.24 7.09
C37 3A0 I 5 13.17 35.74 7.36
N ALA I 6 10.75 33.97 8.71
CA ALA I 6 9.52 33.33 8.28
C ALA I 6 9.49 31.80 8.54
N PRO I 7 9.55 31.26 9.91
CA PRO I 7 9.66 32.12 11.27
C PRO I 7 11.17 32.26 11.54
C1 SHV J 1 -13.15 27.86 8.93
O2 SHV J 1 -12.44 28.79 9.22
C2 SHV J 1 -12.93 26.48 9.58
C3 SHV J 1 -12.20 26.39 10.70
C4 SHV J 1 -12.05 24.98 11.29
C5 SHV J 1 -10.74 24.79 12.07
C6 SHV J 1 -10.63 23.32 12.57
C7 SHV J 1 -9.46 23.17 13.60
C WFP J 2 -15.33 30.03 8.53
N WFP J 2 -14.26 28.03 7.94
O WFP J 2 -16.49 30.28 8.36
F1 WFP J 2 -12.94 26.42 2.87
F2 WFP J 2 -11.47 30.91 3.16
CA WFP J 2 -14.45 29.36 7.44
CB WFP J 2 -15.16 29.39 6.10
CG WFP J 2 -14.10 29.14 4.98
CZ WFP J 2 -12.20 28.66 3.01
CD1 WFP J 2 -13.99 27.87 4.41
CD2 WFP J 2 -13.25 30.17 4.57
CE1 WFP J 2 -13.04 27.65 3.43
CE2 WFP J 2 -12.30 29.92 3.58
N ALO J 3 -14.70 30.31 9.87
CA ALO J 3 -15.46 30.95 10.94
CB ALO J 3 -15.44 30.17 12.23
CG2 ALO J 3 -14.03 29.61 12.44
OG1 ALO J 3 -16.36 29.09 12.32
C ALO J 3 -14.78 32.33 11.17
O ALO J 3 -13.60 32.49 11.29
N PRO J 4 -15.66 33.50 11.24
CA PRO J 4 -17.33 33.35 11.09
C PRO J 4 -17.59 33.31 9.60
N 3A0 J 5 -18.91 32.84 9.08
O 3A0 J 5 -21.40 30.42 9.87
CA 3A0 J 5 -20.08 32.35 9.98
C 3A0 J 5 -20.31 30.89 9.66
C33 3A0 J 5 -21.32 33.18 9.71
C34 3A0 J 5 -21.69 33.21 8.28
C35 3A0 J 5 -22.91 34.26 8.12
C36 3A0 J 5 -20.57 33.58 7.36
C37 3A0 J 5 -19.30 32.78 7.60
N ALA J 6 -19.25 29.99 9.09
CA ALA J 6 -19.61 28.60 8.80
C ALA J 6 -18.43 27.60 8.89
N PRO J 7 -17.92 27.20 10.23
CA PRO J 7 -18.47 27.81 11.62
C PRO J 7 -17.74 29.13 11.86
C1 SHV K 1 -29.25 7.37 10.70
O2 SHV K 1 -29.48 8.52 10.99
C2 SHV K 1 -28.05 6.59 11.31
C3 SHV K 1 -27.38 7.10 12.34
C4 SHV K 1 -26.18 6.34 12.93
C5 SHV K 1 -25.00 7.31 13.17
C6 SHV K 1 -24.08 6.77 14.33
C7 SHV K 1 -22.68 7.41 14.27
C WFP K 2 -32.32 7.23 10.30
N WFP K 2 -30.12 6.71 9.72
O WFP K 2 -33.21 6.42 10.22
F1 WFP K 2 -28.33 6.61 4.17
F2 WFP K 2 -30.94 10.50 4.70
CA WFP K 2 -31.25 7.44 9.19
CB WFP K 2 -31.66 6.80 7.88
CG WFP K 2 -30.92 7.41 6.66
CZ WFP K 2 -29.65 8.55 4.45
CD1 WFP K 2 -29.93 6.69 5.98
CD2 WFP K 2 -31.27 8.69 6.23
CE1 WFP K 2 -29.30 7.28 4.87
CE2 WFP K 2 -30.63 9.25 5.13
N ALO K 3 -32.16 8.05 11.56
CA ALO K 3 -33.12 7.91 12.65
CB ALO K 3 -32.47 7.18 13.81
CG2 ALO K 3 -31.12 7.81 14.13
OG1 ALO K 3 -32.20 5.89 13.33
C ALO K 3 -33.76 9.29 13.00
O ALO K 3 -33.19 10.35 13.00
N PRO K 4 -35.20 9.19 13.33
CA PRO K 4 -35.97 7.70 13.28
C PRO K 4 -36.17 7.49 11.79
N 3A0 K 5 -36.54 6.18 11.24
O 3A0 K 5 -35.93 2.75 12.30
CA 3A0 K 5 -36.84 4.89 12.08
C 3A0 K 5 -35.79 3.84 11.79
C33 3A0 K 5 -38.22 4.36 11.74
C34 3A0 K 5 -38.61 4.39 10.32
C35 3A0 K 5 -40.19 4.20 10.18
C36 3A0 K 5 -38.26 5.65 9.60
C37 3A0 K 5 -36.78 5.96 9.75
N ALA K 6 -34.59 4.09 10.94
CA ALA K 6 -33.72 2.94 10.73
C ALA K 6 -32.20 3.14 10.93
N PRO K 7 -31.61 3.29 12.28
CA PRO K 7 -32.46 3.33 13.65
C PRO K 7 -32.97 4.79 13.82
C1 SHV L 1 -23.25 -17.83 12.48
O2 SHV L 1 -24.25 -17.49 12.99
C2 SHV L 1 -21.90 -17.20 12.92
C3 SHV L 1 -21.72 -16.70 14.14
C4 SHV L 1 -20.33 -16.12 14.46
C5 SHV L 1 -20.44 -14.81 15.26
C6 SHV L 1 -19.09 -14.04 15.20
C7 SHV L 1 -19.22 -12.64 15.83
C WFP L 2 -24.91 -20.35 12.37
N WFP L 2 -23.27 -18.90 11.45
O WFP L 2 -24.78 -21.53 12.38
F1 WFP L 2 -22.17 -17.90 6.15
F2 WFP L 2 -26.79 -17.21 6.80
CA WFP L 2 -24.54 -19.49 11.13
CB WFP L 2 -24.44 -20.33 9.87
CG WFP L 2 -24.44 -19.36 8.65
CZ WFP L 2 -24.48 -17.60 6.51
CD1 WFP L 2 -23.26 -19.10 7.96
CD2 WFP L 2 -25.62 -18.73 8.27
CE1 WFP L 2 -23.29 -18.20 6.88
CE2 WFP L 2 -25.64 -17.85 7.20
N ALO L 3 -25.43 -19.65 13.63
CA ALO L 3 -25.79 -20.48 14.79
CB ALO L 3 -24.81 -20.37 15.92
CG2 ALO L 3 -24.57 -18.87 16.15
OG1 ALO L 3 -23.61 -20.94 15.46
C ALO L 3 -27.22 -20.10 15.25
O ALO L 3 -27.63 -18.98 15.30
N PRO L 4 -28.08 -21.24 15.59
CA PRO L 4 -27.49 -22.82 15.48
C PRO L 4 -27.54 -23.24 14.03
N 3A0 L 5 -26.80 -24.44 13.58
O 3A0 L 5 -23.80 -26.27 14.40
CA 3A0 L 5 -25.95 -25.38 14.49
C 3A0 L 5 -24.52 -25.35 14.10
C33 3A0 L 5 -26.46 -26.80 14.30
C34 3A0 L 5 -26.57 -27.23 12.89
C35 3A0 L 5 -27.25 -28.68 12.80
C36 3A0 L 5 -27.39 -26.30 12.04
C37 3A0 L 5 -26.86 -24.89 12.12
N ALA L 6 -23.96 -24.21 13.33
CA ALA L 6 -22.55 -24.31 12.92
C ALA L 6 -21.83 -22.95 12.78
N PRO L 7 -21.48 -22.25 14.02
CA PRO L 7 -21.83 -22.81 15.49
C PRO L 7 -23.22 -22.26 15.88
C1 SHV M 1 0.08 -29.18 13.28
O2 SHV M 1 -0.93 -29.65 13.71
C2 SHV M 1 0.61 -27.79 13.72
C3 SHV M 1 -0.04 -27.04 14.61
C4 SHV M 1 0.58 -25.69 14.98
C5 SHV M 1 -0.55 -24.68 15.26
C6 SHV M 1 -0.12 -23.65 16.38
C7 SHV M 1 -1.15 -22.52 16.52
C WFP M 2 0.84 -32.09 13.08
N WFP M 2 0.86 -29.94 12.27
O WFP M 2 1.74 -32.85 12.99
F1 WFP M 2 0.17 -28.56 6.85
F2 WFP M 2 -3.03 -31.92 7.85
CA WFP M 2 0.40 -31.25 11.88
CB WFP M 2 1.10 -31.65 10.59
CG WFP M 2 0.19 -31.15 9.41
CZ WFP M 2 -1.44 -30.24 7.34
CD1 WFP M 2 0.58 -30.08 8.64
CD2 WFP M 2 -1.03 -31.78 9.15
CE1 WFP M 2 -0.22 -29.62 7.60
CE2 WFP M 2 -1.83 -31.32 8.10
N ALO M 3 0.13 -31.88 14.39
CA ALO M 3 0.57 -32.67 15.56
CB ALO M 3 1.03 -31.78 16.69
CG2 ALO M 3 -0.01 -30.68 16.88
OG1 ALO M 3 2.26 -31.15 16.38
C ALO M 3 -0.57 -33.56 16.07
O ALO M 3 -1.69 -33.21 16.12
N PRO M 4 -0.16 -34.91 16.48
CA PRO M 4 1.43 -35.41 16.35
C PRO M 4 1.61 -35.79 14.90
N 3A0 M 5 2.96 -35.98 14.33
O 3A0 M 5 6.23 -34.58 14.85
CA 3A0 M 5 4.29 -35.85 15.13
C 3A0 M 5 5.06 -34.66 14.62
C33 3A0 M 5 5.13 -37.09 14.94
C34 3A0 M 5 5.29 -37.41 13.52
C35 3A0 M 5 6.20 -38.74 13.38
C36 3A0 M 5 3.99 -37.64 12.82
C37 3A0 M 5 3.15 -36.39 12.87
N ALA M 6 4.37 -33.59 13.84
CA ALA M 6 5.17 -32.49 13.31
C ALA M 6 4.60 -31.07 13.38
N PRO M 7 4.46 -30.40 14.67
CA PRO M 7 4.81 -31.12 16.07
C PRO M 7 3.52 -31.88 16.39
C1 SHV N 1 23.49 -17.71 12.47
O2 SHV N 1 23.27 -18.78 12.93
C2 SHV N 1 22.70 -16.49 12.99
C3 SHV N 1 21.90 -16.60 14.03
C4 SHV N 1 21.21 -15.29 14.44
C5 SHV N 1 19.78 -15.53 14.97
C6 SHV N 1 19.20 -14.17 15.45
C7 SHV N 1 17.85 -14.37 16.17
C WFP N 2 26.29 -18.97 12.19
N WFP N 2 24.55 -17.59 11.44
O WFP N 2 27.46 -18.85 12.00
F1 WFP N 2 22.94 -17.39 6.00
F2 WFP N 2 23.42 -22.01 7.16
CA WFP N 2 25.24 -18.80 11.06
CB WFP N 2 25.94 -18.59 9.73
CG WFP N 2 24.96 -19.00 8.58
CZ WFP N 2 23.17 -19.70 6.58
CD1 WFP N 2 24.40 -18.00 7.79
CD2 WFP N 2 24.64 -20.34 8.38
CE1 WFP N 2 23.50 -18.36 6.78
CE2 WFP N 2 23.75 -20.69 7.38
N ALO N 3 25.79 -19.29 13.58
CA ALO N 3 26.70 -19.42 14.71
CB ALO N 3 26.29 -18.45 15.79
CG2 ALO N 3 24.77 -18.51 15.95
OG1 ALO N 3 26.56 -17.10 15.48
C ALO N 3 26.63 -20.86 15.29
O ALO N 3 25.64 -21.49 15.45
N PRO N 4 27.90 -21.41 15.72
CA PRO N 4 29.29 -20.52 15.46
C PRO N 4 29.59 -20.67 14.00
N 3A0 N 5 30.52 -19.76 13.33
O 3A0 N 5 31.49 -16.27 13.77
CA 3A0 N 5 31.30 -18.61 14.03
C 3A0 N 5 30.88 -17.27 13.49
C33 3A0 N 5 32.79 -18.81 13.80
C34 3A0 N 5 33.13 -19.01 12.39
C35 3A0 N 5 34.71 -19.28 12.29
C36 3A0 N 5 32.38 -20.14 11.76
C37 3A0 N 5 30.88 -19.92 11.85
N ALA N 6 29.70 -17.14 12.62
CA ALA N 6 29.45 -15.79 12.16
C ALA N 6 27.97 -15.37 12.26
N PRO N 7 27.38 -15.08 13.57
CA PRO N 7 28.15 -15.20 14.97
C PRO N 7 27.92 -16.64 15.40
#